data_7ZSC
#
_entry.id   7ZSC
#
_cell.length_a   252.879
_cell.length_b   252.879
_cell.length_c   89.4
_cell.angle_alpha   90
_cell.angle_beta   90
_cell.angle_gamma   120
#
_symmetry.space_group_name_H-M   'H 3'
#
loop_
_entity.id
_entity.type
_entity.pdbx_description
1 polymer 'Prolyl 4-hydroxylase subunit alpha-2'
2 polymer 'Protein disulfide-isomerase'
3 non-polymer 'SULFATE ION'
#
loop_
_entity_poly.entity_id
_entity_poly.type
_entity_poly.pdbx_seq_one_letter_code
_entity_poly.pdbx_strand_id
1 'polypeptide(L)'
;MHHHHHHMDYLPERDVYESLCRGEGVKLTPRRQKRLFCRYHHGNRAPQLLIAPFKEEDEWDSPHIVRYYDVMSDEEIERI
KEIAKPKLARATVRDPKTGVLTVASYRVSKSSWLEEDDDPVVARVNRRMQHITGLTVKTAELLQVANYGVGGQYEPHFDF
SRNDERDTFKHLGTGNRVATFLNYMSDVEAGGATVFPDLGAAIWPKKGTAVFWYNLLRSGEGDYRTRHAACPVLVGCKWV
SNKWFHERGQEFLRPCGSTEVD
;
A,B
2 'polypeptide(L)'
;MDAPEEEDHVLVLRKSNFAEALAAHKYLLVEFYAPWCGHCKALAPEYAKAAGKLKAEGSEIRLAKVDATEESDLAQQYGV
RGYPTIKFFRNGDTASPKEYTAGREADDIVNWLKKRTGPAATTLPDGAAAESLVESSEVAVIGFFKDVESDSAKQFLQAA
EAIDDIPFGITSNSDVFSKYQLDKDGVVLFKKFDEGRNNFEGEVTKENLLDFIKHNQLPLVIEFTEQTAPKIFGGEIKTH
ILLFLPKSVSDYDGKLSNFKTAAESFKGKILFIFIDSDHTDNQRILEFFGLKKEECPAVRLITLEEEMTKYKPESEELTA
ERITEFCHRFLEGKIKPHLMSQELPEDWDKQPVKVLVGKNFEDVAFDEKKNVFVEFYAPWCGHCKQLAPIWDKLGETYKD
HENIVIAKMDSTANEVEAVKVHSFPTLKFFPASADRTVIDYNGERTLDGFKKFLESGGQDGAGDDDDLEDLEEAEEPDME
EDDDQKAVKDEL
;
C,D
#
loop_
_chem_comp.id
_chem_comp.type
_chem_comp.name
_chem_comp.formula
SO4 non-polymer 'SULFATE ION' 'O4 S -2'
#
# COMPACT_ATOMS: atom_id res chain seq x y z
N LEU A 11 38.34 23.69 -5.13
CA LEU A 11 36.90 23.48 -5.34
C LEU A 11 36.09 23.18 -4.05
N PRO A 12 35.79 24.18 -3.18
CA PRO A 12 34.87 23.91 -2.06
C PRO A 12 33.43 23.99 -2.56
N GLU A 13 33.18 23.46 -3.79
CA GLU A 13 31.93 23.39 -4.55
C GLU A 13 31.61 21.91 -4.63
N ARG A 14 32.56 21.09 -5.13
CA ARG A 14 32.42 19.63 -5.18
C ARG A 14 32.24 19.09 -3.76
N ASP A 15 32.99 19.67 -2.80
CA ASP A 15 32.94 19.31 -1.38
C ASP A 15 31.52 19.51 -0.86
N VAL A 16 30.93 20.69 -1.12
CA VAL A 16 29.59 21.01 -0.68
C VAL A 16 28.56 20.09 -1.34
N TYR A 17 28.69 19.88 -2.65
CA TYR A 17 27.81 18.99 -3.40
C TYR A 17 27.84 17.57 -2.85
N GLU A 18 29.03 16.98 -2.73
CA GLU A 18 29.19 15.63 -2.24
C GLU A 18 28.77 15.49 -0.79
N SER A 19 29.07 16.46 0.08
CA SER A 19 28.64 16.37 1.49
C SER A 19 27.11 16.41 1.60
N LEU A 20 26.44 17.17 0.74
CA LEU A 20 24.97 17.21 0.70
C LEU A 20 24.44 15.88 0.20
N CYS A 21 25.10 15.25 -0.77
CA CYS A 21 24.73 13.93 -1.28
C CYS A 21 24.88 12.88 -0.25
N ARG A 22 25.82 13.03 0.66
CA ARG A 22 26.01 12.07 1.74
C ARG A 22 25.11 12.32 2.96
N GLY A 23 24.24 13.31 2.89
CA GLY A 23 23.30 13.63 3.96
C GLY A 23 23.89 14.48 5.06
N GLU A 24 25.13 14.97 4.87
CA GLU A 24 25.85 15.79 5.83
C GLU A 24 25.43 17.27 5.66
N GLY A 25 26.39 18.19 5.59
CA GLY A 25 26.19 19.62 5.37
C GLY A 25 25.24 20.31 6.33
N VAL A 26 24.50 21.28 5.78
CA VAL A 26 23.53 22.08 6.52
C VAL A 26 22.39 21.24 7.12
N LYS A 27 22.31 21.31 8.47
CA LYS A 27 21.21 20.76 9.24
C LYS A 27 20.42 22.02 9.64
N LEU A 28 19.11 22.06 9.33
CA LEU A 28 18.32 23.26 9.55
C LEU A 28 18.35 23.76 10.97
N THR A 29 18.59 25.06 11.09
CA THR A 29 18.55 25.72 12.38
C THR A 29 17.11 25.67 12.90
N PRO A 30 16.89 25.57 14.21
CA PRO A 30 15.50 25.57 14.70
C PRO A 30 14.70 26.80 14.26
N ARG A 31 15.39 27.90 13.86
CA ARG A 31 14.76 29.13 13.33
C ARG A 31 14.19 28.84 11.92
N ARG A 32 14.92 28.11 11.07
CA ARG A 32 14.44 27.78 9.72
C ARG A 32 13.40 26.65 9.80
N GLN A 33 13.69 25.63 10.62
CA GLN A 33 12.81 24.51 10.79
C GLN A 33 11.42 24.91 11.28
N LYS A 34 11.33 25.90 12.18
CA LYS A 34 10.03 26.39 12.71
C LYS A 34 9.15 27.09 11.68
N ARG A 35 9.62 27.23 10.45
CA ARG A 35 8.84 27.82 9.37
C ARG A 35 8.26 26.73 8.42
N LEU A 36 8.68 25.45 8.56
CA LEU A 36 8.22 24.33 7.75
C LEU A 36 7.01 23.61 8.36
N PHE A 37 5.98 23.34 7.55
CA PHE A 37 4.73 22.72 8.00
C PHE A 37 4.15 21.71 7.00
N CYS A 38 3.17 20.92 7.44
CA CYS A 38 2.41 20.05 6.56
C CYS A 38 0.98 20.60 6.49
N ARG A 39 0.35 20.50 5.33
CA ARG A 39 -1.00 21.01 5.14
C ARG A 39 -1.78 20.13 4.17
N TYR A 40 -3.10 20.26 4.19
CA TYR A 40 -3.93 19.62 3.20
C TYR A 40 -4.09 20.69 2.13
N HIS A 41 -3.60 20.38 0.95
CA HIS A 41 -3.65 21.29 -0.17
C HIS A 41 -4.96 21.23 -0.91
N HIS A 42 -5.65 22.34 -0.80
CA HIS A 42 -6.87 22.84 -1.40
C HIS A 42 -6.72 23.06 -2.92
N GLY A 43 -5.48 23.05 -3.45
CA GLY A 43 -5.14 23.28 -4.85
C GLY A 43 -5.45 24.68 -5.34
N ASN A 44 -5.41 25.66 -4.42
CA ASN A 44 -5.78 27.07 -4.61
C ASN A 44 -7.28 27.20 -4.99
N ARG A 45 -8.11 26.33 -4.35
CA ARG A 45 -9.55 26.14 -4.42
C ARG A 45 -10.01 25.53 -5.77
N ALA A 46 -9.21 24.53 -6.24
CA ALA A 46 -9.50 23.70 -7.41
C ALA A 46 -10.68 22.83 -6.98
N PRO A 47 -11.76 22.80 -7.78
CA PRO A 47 -12.98 22.10 -7.35
C PRO A 47 -12.80 20.67 -6.81
N GLN A 48 -12.01 19.85 -7.51
CA GLN A 48 -11.73 18.46 -7.17
C GLN A 48 -11.11 18.36 -5.79
N LEU A 49 -10.13 19.22 -5.55
CA LEU A 49 -9.36 19.21 -4.32
C LEU A 49 -10.04 19.88 -3.13
N LEU A 50 -11.23 20.45 -3.33
CA LEU A 50 -11.99 21.04 -2.23
C LEU A 50 -12.55 19.91 -1.36
N ILE A 51 -12.94 18.78 -1.96
CA ILE A 51 -13.44 17.65 -1.18
C ILE A 51 -12.39 16.52 -1.08
N ALA A 52 -11.33 16.53 -1.90
CA ALA A 52 -10.27 15.53 -1.81
C ALA A 52 -8.89 16.20 -1.86
N PRO A 53 -8.49 16.89 -0.77
CA PRO A 53 -7.21 17.59 -0.78
C PRO A 53 -6.03 16.64 -0.68
N PHE A 54 -4.91 17.02 -1.29
CA PHE A 54 -3.66 16.24 -1.23
C PHE A 54 -2.85 16.62 0.00
N LYS A 55 -2.01 15.72 0.47
CA LYS A 55 -1.14 16.03 1.60
C LYS A 55 0.13 16.74 1.06
N GLU A 56 0.42 17.96 1.56
CA GLU A 56 1.57 18.76 1.17
C GLU A 56 2.50 19.00 2.38
N GLU A 57 3.80 18.84 2.20
CA GLU A 57 4.78 19.02 3.25
C GLU A 57 5.87 19.96 2.76
N ASP A 58 6.30 20.93 3.59
CA ASP A 58 7.33 21.88 3.20
C ASP A 58 8.72 21.30 3.35
N GLU A 59 9.43 21.17 2.25
CA GLU A 59 10.81 20.71 2.26
C GLU A 59 11.78 21.91 2.46
N TRP A 60 11.37 23.16 2.10
CA TRP A 60 12.13 24.42 2.27
C TRP A 60 11.18 25.61 2.35
N ASP A 61 11.51 26.63 3.14
CA ASP A 61 10.62 27.77 3.31
C ASP A 61 10.85 28.89 2.30
N SER A 62 12.11 29.10 1.88
CA SER A 62 12.42 30.15 0.90
C SER A 62 13.64 29.76 0.09
N PRO A 63 13.50 29.47 -1.20
CA PRO A 63 12.25 29.43 -1.96
C PRO A 63 11.38 28.30 -1.45
N HIS A 64 10.08 28.41 -1.70
CA HIS A 64 9.15 27.40 -1.24
C HIS A 64 9.26 26.12 -2.05
N ILE A 65 9.77 25.06 -1.44
CA ILE A 65 9.91 23.74 -2.06
C ILE A 65 8.98 22.81 -1.29
N VAL A 66 8.01 22.18 -1.98
CA VAL A 66 7.04 21.32 -1.33
C VAL A 66 7.06 19.92 -1.87
N ARG A 67 6.69 18.96 -1.02
CA ARG A 67 6.52 17.59 -1.40
C ARG A 67 5.05 17.24 -1.26
N TYR A 68 4.48 16.63 -2.31
CA TYR A 68 3.11 16.14 -2.35
C TYR A 68 3.17 14.62 -2.27
N TYR A 69 2.31 14.07 -1.40
CA TYR A 69 2.21 12.63 -1.18
C TYR A 69 1.04 12.00 -1.95
N ASP A 70 1.20 10.73 -2.30
CA ASP A 70 0.16 9.94 -2.98
C ASP A 70 -0.25 10.55 -4.33
N VAL A 71 0.74 11.11 -5.04
CA VAL A 71 0.49 11.69 -6.34
C VAL A 71 0.25 10.58 -7.41
N MET A 72 0.86 9.40 -7.26
CA MET A 72 0.65 8.29 -8.20
C MET A 72 0.60 6.97 -7.46
N SER A 73 -0.20 6.02 -7.94
CA SER A 73 -0.25 4.68 -7.36
C SER A 73 0.83 3.80 -7.98
N ASP A 74 1.11 2.63 -7.39
CA ASP A 74 2.09 1.71 -7.95
C ASP A 74 1.66 1.22 -9.35
N GLU A 75 0.34 1.06 -9.60
CA GLU A 75 -0.11 0.62 -10.92
C GLU A 75 0.08 1.72 -11.98
N GLU A 76 -0.16 3.00 -11.63
CA GLU A 76 0.06 4.10 -12.56
C GLU A 76 1.54 4.21 -12.89
N ILE A 77 2.40 4.02 -11.89
CA ILE A 77 3.86 4.07 -12.00
C ILE A 77 4.34 2.99 -12.95
N GLU A 78 3.88 1.75 -12.73
CA GLU A 78 4.33 0.62 -13.55
C GLU A 78 3.90 0.74 -14.97
N ARG A 79 2.66 1.23 -15.18
CA ARG A 79 2.15 1.46 -16.53
C ARG A 79 3.00 2.52 -17.26
N ILE A 80 3.37 3.61 -16.55
CA ILE A 80 4.21 4.65 -17.14
C ILE A 80 5.58 4.11 -17.49
N LYS A 81 6.13 3.27 -16.61
CA LYS A 81 7.42 2.62 -16.85
C LYS A 81 7.37 1.70 -18.07
N GLU A 82 6.25 0.99 -18.28
CA GLU A 82 6.12 0.10 -19.44
C GLU A 82 6.07 0.84 -20.77
N ILE A 83 5.41 2.00 -20.78
CA ILE A 83 5.34 2.82 -21.98
C ILE A 83 6.71 3.44 -22.25
N ALA A 84 7.37 3.90 -21.20
CA ALA A 84 8.66 4.54 -21.31
C ALA A 84 9.82 3.62 -21.67
N LYS A 85 9.96 2.45 -21.03
CA LYS A 85 11.09 1.50 -21.21
C LYS A 85 11.61 1.38 -22.65
N PRO A 86 10.76 1.07 -23.66
CA PRO A 86 11.28 0.99 -25.04
C PRO A 86 11.76 2.35 -25.62
N LYS A 87 11.08 3.44 -25.26
CA LYS A 87 11.41 4.80 -25.71
C LYS A 87 12.64 5.41 -24.97
N LEU A 88 13.16 4.71 -23.94
CA LEU A 88 14.31 5.16 -23.16
C LEU A 88 15.59 4.89 -23.97
N ALA A 89 15.87 3.59 -24.24
CA ALA A 89 17.01 3.12 -25.02
C ALA A 89 16.61 1.87 -25.79
N VAL A 103 30.18 12.62 -29.80
CA VAL A 103 30.30 13.25 -28.48
C VAL A 103 29.88 12.28 -27.36
N ALA A 104 30.85 11.87 -26.53
CA ALA A 104 30.57 10.91 -25.45
C ALA A 104 29.80 11.52 -24.26
N SER A 105 28.96 10.70 -23.59
CA SER A 105 28.15 11.19 -22.47
C SER A 105 28.54 10.57 -21.10
N TYR A 106 29.25 11.38 -20.28
CA TYR A 106 29.74 11.03 -18.93
C TYR A 106 28.60 10.79 -17.91
N ARG A 107 27.51 11.57 -18.00
CA ARG A 107 26.37 11.36 -17.11
C ARG A 107 25.59 10.11 -17.59
N VAL A 108 25.41 9.14 -16.69
CA VAL A 108 24.79 7.87 -17.07
C VAL A 108 23.32 7.77 -16.59
N SER A 109 22.42 7.95 -17.57
CA SER A 109 20.96 7.98 -17.47
C SER A 109 20.33 7.84 -18.89
N LYS A 110 19.02 7.50 -18.91
CA LYS A 110 18.20 7.39 -20.12
C LYS A 110 16.95 8.27 -19.93
N SER A 111 16.38 8.74 -21.02
CA SER A 111 15.16 9.55 -20.98
C SER A 111 14.24 9.33 -22.18
N SER A 112 12.97 9.63 -21.97
CA SER A 112 11.91 9.55 -22.97
C SER A 112 10.85 10.62 -22.68
N TRP A 113 10.01 10.93 -23.68
CA TRP A 113 8.97 11.93 -23.54
C TRP A 113 7.64 11.28 -23.90
N LEU A 114 6.66 11.39 -23.02
CA LEU A 114 5.38 10.74 -23.22
C LEU A 114 4.24 11.67 -23.63
N GLU A 115 3.45 11.21 -24.63
CA GLU A 115 2.26 11.89 -25.12
C GLU A 115 0.99 11.37 -24.43
N GLU A 116 -0.05 12.22 -24.32
CA GLU A 116 -1.31 11.88 -23.66
C GLU A 116 -2.08 10.73 -24.35
N ASP A 117 -1.87 10.57 -25.66
CA ASP A 117 -2.50 9.54 -26.49
C ASP A 117 -1.89 8.14 -26.33
N ASP A 118 -0.70 8.06 -25.70
CA ASP A 118 0.03 6.80 -25.43
C ASP A 118 -0.81 5.87 -24.53
N ASP A 119 -1.51 6.45 -23.52
CA ASP A 119 -2.38 5.76 -22.56
C ASP A 119 -3.17 6.78 -21.73
N PRO A 120 -4.42 6.47 -21.35
CA PRO A 120 -5.18 7.39 -20.48
C PRO A 120 -4.48 7.69 -19.16
N VAL A 121 -3.49 6.88 -18.71
CA VAL A 121 -2.73 7.14 -17.48
C VAL A 121 -1.92 8.43 -17.62
N VAL A 122 -1.29 8.66 -18.80
CA VAL A 122 -0.50 9.84 -19.08
C VAL A 122 -1.37 11.09 -19.03
N ALA A 123 -2.55 11.01 -19.62
CA ALA A 123 -3.50 12.10 -19.61
C ALA A 123 -4.02 12.37 -18.21
N ARG A 124 -4.21 11.32 -17.38
CA ARG A 124 -4.70 11.43 -16.00
C ARG A 124 -3.72 12.07 -15.07
N VAL A 125 -2.42 11.67 -15.15
CA VAL A 125 -1.40 12.30 -14.32
C VAL A 125 -1.22 13.76 -14.69
N ASN A 126 -1.16 14.11 -16.00
CA ASN A 126 -1.04 15.51 -16.44
C ASN A 126 -2.15 16.36 -15.87
N ARG A 127 -3.37 15.86 -15.90
CA ARG A 127 -4.51 16.57 -15.35
C ARG A 127 -4.41 16.69 -13.83
N ARG A 128 -3.88 15.65 -13.15
CA ARG A 128 -3.71 15.66 -11.69
C ARG A 128 -2.70 16.72 -11.28
N MET A 129 -1.59 16.82 -12.02
CA MET A 129 -0.58 17.83 -11.76
C MET A 129 -1.17 19.24 -11.96
N GLN A 130 -2.02 19.44 -12.99
CA GLN A 130 -2.67 20.73 -13.20
C GLN A 130 -3.55 21.09 -12.01
N HIS A 131 -4.24 20.11 -11.42
CA HIS A 131 -5.11 20.35 -10.28
C HIS A 131 -4.32 20.74 -9.05
N ILE A 132 -3.19 20.06 -8.81
CA ILE A 132 -2.34 20.31 -7.65
C ILE A 132 -1.68 21.68 -7.70
N THR A 133 -1.00 22.02 -8.80
CA THR A 133 -0.27 23.27 -8.94
C THR A 133 -1.15 24.49 -9.18
N GLY A 134 -2.28 24.29 -9.83
CA GLY A 134 -3.13 25.39 -10.26
C GLY A 134 -2.64 25.99 -11.59
N LEU A 135 -1.60 25.41 -12.19
CA LEU A 135 -1.03 25.86 -13.44
C LEU A 135 -1.53 24.98 -14.59
N THR A 136 -1.68 25.56 -15.78
CA THR A 136 -2.14 24.79 -16.93
C THR A 136 -1.07 23.93 -17.58
N VAL A 137 -1.46 22.70 -17.94
CA VAL A 137 -0.58 21.77 -18.67
C VAL A 137 -0.69 21.94 -20.19
N LYS A 138 -1.57 22.83 -20.68
CA LYS A 138 -1.76 23.06 -22.09
C LYS A 138 -0.52 23.64 -22.77
N THR A 139 0.30 24.38 -22.02
CA THR A 139 1.56 24.98 -22.50
C THR A 139 2.81 24.27 -21.92
N ALA A 140 2.61 23.28 -21.04
CA ALA A 140 3.65 22.51 -20.39
C ALA A 140 4.32 21.53 -21.36
N GLU A 141 5.54 21.10 -21.03
CA GLU A 141 6.28 20.12 -21.84
C GLU A 141 5.69 18.75 -21.63
N LEU A 142 6.01 17.80 -22.52
CA LEU A 142 5.56 16.42 -22.37
C LEU A 142 6.08 15.81 -21.08
N LEU A 143 5.43 14.75 -20.59
CA LEU A 143 5.88 14.10 -19.38
C LEU A 143 7.21 13.39 -19.67
N GLN A 144 8.29 13.90 -19.12
CA GLN A 144 9.60 13.31 -19.32
C GLN A 144 9.79 12.19 -18.33
N VAL A 145 10.15 11.00 -18.79
CA VAL A 145 10.46 9.91 -17.90
C VAL A 145 11.93 9.61 -18.02
N ALA A 146 12.64 9.58 -16.88
CA ALA A 146 14.06 9.35 -16.83
C ALA A 146 14.43 8.27 -15.86
N ASN A 147 15.32 7.39 -16.29
CA ASN A 147 15.87 6.32 -15.46
C ASN A 147 17.34 6.64 -15.28
N TYR A 148 17.83 6.48 -14.07
CA TYR A 148 19.20 6.79 -13.76
C TYR A 148 20.00 5.60 -13.37
N GLY A 149 21.16 5.46 -14.01
CA GLY A 149 22.10 4.40 -13.69
C GLY A 149 23.14 4.84 -12.67
N VAL A 150 23.54 3.91 -11.79
CA VAL A 150 24.54 4.13 -10.74
C VAL A 150 25.81 4.79 -11.27
N GLY A 151 26.16 5.94 -10.71
CA GLY A 151 27.38 6.63 -11.11
C GLY A 151 27.25 7.84 -12.04
N GLY A 152 28.40 8.27 -12.53
CA GLY A 152 28.57 9.44 -13.39
C GLY A 152 28.55 10.68 -12.54
N GLN A 153 27.93 11.76 -13.03
CA GLN A 153 27.74 13.00 -12.27
C GLN A 153 26.82 13.92 -13.02
N TYR A 154 25.85 14.45 -12.28
CA TYR A 154 24.86 15.40 -12.77
C TYR A 154 25.26 16.73 -12.14
N GLU A 155 25.57 17.71 -13.00
CA GLU A 155 26.03 19.04 -12.64
C GLU A 155 24.96 20.06 -12.26
N PRO A 156 25.28 20.90 -11.29
CA PRO A 156 24.34 21.96 -10.90
C PRO A 156 24.00 22.88 -12.05
N HIS A 157 22.72 23.25 -12.17
CA HIS A 157 22.18 24.08 -13.23
C HIS A 157 20.87 24.73 -12.82
N PHE A 158 20.33 25.59 -13.69
CA PHE A 158 19.02 26.21 -13.48
C PHE A 158 18.10 25.65 -14.51
N ASP A 159 16.88 25.26 -14.12
CA ASP A 159 15.95 24.68 -15.07
C ASP A 159 15.45 25.71 -16.04
N PHE A 160 15.29 26.98 -15.61
CA PHE A 160 14.98 28.05 -16.55
C PHE A 160 16.28 28.31 -17.30
N SER A 161 16.24 28.15 -18.59
CA SER A 161 17.44 28.35 -19.38
C SER A 161 17.65 29.83 -19.63
N ARG A 162 18.90 30.24 -19.92
CA ARG A 162 19.19 31.65 -20.10
C ARG A 162 18.55 32.23 -21.35
N ASN A 163 17.96 33.42 -21.21
CA ASN A 163 17.28 34.08 -22.31
C ASN A 163 18.24 34.62 -23.38
N ASP A 164 19.55 34.68 -23.09
CA ASP A 164 20.58 35.05 -24.09
C ASP A 164 20.84 33.85 -25.07
N GLU A 165 20.34 32.63 -24.76
CA GLU A 165 20.55 31.40 -25.54
C GLU A 165 19.46 31.10 -26.57
N ARG A 166 19.84 30.43 -27.67
CA ARG A 166 18.94 30.00 -28.74
C ARG A 166 18.55 28.52 -28.59
N ASP A 167 17.90 28.19 -27.44
CA ASP A 167 17.54 26.81 -27.08
C ASP A 167 16.11 26.37 -27.54
N THR A 168 15.60 25.28 -26.89
CA THR A 168 14.33 24.56 -27.03
C THR A 168 13.13 25.29 -26.36
N PHE A 169 13.11 26.65 -26.37
CA PHE A 169 12.08 27.46 -25.71
C PHE A 169 11.54 28.57 -26.64
N LYS A 170 12.42 29.18 -27.47
CA LYS A 170 11.99 30.20 -28.43
C LYS A 170 11.19 29.56 -29.58
N HIS A 171 11.51 28.30 -29.95
CA HIS A 171 10.79 27.56 -31.01
C HIS A 171 9.36 27.14 -30.52
N LEU A 172 9.23 26.88 -29.18
CA LEU A 172 7.96 26.54 -28.52
C LEU A 172 7.07 27.78 -28.40
N GLY A 173 7.68 28.96 -28.19
CA GLY A 173 6.95 30.21 -28.03
C GLY A 173 6.08 30.24 -26.79
N THR A 174 6.33 29.33 -25.85
CA THR A 174 5.61 29.20 -24.57
C THR A 174 6.32 29.93 -23.42
N GLY A 175 7.46 30.55 -23.68
CA GLY A 175 8.22 31.24 -22.65
C GLY A 175 9.14 30.29 -21.91
N ASN A 176 9.73 30.75 -20.80
CA ASN A 176 10.64 29.98 -19.96
C ASN A 176 9.89 29.04 -18.99
N ARG A 177 10.59 28.04 -18.41
CA ARG A 177 10.00 27.06 -17.51
C ARG A 177 9.71 27.68 -16.16
N VAL A 178 8.45 28.01 -15.87
CA VAL A 178 8.06 28.65 -14.64
C VAL A 178 8.09 27.76 -13.42
N ALA A 179 8.01 26.44 -13.57
CA ALA A 179 8.00 25.55 -12.42
C ALA A 179 8.40 24.13 -12.77
N THR A 180 8.89 23.37 -11.80
CA THR A 180 9.25 21.99 -12.02
C THR A 180 8.48 21.13 -11.06
N PHE A 181 7.90 20.04 -11.60
CA PHE A 181 7.13 19.02 -10.87
C PHE A 181 7.80 17.69 -11.10
N LEU A 182 8.54 17.25 -10.10
CA LEU A 182 9.35 16.06 -10.10
C LEU A 182 8.69 14.91 -9.37
N ASN A 183 8.32 13.84 -10.07
CA ASN A 183 7.68 12.67 -9.46
C ASN A 183 8.71 11.61 -9.29
N TYR A 184 8.72 10.99 -8.11
CA TYR A 184 9.65 9.90 -7.79
C TYR A 184 8.93 8.59 -8.04
N MET A 185 9.42 7.79 -8.99
CA MET A 185 8.74 6.56 -9.38
C MET A 185 9.41 5.27 -8.90
N SER A 186 10.36 5.38 -7.97
CA SER A 186 11.04 4.20 -7.49
C SER A 186 11.64 4.40 -6.14
N ASP A 187 11.77 3.31 -5.40
CA ASP A 187 12.46 3.33 -4.12
C ASP A 187 13.96 3.11 -4.45
N VAL A 188 14.82 4.11 -4.12
CA VAL A 188 16.25 3.99 -4.40
C VAL A 188 16.89 3.53 -3.12
N GLU A 189 17.60 2.38 -3.11
CA GLU A 189 18.25 1.84 -1.91
C GLU A 189 19.11 2.87 -1.19
N ALA A 190 19.96 3.59 -1.95
CA ALA A 190 20.83 4.64 -1.45
C ALA A 190 21.28 5.59 -2.55
N GLY A 191 21.35 6.87 -2.19
CA GLY A 191 21.81 7.92 -3.08
C GLY A 191 20.67 8.64 -3.74
N GLY A 192 20.97 9.20 -4.89
CA GLY A 192 19.99 9.85 -5.74
C GLY A 192 19.18 11.04 -5.25
N ALA A 193 19.61 11.76 -4.19
CA ALA A 193 18.88 12.95 -3.73
C ALA A 193 18.95 14.09 -4.75
N THR A 194 18.04 15.06 -4.67
CA THR A 194 18.15 16.25 -5.49
C THR A 194 18.67 17.32 -4.55
N VAL A 195 19.90 17.86 -4.81
CA VAL A 195 20.63 18.81 -3.97
C VAL A 195 20.63 20.24 -4.54
N PHE A 196 20.44 21.25 -3.68
CA PHE A 196 20.41 22.67 -4.01
C PHE A 196 21.62 23.33 -3.31
N PRO A 197 22.79 23.41 -3.99
CA PRO A 197 24.02 23.87 -3.32
C PRO A 197 23.91 25.20 -2.62
N ASP A 198 23.32 26.18 -3.29
CA ASP A 198 23.18 27.51 -2.74
C ASP A 198 22.21 27.59 -1.54
N LEU A 199 21.42 26.54 -1.29
CA LEU A 199 20.53 26.50 -0.15
C LEU A 199 21.01 25.54 0.95
N GLY A 200 21.80 24.54 0.57
CA GLY A 200 22.23 23.49 1.48
C GLY A 200 21.12 22.48 1.75
N ALA A 201 20.21 22.31 0.77
CA ALA A 201 19.02 21.47 0.82
C ALA A 201 19.11 20.26 -0.03
N ALA A 202 18.82 19.13 0.55
CA ALA A 202 18.78 17.86 -0.15
C ALA A 202 17.39 17.32 0.02
N ILE A 203 16.80 16.91 -1.10
CA ILE A 203 15.46 16.38 -1.18
C ILE A 203 15.55 14.90 -1.59
N TRP A 204 15.14 14.03 -0.67
CA TRP A 204 15.30 12.60 -0.83
C TRP A 204 14.19 11.88 -1.59
N PRO A 205 14.57 10.89 -2.43
CA PRO A 205 13.56 10.16 -3.17
C PRO A 205 12.60 9.42 -2.28
N LYS A 206 11.33 9.42 -2.65
CA LYS A 206 10.27 8.73 -1.93
C LYS A 206 9.28 8.28 -3.03
N LYS A 207 9.23 6.98 -3.41
CA LYS A 207 8.32 6.48 -4.46
C LYS A 207 6.86 6.99 -4.30
N GLY A 208 6.23 7.39 -5.40
CA GLY A 208 4.85 7.88 -5.42
C GLY A 208 4.63 9.31 -4.96
N THR A 209 5.70 9.98 -4.55
CA THR A 209 5.63 11.37 -4.13
C THR A 209 6.17 12.27 -5.27
N ALA A 210 5.90 13.56 -5.14
CA ALA A 210 6.36 14.54 -6.09
C ALA A 210 6.88 15.75 -5.34
N VAL A 211 7.89 16.41 -5.90
CA VAL A 211 8.47 17.61 -5.32
C VAL A 211 8.28 18.75 -6.32
N PHE A 212 7.84 19.89 -5.83
CA PHE A 212 7.50 21.01 -6.69
C PHE A 212 8.08 22.33 -6.20
N TRP A 213 8.65 23.12 -7.11
CA TRP A 213 9.22 24.44 -6.83
C TRP A 213 9.10 25.34 -8.05
N TYR A 214 9.03 26.66 -7.85
CA TYR A 214 8.96 27.59 -8.97
C TYR A 214 10.37 27.99 -9.40
N ASN A 215 10.68 27.96 -10.71
CA ASN A 215 11.95 28.41 -11.27
C ASN A 215 11.99 29.93 -11.55
N LEU A 216 10.83 30.58 -11.65
CA LEU A 216 10.77 32.00 -11.89
C LEU A 216 10.03 32.69 -10.78
N LEU A 217 10.40 33.91 -10.50
CA LEU A 217 9.72 34.73 -9.51
C LEU A 217 8.33 35.18 -10.05
N ARG A 218 7.52 35.89 -9.22
CA ARG A 218 6.20 36.44 -9.64
C ARG A 218 6.34 37.37 -10.85
N SER A 219 7.48 38.08 -10.92
CA SER A 219 7.88 39.02 -11.95
C SER A 219 8.19 38.38 -13.31
N GLY A 220 8.48 37.09 -13.32
CA GLY A 220 8.87 36.42 -14.54
C GLY A 220 10.38 36.25 -14.68
N GLU A 221 11.16 36.94 -13.84
CA GLU A 221 12.61 36.81 -13.88
C GLU A 221 13.05 35.58 -13.14
N GLY A 222 14.19 35.04 -13.52
CA GLY A 222 14.70 33.81 -12.93
C GLY A 222 15.04 33.86 -11.45
N ASP A 223 14.65 32.82 -10.69
CA ASP A 223 14.97 32.74 -9.26
C ASP A 223 16.29 32.03 -9.12
N TYR A 224 17.35 32.79 -8.95
CA TYR A 224 18.67 32.21 -8.90
C TYR A 224 18.96 31.41 -7.62
N ARG A 225 18.03 31.37 -6.65
CA ARG A 225 18.22 30.53 -5.46
C ARG A 225 18.04 29.03 -5.74
N THR A 226 17.30 28.71 -6.82
CA THR A 226 16.90 27.38 -7.21
C THR A 226 17.96 26.64 -8.00
N ARG A 227 19.25 26.90 -7.75
CA ARG A 227 20.31 26.18 -8.47
C ARG A 227 20.38 24.81 -7.88
N HIS A 228 20.26 23.77 -8.70
CA HIS A 228 20.20 22.39 -8.21
C HIS A 228 20.87 21.35 -9.11
N ALA A 229 21.13 20.17 -8.56
CA ALA A 229 21.77 19.04 -9.24
C ALA A 229 21.28 17.71 -8.67
N ALA A 230 21.44 16.63 -9.43
CA ALA A 230 21.06 15.33 -8.96
C ALA A 230 22.26 14.59 -8.46
N CYS A 231 22.17 14.02 -7.26
CA CYS A 231 23.23 13.18 -6.72
C CYS A 231 23.20 11.91 -7.46
N PRO A 232 24.36 11.34 -7.75
CA PRO A 232 24.37 10.06 -8.46
C PRO A 232 23.81 8.93 -7.60
N VAL A 233 23.20 7.96 -8.26
CA VAL A 233 22.59 6.82 -7.59
C VAL A 233 23.69 5.90 -7.07
N LEU A 234 23.68 5.57 -5.78
CA LEU A 234 24.71 4.69 -5.21
C LEU A 234 24.35 3.22 -5.28
N VAL A 235 23.14 2.85 -4.86
CA VAL A 235 22.63 1.48 -4.99
C VAL A 235 21.13 1.50 -5.35
N GLY A 236 20.76 0.86 -6.45
CA GLY A 236 19.37 0.89 -6.91
C GLY A 236 19.20 1.59 -8.24
N CYS A 237 17.96 1.88 -8.64
CA CYS A 237 17.65 2.49 -9.94
C CYS A 237 16.61 3.52 -9.67
N LYS A 238 16.96 4.76 -9.94
CA LYS A 238 16.05 5.88 -9.72
C LYS A 238 15.19 6.12 -10.97
N TRP A 239 13.87 6.00 -10.83
CA TRP A 239 12.95 6.30 -11.91
C TRP A 239 12.27 7.59 -11.51
N VAL A 240 12.26 8.56 -12.42
CA VAL A 240 11.70 9.87 -12.13
C VAL A 240 10.94 10.40 -13.32
N SER A 241 9.88 11.17 -13.09
CA SER A 241 9.19 11.80 -14.19
C SER A 241 9.02 13.28 -13.91
N ASN A 242 9.45 14.08 -14.86
CA ASN A 242 9.41 15.53 -14.72
C ASN A 242 8.34 16.15 -15.58
N LYS A 243 7.69 17.17 -15.05
CA LYS A 243 6.75 17.97 -15.80
C LYS A 243 7.15 19.42 -15.66
N TRP A 244 7.57 20.04 -16.75
CA TRP A 244 7.96 21.44 -16.72
C TRP A 244 6.87 22.31 -17.23
N PHE A 245 6.38 23.23 -16.42
CA PHE A 245 5.34 24.16 -16.83
C PHE A 245 6.00 25.39 -17.43
N HIS A 246 5.44 25.98 -18.49
CA HIS A 246 5.98 27.20 -19.07
C HIS A 246 5.16 28.43 -18.62
N GLU A 247 5.74 29.64 -18.69
CA GLU A 247 5.07 30.84 -18.23
C GLU A 247 3.83 31.21 -19.03
N ARG A 248 3.85 30.99 -20.34
CA ARG A 248 2.70 31.34 -21.17
C ARG A 248 1.51 30.51 -20.81
N GLY A 249 0.35 31.16 -20.71
CA GLY A 249 -0.88 30.52 -20.29
C GLY A 249 -1.11 30.58 -18.78
N GLN A 250 -0.12 31.04 -18.02
CA GLN A 250 -0.26 31.14 -16.58
C GLN A 250 -0.54 32.57 -16.10
N GLU A 251 -0.73 33.54 -17.01
CA GLU A 251 -0.95 34.95 -16.71
C GLU A 251 -2.11 35.20 -15.76
N PHE A 252 -3.14 34.39 -15.87
CA PHE A 252 -4.32 34.50 -15.01
C PHE A 252 -4.29 33.54 -13.83
N LEU A 253 -3.47 32.51 -13.90
CA LEU A 253 -3.35 31.52 -12.86
C LEU A 253 -2.34 31.95 -11.80
N ARG A 254 -1.27 32.65 -12.21
CA ARG A 254 -0.22 33.17 -11.35
C ARG A 254 0.08 34.63 -11.71
N PRO A 255 -0.75 35.56 -11.24
CA PRO A 255 -0.52 36.98 -11.55
C PRO A 255 0.73 37.55 -10.90
N CYS A 256 1.21 38.69 -11.40
CA CYS A 256 2.40 39.36 -10.87
C CYS A 256 2.15 39.93 -9.47
N GLY A 257 3.23 40.18 -8.75
CA GLY A 257 3.15 40.81 -7.43
C GLY A 257 4.07 42.01 -7.44
N SER A 258 3.63 43.17 -6.91
CA SER A 258 4.40 44.43 -6.88
C SER A 258 5.92 44.33 -6.56
N THR A 259 6.75 44.99 -7.41
CA THR A 259 8.22 45.16 -7.48
C THR A 259 9.00 43.84 -7.74
N GLU A 260 9.06 42.89 -6.79
CA GLU A 260 9.79 41.64 -6.99
C GLU A 260 8.96 40.44 -6.53
N LEU B 11 42.88 4.52 9.44
CA LEU B 11 42.20 3.26 9.71
C LEU B 11 41.68 2.66 8.39
N PRO B 12 42.41 1.72 7.72
CA PRO B 12 41.91 1.15 6.44
C PRO B 12 40.79 0.14 6.58
N GLU B 13 40.19 0.03 7.80
CA GLU B 13 39.05 -0.79 8.26
C GLU B 13 37.85 0.14 8.54
N ARG B 14 38.11 1.38 9.02
CA ARG B 14 37.08 2.44 9.10
C ARG B 14 36.74 2.85 7.64
N ASP B 15 37.72 2.80 6.71
CA ASP B 15 37.53 3.10 5.31
C ASP B 15 36.59 2.07 4.72
N VAL B 16 36.81 0.76 4.99
CA VAL B 16 35.93 -0.30 4.48
C VAL B 16 34.50 -0.12 5.02
N TYR B 17 34.36 0.08 6.33
CA TYR B 17 33.08 0.32 6.99
C TYR B 17 32.38 1.53 6.39
N GLU B 18 33.03 2.69 6.32
CA GLU B 18 32.40 3.91 5.82
C GLU B 18 32.14 3.89 4.32
N SER B 19 33.00 3.23 3.51
CA SER B 19 32.73 3.11 2.08
C SER B 19 31.47 2.32 1.83
N LEU B 20 31.25 1.26 2.62
CA LEU B 20 30.03 0.48 2.52
C LEU B 20 28.85 1.29 2.95
N CYS B 21 28.98 2.13 3.98
CA CYS B 21 27.89 3.02 4.36
C CYS B 21 27.54 3.99 3.29
N ARG B 22 28.48 4.36 2.44
CA ARG B 22 28.22 5.24 1.32
C ARG B 22 27.78 4.49 0.04
N GLY B 23 27.61 3.17 0.12
CA GLY B 23 27.19 2.31 -0.98
C GLY B 23 28.22 2.12 -2.06
N GLU B 24 29.48 2.04 -1.62
CA GLU B 24 30.59 2.02 -2.54
C GLU B 24 31.38 0.70 -2.63
N GLY B 25 32.15 0.63 -3.71
CA GLY B 25 33.16 -0.35 -4.10
C GLY B 25 32.92 -1.84 -4.15
N VAL B 26 32.60 -2.46 -2.99
CA VAL B 26 32.41 -3.92 -2.94
C VAL B 26 31.07 -4.27 -3.51
N LYS B 27 30.96 -4.13 -4.84
CA LYS B 27 29.81 -4.43 -5.66
C LYS B 27 30.05 -5.76 -6.32
N LEU B 28 29.08 -6.65 -6.13
CA LEU B 28 29.14 -8.03 -6.53
C LEU B 28 29.55 -8.26 -7.95
N THR B 29 30.49 -9.18 -8.11
CA THR B 29 30.93 -9.63 -9.41
C THR B 29 29.76 -10.34 -10.09
N PRO B 30 29.62 -10.26 -11.41
CA PRO B 30 28.52 -10.99 -12.07
C PRO B 30 28.51 -12.49 -11.76
N ARG B 31 29.66 -13.05 -11.31
CA ARG B 31 29.78 -14.44 -10.89
C ARG B 31 29.07 -14.68 -9.56
N ARG B 32 29.19 -13.72 -8.62
CA ARG B 32 28.53 -13.79 -7.31
C ARG B 32 27.05 -13.44 -7.45
N GLN B 33 26.74 -12.40 -8.22
CA GLN B 33 25.38 -11.94 -8.44
C GLN B 33 24.50 -13.01 -9.07
N LYS B 34 25.04 -13.82 -9.98
CA LYS B 34 24.26 -14.89 -10.60
C LYS B 34 23.87 -16.02 -9.63
N ARG B 35 24.34 -16.00 -8.39
CA ARG B 35 23.95 -16.98 -7.38
C ARG B 35 22.77 -16.49 -6.51
N LEU B 36 22.39 -15.20 -6.62
CA LEU B 36 21.30 -14.59 -5.85
C LEU B 36 19.95 -14.69 -6.59
N PHE B 37 18.89 -15.12 -5.88
CA PHE B 37 17.57 -15.32 -6.45
C PHE B 37 16.43 -14.87 -5.55
N CYS B 38 15.23 -14.75 -6.12
CA CYS B 38 14.03 -14.51 -5.36
C CYS B 38 13.18 -15.76 -5.46
N ARG B 39 12.49 -16.08 -4.37
CA ARG B 39 11.65 -17.26 -4.33
C ARG B 39 10.52 -17.11 -3.33
N TYR B 40 9.47 -17.89 -3.52
CA TYR B 40 8.36 -17.89 -2.62
C TYR B 40 8.74 -18.87 -1.51
N HIS B 41 8.90 -18.34 -0.32
CA HIS B 41 9.27 -19.14 0.82
C HIS B 41 8.12 -19.81 1.46
N HIS B 42 8.19 -21.15 1.42
CA HIS B 42 7.12 -21.97 2.00
CA HIS B 42 7.33 -22.22 1.92
C HIS B 42 7.41 -22.45 3.45
N GLY B 43 8.32 -21.73 4.14
CA GLY B 43 8.62 -21.89 5.56
C GLY B 43 9.08 -23.28 5.98
N ASN B 44 9.79 -23.98 5.08
CA ASN B 44 10.25 -25.36 5.29
C ASN B 44 9.05 -26.30 5.58
N ARG B 45 7.95 -26.04 4.84
CA ARG B 45 6.63 -26.67 4.84
C ARG B 45 5.79 -26.37 6.12
N ALA B 46 5.85 -25.10 6.59
CA ALA B 46 5.01 -24.57 7.69
C ALA B 46 3.59 -24.54 7.10
N PRO B 47 2.61 -25.14 7.78
CA PRO B 47 1.27 -25.27 7.19
C PRO B 47 0.66 -23.99 6.60
N GLN B 48 0.78 -22.89 7.32
CA GLN B 48 0.27 -21.58 6.96
C GLN B 48 0.87 -21.08 5.66
N LEU B 49 2.17 -21.29 5.50
CA LEU B 49 2.92 -20.83 4.36
C LEU B 49 2.89 -21.76 3.14
N LEU B 50 2.21 -22.91 3.26
CA LEU B 50 2.05 -23.82 2.13
C LEU B 50 1.05 -23.20 1.14
N ILE B 51 0.00 -22.52 1.64
CA ILE B 51 -0.95 -21.86 0.75
C ILE B 51 -0.73 -20.34 0.71
N ALA B 52 0.06 -19.79 1.64
CA ALA B 52 0.40 -18.37 1.71
C ALA B 52 1.92 -18.16 1.89
N PRO B 53 2.72 -18.42 0.83
CA PRO B 53 4.17 -18.25 0.97
C PRO B 53 4.56 -16.78 0.94
N PHE B 54 5.63 -16.44 1.67
CA PHE B 54 6.18 -15.07 1.70
C PHE B 54 7.16 -14.89 0.57
N LYS B 55 7.35 -13.65 0.14
CA LYS B 55 8.34 -13.35 -0.89
C LYS B 55 9.71 -13.22 -0.22
N GLU B 56 10.69 -14.00 -0.68
CA GLU B 56 12.06 -14.05 -0.18
C GLU B 56 13.04 -13.64 -1.28
N GLU B 57 14.04 -12.85 -0.93
CA GLU B 57 15.05 -12.41 -1.87
C GLU B 57 16.41 -12.57 -1.22
N ASP B 58 17.39 -13.11 -1.96
CA ASP B 58 18.74 -13.30 -1.45
C ASP B 58 19.55 -12.03 -1.48
N GLU B 59 19.93 -11.54 -0.31
CA GLU B 59 20.81 -10.38 -0.21
C GLU B 59 22.30 -10.81 -0.27
N TRP B 60 22.64 -12.12 0.08
CA TRP B 60 23.96 -12.78 0.04
C TRP B 60 23.79 -14.31 -0.04
N ASP B 61 24.62 -15.04 -0.82
CA ASP B 61 24.45 -16.50 -0.99
C ASP B 61 25.12 -17.42 0.09
N SER B 62 26.31 -17.06 0.56
CA SER B 62 27.01 -17.81 1.59
C SER B 62 27.85 -16.77 2.27
N PRO B 63 27.58 -16.40 3.52
CA PRO B 63 26.51 -16.89 4.39
C PRO B 63 25.18 -16.47 3.82
N HIS B 64 24.12 -17.26 4.11
CA HIS B 64 22.83 -16.95 3.56
C HIS B 64 22.14 -15.82 4.27
N ILE B 65 22.04 -14.66 3.58
CA ILE B 65 21.34 -13.49 4.11
C ILE B 65 20.13 -13.22 3.23
N VAL B 66 18.92 -13.30 3.78
CA VAL B 66 17.71 -13.13 3.01
C VAL B 66 16.85 -11.98 3.49
N ARG B 67 16.10 -11.40 2.59
CA ARG B 67 15.14 -10.36 2.90
C ARG B 67 13.78 -10.91 2.60
N TYR B 68 12.86 -10.76 3.56
CA TYR B 68 11.46 -11.13 3.45
C TYR B 68 10.64 -9.86 3.33
N TYR B 69 9.72 -9.86 2.37
CA TYR B 69 8.83 -8.74 2.08
C TYR B 69 7.45 -8.90 2.72
N ASP B 70 6.81 -7.77 3.03
CA ASP B 70 5.45 -7.75 3.57
C ASP B 70 5.35 -8.50 4.90
N VAL B 71 6.40 -8.43 5.72
CA VAL B 71 6.40 -9.09 7.01
C VAL B 71 5.47 -8.34 8.01
N MET B 72 5.31 -7.02 7.89
CA MET B 72 4.41 -6.26 8.76
C MET B 72 3.69 -5.19 7.96
N SER B 73 2.45 -4.88 8.31
CA SER B 73 1.71 -3.80 7.67
C SER B 73 2.02 -2.47 8.37
N ASP B 74 1.64 -1.36 7.74
CA ASP B 74 1.87 -0.04 8.35
C ASP B 74 1.10 0.10 9.67
N GLU B 75 -0.09 -0.52 9.79
CA GLU B 75 -0.87 -0.46 11.05
C GLU B 75 -0.19 -1.28 12.17
N GLU B 76 0.37 -2.44 11.85
CA GLU B 76 1.09 -3.24 12.85
C GLU B 76 2.32 -2.50 13.33
N ILE B 77 3.03 -1.84 12.40
CA ILE B 77 4.23 -1.06 12.66
C ILE B 77 3.90 0.10 13.60
N GLU B 78 2.86 0.86 13.28
CA GLU B 78 2.49 2.02 14.08
C GLU B 78 2.05 1.65 15.46
N ARG B 79 1.31 0.53 15.58
CA ARG B 79 0.86 0.04 16.88
C ARG B 79 2.08 -0.37 17.73
N ILE B 80 3.08 -1.03 17.12
CA ILE B 80 4.30 -1.43 17.83
C ILE B 80 5.09 -0.20 18.28
N LYS B 81 5.15 0.82 17.42
CA LYS B 81 5.79 2.09 17.75
C LYS B 81 5.10 2.80 18.92
N GLU B 82 3.77 2.74 19.00
CA GLU B 82 3.05 3.37 20.10
C GLU B 82 3.30 2.70 21.44
N ILE B 83 3.41 1.37 21.44
CA ILE B 83 3.72 0.63 22.66
C ILE B 83 5.16 0.89 23.09
N ALA B 84 6.07 0.91 22.11
CA ALA B 84 7.48 1.11 22.36
C ALA B 84 7.89 2.52 22.79
N LYS B 85 7.39 3.59 22.10
CA LYS B 85 7.76 5.00 22.36
C LYS B 85 7.96 5.36 23.84
N PRO B 86 6.99 5.12 24.76
CA PRO B 86 7.24 5.45 26.17
C PRO B 86 8.35 4.60 26.84
N LYS B 87 8.44 3.32 26.48
CA LYS B 87 9.45 2.39 27.00
C LYS B 87 10.88 2.60 26.40
N LEU B 88 10.99 3.48 25.43
CA LEU B 88 12.20 3.82 24.71
C LEU B 88 12.78 5.13 25.24
N ALA B 89 11.92 6.10 25.62
CA ALA B 89 12.37 7.39 26.10
C ALA B 89 12.63 7.41 27.60
N ARG B 107 27.02 9.27 20.33
CA ARG B 107 26.29 8.01 20.14
C ARG B 107 24.76 8.15 20.39
N VAL B 108 23.94 8.17 19.31
CA VAL B 108 22.49 8.37 19.43
C VAL B 108 21.69 7.12 19.11
N SER B 109 21.14 6.50 20.15
CA SER B 109 20.23 5.35 20.03
C SER B 109 19.52 5.06 21.37
N LYS B 110 18.32 4.38 21.29
CA LYS B 110 17.47 3.96 22.42
C LYS B 110 16.83 2.60 22.11
N SER B 111 16.43 1.84 23.14
CA SER B 111 15.77 0.55 22.93
C SER B 111 14.75 0.24 24.01
N SER B 112 13.83 -0.65 23.66
CA SER B 112 12.81 -1.19 24.54
C SER B 112 12.59 -2.67 24.20
N TRP B 113 12.00 -3.42 25.13
CA TRP B 113 11.73 -4.84 24.94
C TRP B 113 10.25 -5.06 25.16
N LEU B 114 9.58 -5.68 24.19
CA LEU B 114 8.15 -5.89 24.25
C LEU B 114 7.71 -7.30 24.59
N GLU B 115 6.72 -7.40 25.48
CA GLU B 115 6.09 -8.65 25.87
C GLU B 115 4.81 -8.93 25.04
N GLU B 116 4.46 -10.21 24.87
CA GLU B 116 3.30 -10.63 24.09
C GLU B 116 1.95 -10.14 24.66
N ASP B 117 1.92 -9.93 25.98
CA ASP B 117 0.75 -9.46 26.72
C ASP B 117 0.45 -7.95 26.56
N ASP B 118 1.45 -7.18 26.04
CA ASP B 118 1.35 -5.73 25.79
C ASP B 118 0.21 -5.44 24.78
N ASP B 119 0.08 -6.28 23.73
CA ASP B 119 -0.95 -6.20 22.68
C ASP B 119 -0.92 -7.48 21.81
N PRO B 120 -2.10 -7.94 21.32
CA PRO B 120 -2.11 -9.10 20.41
C PRO B 120 -1.23 -8.92 19.16
N VAL B 121 -0.86 -7.67 18.78
CA VAL B 121 0.02 -7.43 17.63
C VAL B 121 1.42 -8.02 17.89
N VAL B 122 1.94 -7.86 19.13
CA VAL B 122 3.24 -8.40 19.53
C VAL B 122 3.24 -9.91 19.44
N ALA B 123 2.19 -10.54 19.92
CA ALA B 123 2.03 -11.98 19.85
C ALA B 123 1.87 -12.47 18.41
N ARG B 124 1.18 -11.68 17.54
CA ARG B 124 0.93 -11.94 16.10
C ARG B 124 2.26 -11.95 15.32
N VAL B 125 3.10 -10.92 15.50
CA VAL B 125 4.38 -10.84 14.80
C VAL B 125 5.32 -11.93 15.25
N ASN B 126 5.43 -12.22 16.55
CA ASN B 126 6.28 -13.30 17.06
C ASN B 126 5.93 -14.62 16.42
N ARG B 127 4.64 -14.90 16.31
CA ARG B 127 4.16 -16.13 15.69
C ARG B 127 4.47 -16.14 14.19
N ARG B 128 4.39 -14.96 13.52
CA ARG B 128 4.69 -14.84 12.09
C ARG B 128 6.16 -15.12 11.81
N MET B 129 7.04 -14.58 12.66
CA MET B 129 8.48 -14.84 12.55
C MET B 129 8.78 -16.33 12.73
N GLN B 130 8.09 -17.00 13.68
CA GLN B 130 8.26 -18.43 13.90
C GLN B 130 7.86 -19.22 12.64
N HIS B 131 6.81 -18.78 11.95
CA HIS B 131 6.36 -19.45 10.73
C HIS B 131 7.35 -19.30 9.60
N ILE B 132 7.91 -18.09 9.44
CA ILE B 132 8.87 -17.79 8.39
C ILE B 132 10.19 -18.54 8.54
N THR B 133 10.81 -18.47 9.72
CA THR B 133 12.10 -19.08 9.98
C THR B 133 12.05 -20.58 10.20
N GLY B 134 10.95 -21.07 10.73
CA GLY B 134 10.83 -22.47 11.13
C GLY B 134 11.41 -22.71 12.52
N LEU B 135 11.89 -21.65 13.19
CA LEU B 135 12.49 -21.73 14.51
C LEU B 135 11.48 -21.31 15.56
N THR B 136 11.56 -21.88 16.77
CA THR B 136 10.64 -21.55 17.84
C THR B 136 10.95 -20.24 18.56
N VAL B 137 9.89 -19.47 18.84
CA VAL B 137 10.00 -18.22 19.60
C VAL B 137 9.87 -18.44 21.11
N LYS B 138 9.62 -19.68 21.55
CA LYS B 138 9.46 -20.01 22.96
C LYS B 138 10.73 -19.78 23.76
N THR B 139 11.91 -19.92 23.12
CA THR B 139 13.22 -19.68 23.72
C THR B 139 13.91 -18.40 23.23
N ALA B 140 13.27 -17.70 22.28
CA ALA B 140 13.74 -16.46 21.70
C ALA B 140 13.65 -15.29 22.68
N GLU B 141 14.42 -14.23 22.45
CA GLU B 141 14.39 -13.03 23.27
C GLU B 141 13.13 -12.24 22.98
N LEU B 142 12.76 -11.32 23.88
CA LEU B 142 11.62 -10.44 23.63
C LEU B 142 11.81 -9.61 22.37
N LEU B 143 10.72 -9.11 21.78
CA LEU B 143 10.85 -8.29 20.60
C LEU B 143 11.49 -6.96 20.98
N GLN B 144 12.73 -6.76 20.55
CA GLN B 144 13.43 -5.51 20.84
C GLN B 144 13.06 -4.47 19.84
N VAL B 145 12.62 -3.30 20.29
CA VAL B 145 12.33 -2.20 19.39
C VAL B 145 13.36 -1.12 19.64
N ALA B 146 14.06 -0.70 18.60
CA ALA B 146 15.10 0.31 18.72
C ALA B 146 14.83 1.49 17.82
N ASN B 147 15.02 2.69 18.35
CA ASN B 147 14.88 3.91 17.59
C ASN B 147 16.24 4.52 17.57
N TYR B 148 16.75 4.77 16.37
CA TYR B 148 18.06 5.34 16.19
C TYR B 148 18.01 6.81 15.85
N GLY B 149 18.79 7.59 16.59
CA GLY B 149 18.89 9.03 16.35
C GLY B 149 19.95 9.36 15.31
N VAL B 150 19.73 10.45 14.55
CA VAL B 150 20.59 10.91 13.48
C VAL B 150 22.04 11.00 13.86
N GLY B 151 22.87 10.35 13.06
CA GLY B 151 24.31 10.32 13.23
C GLY B 151 24.68 9.37 14.34
N GLY B 152 25.65 9.81 15.15
CA GLY B 152 26.18 9.08 16.28
C GLY B 152 27.41 8.26 15.92
N GLN B 153 27.27 6.93 15.98
CA GLN B 153 28.26 5.92 15.62
C GLN B 153 27.70 4.49 15.83
N TYR B 154 28.42 3.52 15.27
CA TYR B 154 28.23 2.08 15.44
C TYR B 154 29.47 1.32 14.95
N GLU B 155 29.74 0.19 15.58
CA GLU B 155 30.90 -0.64 15.27
C GLU B 155 30.53 -2.15 15.11
N PRO B 156 31.41 -2.86 14.39
CA PRO B 156 31.18 -4.28 14.15
C PRO B 156 31.11 -5.12 15.39
N HIS B 157 30.34 -6.17 15.28
CA HIS B 157 30.17 -7.14 16.33
C HIS B 157 29.51 -8.39 15.74
N PHE B 158 29.51 -9.44 16.52
CA PHE B 158 28.81 -10.66 16.20
C PHE B 158 27.66 -10.74 17.15
N ASP B 159 26.55 -11.34 16.73
CA ASP B 159 25.39 -11.43 17.62
C ASP B 159 25.49 -12.57 18.68
N PHE B 160 26.49 -13.43 18.55
CA PHE B 160 26.76 -14.48 19.51
C PHE B 160 27.91 -14.07 20.48
N SER B 161 27.97 -14.67 21.66
CA SER B 161 29.02 -14.45 22.69
C SER B 161 29.83 -15.75 22.89
N ARG B 162 31.16 -15.71 22.81
CA ARG B 162 31.99 -16.92 22.93
C ARG B 162 31.93 -17.61 24.32
N ASN B 163 32.62 -18.78 24.49
CA ASN B 163 32.78 -19.58 25.73
C ASN B 163 33.17 -18.71 26.96
N ASP B 164 34.09 -17.74 26.73
CA ASP B 164 34.67 -16.80 27.70
C ASP B 164 33.73 -15.64 28.04
N GLU B 165 32.93 -15.21 27.05
CA GLU B 165 32.00 -14.11 27.20
C GLU B 165 30.82 -14.53 28.05
N ARG B 166 30.99 -14.42 29.39
CA ARG B 166 29.99 -14.73 30.42
C ARG B 166 28.94 -13.58 30.37
N ASP B 167 27.95 -13.68 29.47
CA ASP B 167 26.93 -12.65 29.25
C ASP B 167 25.53 -13.08 29.85
N THR B 168 24.48 -12.29 29.52
CA THR B 168 23.09 -12.57 29.90
C THR B 168 22.54 -13.86 29.22
N PHE B 169 23.40 -14.64 28.53
CA PHE B 169 22.99 -15.86 27.80
C PHE B 169 23.14 -17.11 28.70
N LYS B 170 24.13 -17.09 29.64
CA LYS B 170 24.26 -18.17 30.63
C LYS B 170 23.14 -18.03 31.69
N HIS B 171 22.72 -16.77 31.97
CA HIS B 171 21.63 -16.42 32.88
C HIS B 171 20.26 -16.92 32.33
N LEU B 172 20.09 -16.88 30.99
CA LEU B 172 18.88 -17.35 30.30
C LEU B 172 18.84 -18.88 30.19
N GLY B 173 20.02 -19.51 30.07
CA GLY B 173 20.11 -20.97 29.92
C GLY B 173 19.50 -21.49 28.63
N THR B 174 19.27 -20.59 27.66
CA THR B 174 18.73 -20.89 26.34
C THR B 174 19.82 -21.07 25.28
N GLY B 175 21.09 -20.95 25.66
CA GLY B 175 22.22 -21.06 24.75
C GLY B 175 22.50 -19.74 24.08
N ASN B 176 23.32 -19.78 23.06
CA ASN B 176 23.69 -18.61 22.29
C ASN B 176 22.67 -18.26 21.18
N ARG B 177 22.74 -17.03 20.63
CA ARG B 177 21.83 -16.56 19.60
C ARG B 177 22.09 -17.25 18.29
N VAL B 178 21.21 -18.15 17.87
CA VAL B 178 21.37 -18.90 16.63
C VAL B 178 21.02 -18.12 15.38
N ALA B 179 20.20 -17.07 15.48
CA ALA B 179 19.79 -16.32 14.29
C ALA B 179 19.27 -14.93 14.62
N THR B 180 19.36 -14.00 13.67
CA THR B 180 18.84 -12.66 13.85
C THR B 180 17.82 -12.38 12.80
N PHE B 181 16.67 -11.83 13.24
CA PHE B 181 15.53 -11.43 12.41
C PHE B 181 15.29 -9.95 12.67
N LEU B 182 15.73 -9.14 11.71
CA LEU B 182 15.72 -7.70 11.76
C LEU B 182 14.59 -7.13 10.93
N ASN B 183 13.62 -6.48 11.55
CA ASN B 183 12.50 -5.87 10.85
C ASN B 183 12.76 -4.40 10.73
N TYR B 184 12.53 -3.84 9.54
CA TYR B 184 12.71 -2.42 9.27
C TYR B 184 11.36 -1.75 9.41
N MET B 185 11.21 -0.84 10.37
CA MET B 185 9.93 -0.21 10.64
C MET B 185 9.79 1.22 10.17
N SER B 186 10.73 1.70 9.36
CA SER B 186 10.61 3.05 8.83
C SER B 186 11.34 3.25 7.52
N ASP B 187 10.90 4.25 6.76
CA ASP B 187 11.61 4.64 5.57
C ASP B 187 12.67 5.67 6.05
N VAL B 188 13.95 5.34 5.89
CA VAL B 188 15.02 6.25 6.30
C VAL B 188 15.45 6.98 5.05
N GLU B 189 15.36 8.34 5.03
CA GLU B 189 15.71 9.16 3.85
C GLU B 189 17.08 8.82 3.28
N ALA B 190 18.11 8.72 4.17
CA ALA B 190 19.48 8.39 3.82
C ALA B 190 20.26 7.85 4.99
N GLY B 191 21.09 6.88 4.70
CA GLY B 191 21.99 6.26 5.67
C GLY B 191 21.42 5.00 6.25
N GLY B 192 21.85 4.68 7.43
CA GLY B 192 21.34 3.56 8.21
C GLY B 192 21.40 2.15 7.69
N ALA B 193 22.26 1.82 6.70
CA ALA B 193 22.37 0.44 6.20
C ALA B 193 22.94 -0.50 7.28
N THR B 194 22.74 -1.81 7.13
CA THR B 194 23.39 -2.79 7.99
C THR B 194 24.54 -3.37 7.15
N VAL B 195 25.77 -3.03 7.51
CA VAL B 195 26.96 -3.38 6.75
C VAL B 195 27.70 -4.57 7.37
N PHE B 196 28.26 -5.42 6.52
CA PHE B 196 29.02 -6.63 6.84
C PHE B 196 30.46 -6.43 6.33
N PRO B 197 31.35 -5.84 7.15
CA PRO B 197 32.70 -5.49 6.68
C PRO B 197 33.50 -6.63 6.08
N ASP B 198 33.45 -7.79 6.72
CA ASP B 198 34.18 -8.95 6.27
C ASP B 198 33.69 -9.53 4.93
N LEU B 199 32.51 -9.13 4.47
CA LEU B 199 31.98 -9.58 3.20
C LEU B 199 31.98 -8.50 2.16
N GLY B 200 31.88 -7.26 2.59
CA GLY B 200 31.71 -6.12 1.70
C GLY B 200 30.25 -5.98 1.32
N ALA B 201 29.34 -6.32 2.25
CA ALA B 201 27.91 -6.29 1.98
C ALA B 201 27.12 -5.28 2.78
N ALA B 202 26.27 -4.54 2.10
CA ALA B 202 25.41 -3.55 2.73
C ALA B 202 23.96 -3.89 2.43
N ILE B 203 23.16 -3.92 3.48
CA ILE B 203 21.75 -4.24 3.43
C ILE B 203 20.96 -2.98 3.80
N TRP B 204 20.22 -2.47 2.83
CA TRP B 204 19.51 -1.20 2.97
C TRP B 204 18.13 -1.26 3.61
N PRO B 205 17.80 -0.27 4.46
CA PRO B 205 16.49 -0.27 5.08
C PRO B 205 15.36 -0.18 4.07
N LYS B 206 14.31 -0.92 4.32
CA LYS B 206 13.13 -0.95 3.47
C LYS B 206 11.96 -1.19 4.45
N LYS B 207 11.14 -0.16 4.77
CA LYS B 207 9.99 -0.30 5.71
C LYS B 207 9.13 -1.54 5.43
N GLY B 208 8.75 -2.26 6.49
CA GLY B 208 7.91 -3.45 6.41
C GLY B 208 8.57 -4.73 5.98
N THR B 209 9.87 -4.65 5.68
CA THR B 209 10.63 -5.83 5.30
C THR B 209 11.46 -6.30 6.50
N ALA B 210 11.97 -7.52 6.41
CA ALA B 210 12.82 -8.07 7.43
C ALA B 210 14.01 -8.75 6.79
N VAL B 211 15.15 -8.72 7.46
CA VAL B 211 16.37 -9.35 6.97
C VAL B 211 16.75 -10.43 7.99
N PHE B 212 17.10 -11.62 7.51
CA PHE B 212 17.37 -12.74 8.37
C PHE B 212 18.64 -13.46 7.98
N TRP B 213 19.47 -13.82 8.97
CA TRP B 213 20.72 -14.59 8.80
C TRP B 213 21.02 -15.44 10.04
N TYR B 214 21.72 -16.55 9.88
CA TYR B 214 22.07 -17.37 11.03
C TYR B 214 23.40 -16.92 11.60
N ASN B 215 23.50 -16.76 12.91
CA ASN B 215 24.75 -16.42 13.57
C ASN B 215 25.61 -17.65 13.85
N LEU B 216 25.01 -18.84 13.97
CA LEU B 216 25.73 -20.07 14.27
C LEU B 216 25.62 -21.04 13.13
N LEU B 217 26.64 -21.85 12.94
CA LEU B 217 26.64 -22.88 11.92
C LEU B 217 25.70 -24.02 12.35
N ARG B 218 25.54 -25.04 11.48
CA ARG B 218 24.72 -26.22 11.75
C ARG B 218 25.22 -27.02 12.98
N SER B 219 26.53 -26.92 13.26
CA SER B 219 27.27 -27.51 14.36
C SER B 219 27.04 -26.83 15.71
N GLY B 220 26.56 -25.60 15.70
CA GLY B 220 26.37 -24.84 16.93
C GLY B 220 27.50 -23.87 17.19
N GLU B 221 28.62 -23.98 16.46
CA GLU B 221 29.73 -23.05 16.64
C GLU B 221 29.48 -21.78 15.89
N GLY B 222 30.08 -20.71 16.37
CA GLY B 222 29.87 -19.39 15.76
C GLY B 222 30.33 -19.23 14.32
N ASP B 223 29.51 -18.57 13.47
CA ASP B 223 29.87 -18.31 12.07
C ASP B 223 30.55 -16.97 12.05
N TYR B 224 31.89 -16.98 12.03
CA TYR B 224 32.62 -15.73 12.09
C TYR B 224 32.54 -14.90 10.81
N ARG B 225 31.81 -15.37 9.78
CA ARG B 225 31.59 -14.57 8.58
C ARG B 225 30.60 -13.46 8.84
N THR B 226 29.67 -13.65 9.78
CA THR B 226 28.53 -12.76 10.05
C THR B 226 28.84 -11.46 10.78
N ARG B 227 30.06 -10.92 10.62
CA ARG B 227 30.41 -9.67 11.32
C ARG B 227 29.69 -8.57 10.69
N HIS B 228 28.92 -7.81 11.50
CA HIS B 228 28.12 -6.73 10.98
C HIS B 228 28.01 -5.54 11.93
N ALA B 229 27.62 -4.40 11.40
CA ALA B 229 27.51 -3.16 12.12
C ALA B 229 26.45 -2.29 11.48
N ALA B 230 25.88 -1.38 12.24
CA ALA B 230 24.88 -0.47 11.69
C ALA B 230 25.50 0.87 11.32
N CYS B 231 25.26 1.30 10.11
CA CYS B 231 25.72 2.60 9.65
C CYS B 231 24.91 3.68 10.39
N PRO B 232 25.45 4.90 10.50
CA PRO B 232 24.70 5.97 11.15
C PRO B 232 23.57 6.50 10.25
N VAL B 233 22.49 6.90 10.88
CA VAL B 233 21.34 7.42 10.17
C VAL B 233 21.66 8.86 9.78
N LEU B 234 21.78 9.15 8.49
CA LEU B 234 22.17 10.49 8.02
C LEU B 234 21.02 11.49 7.97
N VAL B 235 19.88 11.10 7.37
CA VAL B 235 18.69 11.94 7.36
C VAL B 235 17.45 11.08 7.54
N GLY B 236 16.59 11.54 8.45
CA GLY B 236 15.38 10.84 8.81
C GLY B 236 15.43 10.33 10.25
N CYS B 237 14.92 9.09 10.46
CA CYS B 237 14.87 8.40 11.75
C CYS B 237 14.68 6.93 11.41
N LYS B 238 15.42 6.08 12.12
CA LYS B 238 15.36 4.65 11.85
C LYS B 238 14.68 3.95 12.99
N TRP B 239 13.64 3.19 12.66
CA TRP B 239 12.95 2.35 13.63
C TRP B 239 13.19 0.92 13.18
N VAL B 240 13.62 0.08 14.10
CA VAL B 240 13.93 -1.30 13.79
C VAL B 240 13.48 -2.20 14.91
N SER B 241 13.07 -3.45 14.60
CA SER B 241 12.74 -4.39 15.65
C SER B 241 13.47 -5.69 15.42
N ASN B 242 14.18 -6.13 16.42
CA ASN B 242 14.97 -7.33 16.33
C ASN B 242 14.38 -8.48 17.11
N LYS B 243 14.48 -9.68 16.56
CA LYS B 243 14.10 -10.89 17.25
C LYS B 243 15.28 -11.85 17.19
N TRP B 244 15.88 -12.13 18.34
CA TRP B 244 17.01 -13.04 18.39
C TRP B 244 16.57 -14.41 18.84
N PHE B 245 16.76 -15.42 18.02
CA PHE B 245 16.40 -16.79 18.38
C PHE B 245 17.58 -17.42 19.10
N HIS B 246 17.35 -18.24 20.12
CA HIS B 246 18.44 -18.96 20.80
C HIS B 246 18.51 -20.42 20.34
N GLU B 247 19.66 -21.08 20.50
CA GLU B 247 19.84 -22.45 20.03
C GLU B 247 18.96 -23.47 20.74
N ARG B 248 18.73 -23.31 22.05
CA ARG B 248 17.89 -24.27 22.78
C ARG B 248 16.47 -24.26 22.27
N GLY B 249 15.91 -25.44 22.10
CA GLY B 249 14.58 -25.59 21.53
C GLY B 249 14.58 -25.75 20.02
N GLN B 250 15.72 -25.55 19.38
CA GLN B 250 15.81 -25.69 17.93
C GLN B 250 16.45 -27.01 17.48
N GLU B 251 16.77 -27.92 18.40
CA GLU B 251 17.44 -29.20 18.14
C GLU B 251 16.73 -30.04 17.09
N PHE B 252 15.39 -29.99 17.10
CA PHE B 252 14.58 -30.74 16.15
C PHE B 252 14.15 -29.91 14.94
N LEU B 253 14.21 -28.60 15.05
CA LEU B 253 13.83 -27.70 13.98
C LEU B 253 15.00 -27.44 13.02
N ARG B 254 16.24 -27.41 13.55
CA ARG B 254 17.45 -27.22 12.77
C ARG B 254 18.51 -28.25 13.22
N PRO B 255 18.42 -29.49 12.70
CA PRO B 255 19.39 -30.52 13.08
C PRO B 255 20.79 -30.24 12.54
N CYS B 256 21.81 -30.86 13.12
CA CYS B 256 23.19 -30.69 12.67
C CYS B 256 23.40 -31.37 11.30
N GLY B 257 24.44 -30.96 10.59
CA GLY B 257 24.81 -31.58 9.32
C GLY B 257 26.30 -31.83 9.37
N SER B 258 26.77 -33.04 8.97
CA SER B 258 28.20 -33.42 9.01
C SER B 258 29.16 -32.32 8.54
N THR B 259 29.87 -31.70 9.52
CA THR B 259 30.80 -30.55 9.44
C THR B 259 30.12 -29.33 8.74
N GLU B 260 29.00 -28.86 9.34
CA GLU B 260 28.13 -27.77 8.90
C GLU B 260 27.58 -27.98 7.49
N GLU C 5 -3.93 59.95 -25.35
CA GLU C 5 -2.74 59.43 -26.01
C GLU C 5 -3.00 57.99 -26.44
N GLU C 6 -2.64 57.63 -27.69
CA GLU C 6 -2.90 56.26 -28.18
C GLU C 6 -1.64 55.54 -28.67
N GLU C 7 -1.32 54.38 -28.08
CA GLU C 7 -0.18 53.58 -28.57
C GLU C 7 -0.73 52.32 -29.24
N ASP C 8 -0.52 52.17 -30.57
CA ASP C 8 -0.97 51.03 -31.36
C ASP C 8 -2.44 50.66 -31.11
N HIS C 9 -3.30 51.71 -31.13
CA HIS C 9 -4.76 51.69 -30.98
C HIS C 9 -5.25 51.42 -29.56
N VAL C 10 -4.34 51.41 -28.57
CA VAL C 10 -4.65 51.24 -27.17
C VAL C 10 -4.62 52.62 -26.50
N LEU C 11 -5.70 52.98 -25.82
CA LEU C 11 -5.79 54.25 -25.13
C LEU C 11 -4.92 54.25 -23.86
N VAL C 12 -4.04 55.24 -23.71
CA VAL C 12 -3.19 55.37 -22.54
C VAL C 12 -3.96 56.16 -21.47
N LEU C 13 -4.41 55.48 -20.41
CA LEU C 13 -5.19 56.13 -19.36
C LEU C 13 -4.40 56.43 -18.10
N ARG C 14 -4.74 57.56 -17.49
CA ARG C 14 -4.18 58.12 -16.26
C ARG C 14 -5.35 58.58 -15.35
N LYS C 15 -5.09 58.82 -14.06
CA LYS C 15 -6.10 59.27 -13.10
C LYS C 15 -6.81 60.55 -13.57
N SER C 16 -6.09 61.40 -14.32
CA SER C 16 -6.61 62.65 -14.86
C SER C 16 -7.62 62.50 -16.04
N ASN C 17 -7.48 61.44 -16.86
CA ASN C 17 -8.37 61.26 -18.02
C ASN C 17 -9.25 59.98 -17.98
N PHE C 18 -9.14 59.20 -16.91
CA PHE C 18 -9.87 57.96 -16.75
C PHE C 18 -11.38 58.15 -16.78
N ALA C 19 -11.92 59.09 -15.98
CA ALA C 19 -13.36 59.33 -15.93
C ALA C 19 -13.93 59.79 -17.28
N GLU C 20 -13.14 60.54 -18.03
CA GLU C 20 -13.52 61.05 -19.35
C GLU C 20 -13.58 59.90 -20.35
N ALA C 21 -12.58 59.00 -20.29
CA ALA C 21 -12.53 57.83 -21.17
C ALA C 21 -13.69 56.86 -20.93
N LEU C 22 -14.09 56.64 -19.66
CA LEU C 22 -15.21 55.75 -19.33
C LEU C 22 -16.55 56.33 -19.80
N ALA C 23 -16.70 57.66 -19.71
CA ALA C 23 -17.90 58.34 -20.16
C ALA C 23 -17.97 58.36 -21.70
N ALA C 24 -16.81 58.42 -22.38
CA ALA C 24 -16.72 58.46 -23.85
C ALA C 24 -16.96 57.11 -24.53
N HIS C 25 -16.68 56.01 -23.82
CA HIS C 25 -16.82 54.69 -24.43
C HIS C 25 -17.77 53.77 -23.71
N LYS C 26 -18.79 53.31 -24.43
CA LYS C 26 -19.79 52.38 -23.93
C LYS C 26 -19.17 51.04 -23.55
N TYR C 27 -18.18 50.58 -24.34
CA TYR C 27 -17.52 49.31 -24.10
C TYR C 27 -16.02 49.50 -24.04
N LEU C 28 -15.45 49.47 -22.82
CA LEU C 28 -14.04 49.71 -22.62
C LEU C 28 -13.33 48.63 -21.80
N LEU C 29 -12.34 47.98 -22.40
CA LEU C 29 -11.53 46.99 -21.71
C LEU C 29 -10.27 47.70 -21.23
N VAL C 30 -9.95 47.61 -19.94
CA VAL C 30 -8.79 48.25 -19.34
C VAL C 30 -7.80 47.25 -18.74
N GLU C 31 -6.55 47.31 -19.17
CA GLU C 31 -5.50 46.47 -18.63
C GLU C 31 -4.72 47.29 -17.58
N PHE C 32 -4.66 46.82 -16.34
CA PHE C 32 -3.85 47.45 -15.30
C PHE C 32 -2.56 46.64 -15.30
N TYR C 33 -1.44 47.27 -15.65
CA TYR C 33 -0.17 46.56 -15.82
C TYR C 33 1.02 47.22 -15.10
N ALA C 34 2.18 46.53 -15.12
CA ALA C 34 3.45 47.04 -14.62
C ALA C 34 4.52 46.71 -15.66
N PRO C 35 5.37 47.67 -16.02
CA PRO C 35 6.37 47.44 -17.09
C PRO C 35 7.42 46.35 -16.85
N TRP C 36 7.62 45.93 -15.59
CA TRP C 36 8.59 44.88 -15.23
C TRP C 36 8.00 43.45 -15.23
N CYS C 37 6.67 43.35 -15.31
CA CYS C 37 5.96 42.07 -15.27
C CYS C 37 6.14 41.30 -16.58
N GLY C 38 6.61 40.06 -16.47
CA GLY C 38 6.83 39.20 -17.62
C GLY C 38 5.57 38.93 -18.42
N HIS C 39 4.45 38.72 -17.70
CA HIS C 39 3.15 38.47 -18.33
C HIS C 39 2.66 39.69 -19.10
N CYS C 40 2.88 40.89 -18.54
CA CYS C 40 2.48 42.13 -19.21
C CYS C 40 3.30 42.39 -20.47
N LYS C 41 4.60 42.06 -20.44
CA LYS C 41 5.47 42.19 -21.61
C LYS C 41 4.99 41.30 -22.74
N ALA C 42 4.59 40.07 -22.41
CA ALA C 42 4.11 39.11 -23.38
C ALA C 42 2.72 39.46 -23.91
N LEU C 43 1.88 40.07 -23.07
CA LEU C 43 0.52 40.45 -23.45
C LEU C 43 0.47 41.69 -24.34
N ALA C 44 1.33 42.67 -24.09
CA ALA C 44 1.35 43.92 -24.85
C ALA C 44 1.18 43.79 -26.40
N PRO C 45 1.96 42.95 -27.13
CA PRO C 45 1.73 42.84 -28.58
C PRO C 45 0.38 42.23 -28.98
N GLU C 46 -0.13 41.28 -28.17
CA GLU C 46 -1.44 40.66 -28.43
C GLU C 46 -2.59 41.64 -28.10
N TYR C 47 -2.41 42.48 -27.07
CA TYR C 47 -3.39 43.47 -26.68
C TYR C 47 -3.52 44.53 -27.77
N ALA C 48 -2.37 44.97 -28.34
CA ALA C 48 -2.34 45.93 -29.44
C ALA C 48 -2.96 45.33 -30.73
N LYS C 49 -2.69 44.05 -30.99
CA LYS C 49 -3.20 43.30 -32.14
C LYS C 49 -4.72 43.16 -32.05
N ALA C 50 -5.25 42.93 -30.83
CA ALA C 50 -6.70 42.84 -30.61
C ALA C 50 -7.35 44.22 -30.81
N ALA C 51 -6.71 45.30 -30.29
CA ALA C 51 -7.19 46.69 -30.43
C ALA C 51 -7.26 47.13 -31.92
N GLY C 52 -6.23 46.77 -32.68
CA GLY C 52 -6.17 47.05 -34.11
C GLY C 52 -7.24 46.31 -34.89
N LYS C 53 -7.48 45.04 -34.52
CA LYS C 53 -8.53 44.24 -35.16
C LYS C 53 -9.92 44.81 -34.91
N LEU C 54 -10.21 45.21 -33.66
CA LEU C 54 -11.51 45.82 -33.30
C LEU C 54 -11.73 47.15 -33.99
N LYS C 55 -10.66 47.93 -34.17
CA LYS C 55 -10.71 49.21 -34.87
C LYS C 55 -10.97 48.98 -36.38
N ALA C 56 -10.32 47.97 -36.98
CA ALA C 56 -10.48 47.63 -38.40
C ALA C 56 -11.89 47.12 -38.72
N GLU C 57 -12.56 46.49 -37.75
CA GLU C 57 -13.93 46.02 -37.91
C GLU C 57 -15.00 47.11 -37.68
N GLY C 58 -14.58 48.28 -37.20
CA GLY C 58 -15.50 49.37 -36.87
C GLY C 58 -16.31 49.08 -35.63
N SER C 59 -15.74 48.31 -34.70
CA SER C 59 -16.41 47.95 -33.46
C SER C 59 -16.42 49.13 -32.48
N GLU C 60 -17.49 49.29 -31.68
CA GLU C 60 -17.52 50.34 -30.63
C GLU C 60 -16.62 49.94 -29.41
N ILE C 61 -16.14 48.69 -29.36
CA ILE C 61 -15.30 48.21 -28.29
C ILE C 61 -13.90 48.80 -28.39
N ARG C 62 -13.43 49.38 -27.28
CA ARG C 62 -12.11 50.00 -27.21
C ARG C 62 -11.24 49.38 -26.13
N LEU C 63 -9.92 49.34 -26.37
CA LEU C 63 -8.93 48.79 -25.46
C LEU C 63 -8.09 49.92 -24.89
N ALA C 64 -7.78 49.81 -23.60
CA ALA C 64 -7.05 50.81 -22.85
C ALA C 64 -6.08 50.18 -21.84
N LYS C 65 -5.05 50.94 -21.41
CA LYS C 65 -4.08 50.46 -20.43
C LYS C 65 -3.77 51.52 -19.38
N VAL C 66 -3.51 51.07 -18.15
CA VAL C 66 -3.17 51.92 -17.02
C VAL C 66 -1.88 51.40 -16.40
N ASP C 67 -0.82 52.22 -16.37
CA ASP C 67 0.40 51.80 -15.72
C ASP C 67 0.20 51.99 -14.22
N ALA C 68 0.03 50.88 -13.49
CA ALA C 68 -0.20 50.88 -12.04
C ALA C 68 1.00 51.35 -11.21
N THR C 69 2.22 51.36 -11.80
CA THR C 69 3.41 51.86 -11.13
C THR C 69 3.40 53.40 -11.05
N GLU C 70 2.70 54.09 -11.98
CA GLU C 70 2.60 55.54 -11.94
C GLU C 70 1.22 55.99 -11.38
N GLU C 71 0.17 55.19 -11.63
CA GLU C 71 -1.22 55.48 -11.25
C GLU C 71 -1.72 54.57 -10.12
N SER C 72 -0.92 54.48 -9.05
CA SER C 72 -1.16 53.65 -7.87
C SER C 72 -2.54 53.81 -7.22
N ASP C 73 -2.99 55.05 -7.02
CA ASP C 73 -4.30 55.29 -6.40
C ASP C 73 -5.45 54.81 -7.26
N LEU C 74 -5.30 54.91 -8.59
CA LEU C 74 -6.31 54.48 -9.55
C LEU C 74 -6.40 52.94 -9.57
N ALA C 75 -5.24 52.26 -9.49
CA ALA C 75 -5.18 50.80 -9.44
C ALA C 75 -5.78 50.30 -8.09
N GLN C 76 -5.48 51.01 -6.97
CA GLN C 76 -5.99 50.73 -5.62
C GLN C 76 -7.51 50.85 -5.56
N GLN C 77 -8.06 51.86 -6.26
CA GLN C 77 -9.50 52.09 -6.35
C GLN C 77 -10.24 50.87 -6.94
N TYR C 78 -9.58 50.11 -7.83
CA TYR C 78 -10.17 48.93 -8.45
C TYR C 78 -9.67 47.58 -7.88
N GLY C 79 -9.02 47.61 -6.71
CA GLY C 79 -8.53 46.43 -6.00
C GLY C 79 -7.48 45.62 -6.76
N VAL C 80 -6.66 46.29 -7.56
CA VAL C 80 -5.63 45.64 -8.35
C VAL C 80 -4.46 45.21 -7.47
N ARG C 81 -4.32 43.89 -7.28
CA ARG C 81 -3.24 43.29 -6.48
C ARG C 81 -2.22 42.50 -7.34
N GLY C 82 -2.59 42.17 -8.57
CA GLY C 82 -1.73 41.42 -9.47
C GLY C 82 -1.69 42.00 -10.88
N TYR C 83 -0.71 41.58 -11.67
CA TYR C 83 -0.56 42.07 -13.03
C TYR C 83 -0.32 40.95 -14.06
N PRO C 84 -0.97 40.99 -15.22
CA PRO C 84 -1.98 41.99 -15.60
C PRO C 84 -3.35 41.67 -14.99
N THR C 85 -4.01 42.72 -14.52
CA THR C 85 -5.38 42.60 -14.05
C THR C 85 -6.19 43.31 -15.15
N ILE C 86 -7.08 42.58 -15.84
CA ILE C 86 -7.86 43.15 -16.93
C ILE C 86 -9.33 43.25 -16.54
N LYS C 87 -9.90 44.46 -16.65
CA LYS C 87 -11.30 44.72 -16.30
C LYS C 87 -12.11 45.39 -17.43
N PHE C 88 -13.30 44.86 -17.66
CA PHE C 88 -14.22 45.34 -18.68
C PHE C 88 -15.30 46.24 -18.07
N PHE C 89 -15.41 47.44 -18.62
CA PHE C 89 -16.37 48.46 -18.21
C PHE C 89 -17.46 48.62 -19.26
N ARG C 90 -18.71 48.45 -18.83
CA ARG C 90 -19.87 48.56 -19.68
C ARG C 90 -20.70 49.77 -19.24
N ASN C 91 -21.05 50.66 -20.19
CA ASN C 91 -21.82 51.88 -19.97
C ASN C 91 -21.16 52.84 -18.97
N GLY C 92 -19.83 52.79 -18.86
CA GLY C 92 -19.10 53.63 -17.92
C GLY C 92 -19.32 53.24 -16.45
N ASP C 93 -19.88 52.02 -16.19
CA ASP C 93 -20.11 51.57 -14.81
C ASP C 93 -18.80 51.14 -14.14
N THR C 94 -18.38 51.94 -13.14
CA THR C 94 -17.17 51.75 -12.35
C THR C 94 -17.41 50.88 -11.10
N ALA C 95 -18.69 50.68 -10.68
CA ALA C 95 -19.04 49.92 -9.49
C ALA C 95 -18.90 48.40 -9.66
N SER C 96 -19.22 47.87 -10.87
CA SER C 96 -19.10 46.43 -11.12
C SER C 96 -18.33 46.07 -12.43
N PRO C 97 -17.03 46.45 -12.53
CA PRO C 97 -16.26 46.08 -13.73
C PRO C 97 -16.03 44.58 -13.76
N LYS C 98 -16.24 43.94 -14.92
CA LYS C 98 -16.07 42.49 -15.07
C LYS C 98 -14.61 42.09 -15.34
N GLU C 99 -14.03 41.25 -14.48
CA GLU C 99 -12.66 40.77 -14.66
C GLU C 99 -12.58 39.83 -15.87
N TYR C 100 -11.54 39.99 -16.66
CA TYR C 100 -11.29 39.18 -17.83
C TYR C 100 -10.36 38.05 -17.39
N THR C 101 -10.80 36.79 -17.48
CA THR C 101 -9.97 35.66 -17.06
C THR C 101 -9.55 34.71 -18.20
N ALA C 102 -10.09 34.92 -19.41
CA ALA C 102 -9.86 34.09 -20.61
C ALA C 102 -8.44 34.25 -21.24
N GLY C 103 -8.08 33.39 -22.20
CA GLY C 103 -6.80 33.35 -22.91
C GLY C 103 -6.05 34.64 -23.17
N ARG C 104 -4.74 34.51 -23.35
CA ARG C 104 -3.77 35.60 -23.57
C ARG C 104 -3.56 36.00 -25.02
N GLU C 105 -4.18 35.28 -25.96
CA GLU C 105 -4.04 35.55 -27.40
C GLU C 105 -5.05 36.62 -27.88
N ALA C 106 -4.71 37.40 -28.93
CA ALA C 106 -5.59 38.46 -29.44
C ALA C 106 -6.95 37.95 -29.85
N ASP C 107 -7.04 36.72 -30.32
CA ASP C 107 -8.31 36.12 -30.72
C ASP C 107 -9.20 35.77 -29.53
N ASP C 108 -8.61 35.32 -28.40
CA ASP C 108 -9.36 35.01 -27.18
C ASP C 108 -10.01 36.29 -26.64
N ILE C 109 -9.24 37.39 -26.63
CA ILE C 109 -9.69 38.71 -26.19
C ILE C 109 -10.90 39.19 -27.01
N VAL C 110 -10.77 39.18 -28.35
CA VAL C 110 -11.79 39.59 -29.31
C VAL C 110 -13.07 38.74 -29.15
N ASN C 111 -12.89 37.41 -29.03
CA ASN C 111 -14.01 36.49 -28.86
C ASN C 111 -14.73 36.69 -27.54
N TRP C 112 -13.98 36.93 -26.46
CA TRP C 112 -14.53 37.17 -25.11
C TRP C 112 -15.41 38.40 -25.11
N LEU C 113 -14.91 39.48 -25.74
CA LEU C 113 -15.61 40.75 -25.83
C LEU C 113 -16.90 40.60 -26.66
N LYS C 114 -16.79 40.00 -27.86
CA LYS C 114 -17.94 39.79 -28.73
C LYS C 114 -19.00 38.87 -28.12
N LYS C 115 -18.59 37.87 -27.33
CA LYS C 115 -19.51 36.95 -26.66
C LYS C 115 -20.34 37.65 -25.58
N ARG C 116 -19.76 38.65 -24.92
CA ARG C 116 -20.46 39.39 -23.87
C ARG C 116 -21.31 40.54 -24.42
N THR C 117 -20.83 41.22 -25.46
CA THR C 117 -21.57 42.34 -26.04
C THR C 117 -22.62 41.94 -27.08
N GLY C 118 -22.51 40.73 -27.62
CA GLY C 118 -23.38 40.25 -28.67
C GLY C 118 -24.82 39.92 -28.32
N PRO C 119 -25.46 39.15 -29.22
CA PRO C 119 -26.86 38.77 -28.98
C PRO C 119 -27.02 37.77 -27.85
N ALA C 120 -27.86 38.12 -26.86
CA ALA C 120 -28.16 37.30 -25.69
C ALA C 120 -28.64 35.89 -26.07
N ALA C 121 -29.40 35.82 -27.15
CA ALA C 121 -29.88 34.56 -27.70
C ALA C 121 -29.66 34.56 -29.23
N THR C 122 -29.17 33.42 -29.76
CA THR C 122 -28.92 33.23 -31.18
C THR C 122 -30.25 33.04 -31.95
N THR C 123 -30.46 33.79 -33.04
CA THR C 123 -31.67 33.63 -33.84
C THR C 123 -31.68 32.28 -34.60
N LEU C 124 -32.72 31.48 -34.37
CA LEU C 124 -32.89 30.16 -34.97
C LEU C 124 -33.93 30.23 -36.10
N PRO C 125 -33.46 30.18 -37.36
CA PRO C 125 -34.40 30.29 -38.48
C PRO C 125 -35.23 29.05 -38.74
N ASP C 126 -34.74 27.86 -38.33
CA ASP C 126 -35.43 26.59 -38.59
C ASP C 126 -35.21 25.52 -37.48
N GLY C 127 -35.79 24.33 -37.68
CA GLY C 127 -35.65 23.20 -36.75
C GLY C 127 -34.28 22.58 -36.73
N ALA C 128 -33.46 22.74 -37.81
CA ALA C 128 -32.09 22.19 -37.89
C ALA C 128 -31.12 23.04 -37.06
N ALA C 129 -31.30 24.37 -37.08
CA ALA C 129 -30.52 25.31 -36.27
C ALA C 129 -30.82 25.08 -34.79
N ALA C 130 -32.11 24.83 -34.45
CA ALA C 130 -32.54 24.54 -33.08
C ALA C 130 -31.98 23.20 -32.55
N GLU C 131 -31.92 22.15 -33.39
CA GLU C 131 -31.36 20.86 -32.98
C GLU C 131 -29.86 20.93 -32.77
N SER C 132 -29.17 21.67 -33.65
CA SER C 132 -27.72 21.87 -33.56
C SER C 132 -27.34 22.60 -32.27
N LEU C 133 -28.19 23.54 -31.81
CA LEU C 133 -28.01 24.28 -30.56
C LEU C 133 -28.20 23.34 -29.35
N VAL C 134 -29.27 22.55 -29.33
CA VAL C 134 -29.56 21.60 -28.26
C VAL C 134 -28.50 20.50 -28.17
N GLU C 135 -27.95 20.04 -29.32
CA GLU C 135 -26.89 19.03 -29.32
C GLU C 135 -25.51 19.60 -28.91
N SER C 136 -25.27 20.90 -29.12
CA SER C 136 -23.99 21.55 -28.78
C SER C 136 -23.68 21.63 -27.27
N SER C 137 -24.70 21.50 -26.41
CA SER C 137 -24.54 21.63 -24.98
C SER C 137 -25.34 20.59 -24.19
N GLU C 138 -24.93 20.34 -22.95
CA GLU C 138 -25.63 19.41 -22.08
C GLU C 138 -27.00 20.00 -21.68
N VAL C 139 -27.08 21.35 -21.54
CA VAL C 139 -28.31 22.10 -21.27
C VAL C 139 -28.33 23.28 -22.28
N ALA C 140 -29.48 23.51 -22.95
CA ALA C 140 -29.70 24.62 -23.90
C ALA C 140 -31.10 25.22 -23.70
N VAL C 141 -31.27 26.54 -23.85
CA VAL C 141 -32.59 27.16 -23.65
C VAL C 141 -33.06 27.87 -24.93
N ILE C 142 -34.33 27.62 -25.37
CA ILE C 142 -34.91 28.23 -26.56
C ILE C 142 -36.20 29.01 -26.24
N GLY C 143 -36.24 30.26 -26.68
CA GLY C 143 -37.39 31.14 -26.55
C GLY C 143 -38.16 31.14 -27.85
N PHE C 144 -39.45 30.87 -27.77
CA PHE C 144 -40.35 30.79 -28.91
C PHE C 144 -41.26 32.00 -28.89
N PHE C 145 -40.94 33.02 -29.70
CA PHE C 145 -41.73 34.24 -29.75
C PHE C 145 -42.04 34.61 -31.20
N LYS C 146 -43.33 34.75 -31.54
CA LYS C 146 -43.75 35.14 -32.89
C LYS C 146 -43.19 36.55 -33.21
N ASP C 147 -43.15 37.44 -32.19
CA ASP C 147 -42.55 38.76 -32.30
C ASP C 147 -41.35 38.83 -31.33
N VAL C 148 -40.14 38.92 -31.90
CA VAL C 148 -38.88 39.03 -31.16
C VAL C 148 -38.74 40.40 -30.42
N GLU C 149 -39.55 41.40 -30.82
CA GLU C 149 -39.58 42.71 -30.17
C GLU C 149 -40.69 42.82 -29.09
N SER C 150 -41.47 41.73 -28.85
CA SER C 150 -42.52 41.70 -27.82
C SER C 150 -41.90 41.85 -26.43
N ASP C 151 -42.67 42.36 -25.46
CA ASP C 151 -42.15 42.56 -24.11
C ASP C 151 -41.75 41.25 -23.41
N SER C 152 -42.42 40.13 -23.74
CA SER C 152 -42.06 38.81 -23.21
C SER C 152 -40.73 38.34 -23.80
N ALA C 153 -40.49 38.61 -25.11
CA ALA C 153 -39.25 38.27 -25.80
C ALA C 153 -38.07 39.09 -25.25
N LYS C 154 -38.31 40.36 -24.86
CA LYS C 154 -37.27 41.22 -24.26
C LYS C 154 -36.89 40.72 -22.87
N GLN C 155 -37.87 40.28 -22.05
CA GLN C 155 -37.61 39.73 -20.72
C GLN C 155 -36.87 38.39 -20.81
N PHE C 156 -37.15 37.60 -21.85
CA PHE C 156 -36.42 36.36 -22.11
C PHE C 156 -34.96 36.70 -22.45
N LEU C 157 -34.72 37.70 -23.33
CA LEU C 157 -33.37 38.12 -23.72
C LEU C 157 -32.57 38.69 -22.53
N GLN C 158 -33.25 39.33 -21.56
CA GLN C 158 -32.61 39.84 -20.35
C GLN C 158 -32.16 38.66 -19.44
N ALA C 159 -32.95 37.56 -19.42
CA ALA C 159 -32.62 36.34 -18.67
C ALA C 159 -31.45 35.62 -19.38
N ALA C 160 -31.44 35.60 -20.73
CA ALA C 160 -30.40 35.01 -21.58
C ALA C 160 -29.03 35.70 -21.41
N GLU C 161 -29.02 37.04 -21.23
CA GLU C 161 -27.76 37.76 -21.04
C GLU C 161 -27.19 37.57 -19.63
N ALA C 162 -28.02 37.16 -18.65
CA ALA C 162 -27.59 36.91 -17.27
C ALA C 162 -26.97 35.51 -17.06
N ILE C 163 -27.16 34.58 -18.02
CA ILE C 163 -26.65 33.20 -17.96
C ILE C 163 -25.57 32.92 -19.05
N ASP C 164 -24.35 32.57 -18.62
CA ASP C 164 -23.26 32.32 -19.55
C ASP C 164 -23.01 30.82 -19.80
N ASP C 165 -23.34 29.97 -18.82
CA ASP C 165 -23.09 28.53 -18.92
C ASP C 165 -24.08 27.76 -19.80
N ILE C 166 -25.21 28.39 -20.17
CA ILE C 166 -26.22 27.76 -21.01
C ILE C 166 -26.35 28.52 -22.34
N PRO C 167 -26.20 27.84 -23.50
CA PRO C 167 -26.42 28.54 -24.79
C PRO C 167 -27.92 28.84 -25.02
N PHE C 168 -28.21 30.08 -25.45
CA PHE C 168 -29.58 30.49 -25.69
C PHE C 168 -29.91 30.63 -27.16
N GLY C 169 -31.16 30.36 -27.49
CA GLY C 169 -31.71 30.47 -28.84
C GLY C 169 -33.07 31.15 -28.83
N ILE C 170 -33.42 31.85 -29.92
CA ILE C 170 -34.71 32.52 -30.05
C ILE C 170 -35.29 32.28 -31.44
N THR C 171 -36.56 31.90 -31.55
CA THR C 171 -37.19 31.63 -32.84
C THR C 171 -38.58 32.19 -32.99
N SER C 172 -38.91 32.57 -34.23
CA SER C 172 -40.23 33.04 -34.65
C SER C 172 -40.89 32.07 -35.69
N ASN C 173 -40.16 31.02 -36.12
CA ASN C 173 -40.65 30.04 -37.09
C ASN C 173 -41.62 29.04 -36.47
N SER C 174 -42.84 29.00 -37.03
CA SER C 174 -43.95 28.14 -36.63
C SER C 174 -43.63 26.63 -36.62
N ASP C 175 -42.71 26.16 -37.51
CA ASP C 175 -42.26 24.75 -37.58
C ASP C 175 -41.54 24.38 -36.28
N VAL C 176 -40.66 25.28 -35.82
CA VAL C 176 -39.87 25.10 -34.61
C VAL C 176 -40.82 25.02 -33.40
N PHE C 177 -41.87 25.87 -33.36
CA PHE C 177 -42.88 25.82 -32.30
C PHE C 177 -43.56 24.43 -32.32
N SER C 178 -44.10 24.05 -33.48
CA SER C 178 -44.81 22.82 -33.70
C SER C 178 -44.02 21.58 -33.38
N LYS C 179 -42.66 21.65 -33.42
CA LYS C 179 -41.73 20.53 -33.16
C LYS C 179 -42.23 19.56 -32.08
N TYR C 180 -42.58 20.10 -30.89
CA TYR C 180 -43.25 19.30 -29.90
C TYR C 180 -44.12 20.16 -28.99
N GLN C 181 -45.41 20.09 -29.28
CA GLN C 181 -46.55 20.62 -28.56
C GLN C 181 -46.69 22.15 -28.44
N LEU C 182 -45.69 22.99 -28.82
CA LEU C 182 -45.87 24.46 -28.65
C LEU C 182 -46.83 25.09 -29.68
N ASP C 183 -47.94 25.60 -29.16
CA ASP C 183 -49.02 26.24 -29.91
C ASP C 183 -48.90 27.78 -29.90
N LYS C 184 -48.32 28.34 -28.82
CA LYS C 184 -48.12 29.78 -28.68
C LYS C 184 -46.74 30.13 -28.08
N ASP C 185 -46.49 31.44 -27.82
CA ASP C 185 -45.23 31.93 -27.27
C ASP C 185 -44.90 31.28 -25.91
N GLY C 186 -43.64 30.91 -25.74
CA GLY C 186 -43.18 30.26 -24.52
C GLY C 186 -41.69 29.97 -24.51
N VAL C 187 -41.16 29.42 -23.41
CA VAL C 187 -39.73 29.12 -23.29
C VAL C 187 -39.53 27.63 -22.97
N VAL C 188 -38.53 26.98 -23.59
CA VAL C 188 -38.24 25.57 -23.34
C VAL C 188 -36.76 25.33 -23.03
N LEU C 189 -36.48 24.62 -21.92
CA LEU C 189 -35.14 24.20 -21.51
C LEU C 189 -34.97 22.76 -21.98
N PHE C 190 -33.87 22.48 -22.65
CA PHE C 190 -33.51 21.15 -23.16
C PHE C 190 -32.29 20.67 -22.38
N LYS C 191 -32.24 19.35 -22.10
CA LYS C 191 -31.13 18.77 -21.35
C LYS C 191 -30.84 17.32 -21.82
N LYS C 192 -29.58 16.86 -21.70
CA LYS C 192 -29.21 15.50 -22.13
C LYS C 192 -29.33 14.44 -21.00
N PHE C 193 -30.11 14.76 -19.96
CA PHE C 193 -30.33 13.89 -18.82
C PHE C 193 -31.79 13.96 -18.33
N ASP C 194 -32.20 13.00 -17.49
CA ASP C 194 -33.51 12.91 -16.85
C ASP C 194 -34.68 12.98 -17.89
N GLU C 195 -35.63 13.93 -17.76
CA GLU C 195 -36.78 14.09 -18.68
C GLU C 195 -36.42 14.63 -20.06
N GLY C 196 -35.19 15.11 -20.23
CA GLY C 196 -34.70 15.66 -21.49
C GLY C 196 -35.21 17.04 -21.86
N ARG C 197 -36.32 17.47 -21.25
CA ARG C 197 -36.94 18.75 -21.58
C ARG C 197 -37.86 19.25 -20.46
N ASN C 198 -37.85 20.57 -20.22
CA ASN C 198 -38.70 21.26 -19.25
C ASN C 198 -39.34 22.47 -19.94
N ASN C 199 -40.66 22.62 -19.83
CA ASN C 199 -41.35 23.74 -20.44
C ASN C 199 -41.59 24.80 -19.38
N PHE C 200 -41.36 26.09 -19.71
CA PHE C 200 -41.58 27.16 -18.74
C PHE C 200 -43.07 27.40 -18.51
N GLU C 201 -43.47 27.49 -17.22
CA GLU C 201 -44.84 27.74 -16.79
C GLU C 201 -44.93 29.06 -15.99
N GLY C 202 -45.85 29.94 -16.37
CA GLY C 202 -46.06 31.22 -15.71
C GLY C 202 -45.89 32.45 -16.59
N GLU C 203 -45.83 33.63 -15.96
CA GLU C 203 -45.65 34.91 -16.64
C GLU C 203 -44.19 35.05 -17.06
N VAL C 204 -43.95 35.44 -18.33
CA VAL C 204 -42.59 35.59 -18.87
C VAL C 204 -41.90 36.87 -18.37
N THR C 205 -41.22 36.76 -17.21
CA THR C 205 -40.41 37.85 -16.60
C THR C 205 -38.95 37.33 -16.46
N LYS C 206 -37.96 38.24 -16.33
CA LYS C 206 -36.56 37.86 -16.16
C LYS C 206 -36.38 36.99 -14.90
N GLU C 207 -37.02 37.40 -13.79
CA GLU C 207 -36.99 36.72 -12.49
C GLU C 207 -37.59 35.32 -12.51
N ASN C 208 -38.80 35.16 -13.07
CA ASN C 208 -39.47 33.87 -13.17
C ASN C 208 -38.72 32.86 -14.03
N LEU C 209 -38.10 33.35 -15.12
CA LEU C 209 -37.32 32.53 -16.05
C LEU C 209 -36.02 32.01 -15.39
N LEU C 210 -35.29 32.91 -14.72
CA LEU C 210 -34.04 32.56 -14.05
C LEU C 210 -34.27 31.57 -12.90
N ASP C 211 -35.36 31.74 -12.13
CA ASP C 211 -35.71 30.83 -11.05
C ASP C 211 -36.07 29.45 -11.59
N PHE C 212 -36.82 29.41 -12.71
CA PHE C 212 -37.18 28.15 -13.37
C PHE C 212 -35.95 27.41 -13.91
N ILE C 213 -35.04 28.14 -14.60
CA ILE C 213 -33.83 27.57 -15.15
C ILE C 213 -32.91 27.06 -14.03
N LYS C 214 -32.69 27.87 -12.97
CA LYS C 214 -31.85 27.51 -11.82
C LYS C 214 -32.27 26.19 -11.16
N HIS C 215 -33.59 25.99 -11.05
CA HIS C 215 -34.23 24.80 -10.48
C HIS C 215 -34.13 23.53 -11.37
N ASN C 216 -34.12 23.70 -12.71
CA ASN C 216 -34.14 22.57 -13.67
C ASN C 216 -32.88 22.36 -14.54
N GLN C 217 -31.81 23.15 -14.33
CA GLN C 217 -30.56 23.01 -15.10
C GLN C 217 -29.62 21.93 -14.54
N LEU C 218 -29.90 21.42 -13.33
CA LEU C 218 -29.05 20.40 -12.73
C LEU C 218 -29.71 19.03 -12.69
N PRO C 219 -28.95 17.97 -12.98
CA PRO C 219 -29.52 16.61 -12.89
C PRO C 219 -29.81 16.25 -11.45
N LEU C 220 -30.72 15.29 -11.26
CA LEU C 220 -31.19 14.92 -9.94
C LEU C 220 -30.08 14.43 -8.99
N VAL C 221 -29.39 13.33 -9.35
CA VAL C 221 -28.31 12.76 -8.54
C VAL C 221 -27.07 12.59 -9.41
N ILE C 222 -25.96 13.19 -9.00
CA ILE C 222 -24.73 13.21 -9.80
C ILE C 222 -23.64 12.28 -9.24
N GLU C 223 -22.92 11.54 -10.10
CA GLU C 223 -21.83 10.70 -9.67
C GLU C 223 -20.60 11.57 -9.53
N PHE C 224 -19.91 11.45 -8.40
CA PHE C 224 -18.70 12.23 -8.19
C PHE C 224 -17.49 11.60 -8.86
N THR C 225 -16.95 12.32 -9.85
CA THR C 225 -15.76 11.96 -10.60
C THR C 225 -14.94 13.24 -10.81
N GLU C 226 -13.68 13.12 -11.26
CA GLU C 226 -12.88 14.29 -11.58
C GLU C 226 -13.50 15.08 -12.75
N GLN C 227 -14.32 14.44 -13.61
CA GLN C 227 -14.98 15.09 -14.74
C GLN C 227 -16.25 15.87 -14.33
N THR C 228 -16.95 15.42 -13.28
CA THR C 228 -18.18 16.06 -12.77
C THR C 228 -17.92 17.09 -11.68
N ALA C 229 -16.81 16.93 -10.94
CA ALA C 229 -16.38 17.84 -9.87
C ALA C 229 -16.36 19.32 -10.26
N PRO C 230 -15.71 19.73 -11.37
CA PRO C 230 -15.72 21.15 -11.74
C PRO C 230 -17.13 21.69 -11.97
N LYS C 231 -18.05 20.87 -12.50
CA LYS C 231 -19.42 21.32 -12.74
C LYS C 231 -20.20 21.48 -11.44
N ILE C 232 -19.96 20.57 -10.49
CA ILE C 232 -20.62 20.61 -9.19
C ILE C 232 -20.13 21.83 -8.39
N PHE C 233 -18.81 21.98 -8.26
CA PHE C 233 -18.24 23.01 -7.40
C PHE C 233 -18.01 24.36 -8.07
N GLY C 234 -18.13 24.42 -9.39
CA GLY C 234 -18.09 25.69 -10.10
C GLY C 234 -19.43 26.42 -10.01
N GLY C 235 -20.49 25.66 -9.69
CA GLY C 235 -21.86 26.09 -9.53
C GLY C 235 -22.14 26.91 -8.29
N GLU C 236 -23.24 27.67 -8.31
CA GLU C 236 -23.59 28.53 -7.19
C GLU C 236 -24.31 27.83 -6.05
N ILE C 237 -24.57 26.52 -6.16
CA ILE C 237 -25.22 25.77 -5.08
C ILE C 237 -24.20 25.53 -3.93
N LYS C 238 -24.37 26.27 -2.81
CA LYS C 238 -23.46 26.18 -1.67
C LYS C 238 -23.85 25.11 -0.66
N THR C 239 -24.83 24.26 -0.95
CA THR C 239 -25.23 23.17 -0.05
C THR C 239 -25.26 21.88 -0.86
N HIS C 240 -24.49 20.90 -0.40
CA HIS C 240 -24.38 19.62 -1.10
C HIS C 240 -24.60 18.45 -0.17
N ILE C 241 -25.09 17.35 -0.71
CA ILE C 241 -25.29 16.14 0.07
C ILE C 241 -24.63 14.99 -0.66
N LEU C 242 -23.77 14.25 0.05
CA LEU C 242 -22.98 13.14 -0.48
C LEU C 242 -23.36 11.79 0.09
N LEU C 243 -23.58 10.83 -0.81
CA LEU C 243 -23.87 9.46 -0.48
C LEU C 243 -22.69 8.60 -0.89
N PHE C 244 -21.98 8.04 0.09
CA PHE C 244 -20.88 7.13 -0.17
C PHE C 244 -21.55 5.78 -0.33
N LEU C 245 -21.56 5.26 -1.54
CA LEU C 245 -22.26 4.02 -1.86
C LEU C 245 -21.30 3.02 -2.51
N PRO C 246 -20.89 1.99 -1.75
CA PRO C 246 -19.99 0.97 -2.33
C PRO C 246 -20.67 0.15 -3.42
N LYS C 247 -19.99 -0.10 -4.55
CA LYS C 247 -20.56 -0.94 -5.61
C LYS C 247 -20.82 -2.38 -5.11
N SER C 248 -20.13 -2.81 -4.03
CA SER C 248 -20.28 -4.12 -3.38
C SER C 248 -21.49 -4.20 -2.44
N VAL C 249 -22.22 -3.09 -2.24
CA VAL C 249 -23.39 -3.08 -1.35
C VAL C 249 -24.58 -3.83 -1.94
N SER C 250 -25.34 -4.52 -1.08
CA SER C 250 -26.52 -5.25 -1.52
C SER C 250 -27.59 -4.24 -1.91
N ASP C 251 -28.31 -4.50 -3.03
CA ASP C 251 -29.38 -3.64 -3.53
C ASP C 251 -28.88 -2.22 -3.77
N TYR C 252 -27.79 -2.12 -4.53
CA TYR C 252 -27.16 -0.86 -4.89
C TYR C 252 -28.18 0.08 -5.59
N ASP C 253 -28.87 -0.45 -6.62
CA ASP C 253 -29.84 0.27 -7.43
C ASP C 253 -31.02 0.82 -6.63
N GLY C 254 -31.52 0.02 -5.69
CA GLY C 254 -32.63 0.38 -4.82
C GLY C 254 -32.32 1.48 -3.83
N LYS C 255 -31.11 1.42 -3.26
CA LYS C 255 -30.62 2.43 -2.33
C LYS C 255 -30.35 3.76 -3.05
N LEU C 256 -29.84 3.67 -4.31
CA LEU C 256 -29.59 4.82 -5.19
C LEU C 256 -30.94 5.45 -5.63
N SER C 257 -31.96 4.61 -5.85
CA SER C 257 -33.30 5.08 -6.18
C SER C 257 -33.94 5.81 -4.99
N ASN C 258 -33.67 5.37 -3.73
CA ASN C 258 -34.19 6.06 -2.53
C ASN C 258 -33.58 7.46 -2.42
N PHE C 259 -32.29 7.60 -2.75
CA PHE C 259 -31.58 8.88 -2.75
C PHE C 259 -32.17 9.80 -3.84
N LYS C 260 -32.44 9.24 -5.04
CA LYS C 260 -33.05 9.97 -6.16
C LYS C 260 -34.44 10.49 -5.79
N THR C 261 -35.26 9.65 -5.16
CA THR C 261 -36.61 10.01 -4.72
C THR C 261 -36.60 11.18 -3.74
N ALA C 262 -35.64 11.19 -2.81
CA ALA C 262 -35.50 12.27 -1.86
C ALA C 262 -35.09 13.58 -2.55
N ALA C 263 -34.17 13.49 -3.53
CA ALA C 263 -33.62 14.62 -4.30
C ALA C 263 -34.68 15.45 -5.05
N GLU C 264 -35.78 14.82 -5.44
CA GLU C 264 -36.87 15.52 -6.14
C GLU C 264 -37.45 16.67 -5.30
N SER C 265 -37.40 16.55 -3.97
CA SER C 265 -37.94 17.57 -3.07
C SER C 265 -37.04 18.81 -2.89
N PHE C 266 -35.78 18.73 -3.34
CA PHE C 266 -34.80 19.80 -3.10
C PHE C 266 -34.11 20.36 -4.34
N LYS C 267 -34.72 20.15 -5.53
CA LYS C 267 -34.17 20.60 -6.82
C LYS C 267 -33.84 22.09 -6.79
N GLY C 268 -32.58 22.39 -7.08
CA GLY C 268 -32.10 23.77 -7.09
C GLY C 268 -31.67 24.31 -5.74
N LYS C 269 -31.92 23.58 -4.65
CA LYS C 269 -31.57 24.05 -3.31
C LYS C 269 -30.41 23.28 -2.71
N ILE C 270 -30.47 21.95 -2.76
CA ILE C 270 -29.42 21.08 -2.26
C ILE C 270 -29.04 20.18 -3.40
N LEU C 271 -27.74 20.09 -3.70
CA LEU C 271 -27.30 19.22 -4.79
C LEU C 271 -26.95 17.81 -4.29
N PHE C 272 -27.57 16.80 -4.91
CA PHE C 272 -27.40 15.41 -4.50
C PHE C 272 -26.30 14.70 -5.29
N ILE C 273 -25.30 14.19 -4.57
CA ILE C 273 -24.14 13.52 -5.16
C ILE C 273 -23.93 12.15 -4.54
N PHE C 274 -23.57 11.15 -5.36
CA PHE C 274 -23.20 9.84 -4.87
C PHE C 274 -21.74 9.52 -5.33
N ILE C 275 -21.02 8.66 -4.59
CA ILE C 275 -19.64 8.30 -4.92
C ILE C 275 -19.34 6.83 -4.56
N ASP C 276 -18.60 6.11 -5.43
CA ASP C 276 -18.21 4.71 -5.14
C ASP C 276 -17.09 4.65 -4.07
N SER C 277 -17.45 4.22 -2.86
CA SER C 277 -16.49 4.12 -1.76
C SER C 277 -15.54 2.94 -1.86
N ASP C 278 -15.78 1.99 -2.77
CA ASP C 278 -14.85 0.86 -2.94
C ASP C 278 -13.66 1.25 -3.82
N HIS C 279 -13.85 2.21 -4.75
CA HIS C 279 -12.81 2.64 -5.66
C HIS C 279 -11.69 3.41 -4.97
N THR C 280 -10.45 3.06 -5.31
CA THR C 280 -9.23 3.67 -4.76
C THR C 280 -9.09 5.14 -5.14
N ASP C 281 -9.56 5.55 -6.32
CA ASP C 281 -9.48 6.94 -6.75
C ASP C 281 -10.27 7.89 -5.83
N ASN C 282 -11.32 7.37 -5.20
CA ASN C 282 -12.17 8.13 -4.30
C ASN C 282 -11.72 8.07 -2.82
N GLN C 283 -10.51 7.59 -2.56
CA GLN C 283 -9.99 7.43 -1.22
C GLN C 283 -9.74 8.74 -0.52
N ARG C 284 -9.18 9.73 -1.22
CA ARG C 284 -8.87 11.02 -0.61
C ARG C 284 -10.11 11.71 -0.03
N ILE C 285 -11.24 11.54 -0.71
CA ILE C 285 -12.51 12.12 -0.32
C ILE C 285 -13.03 11.39 0.96
N LEU C 286 -12.91 10.06 1.00
CA LEU C 286 -13.29 9.28 2.18
C LEU C 286 -12.45 9.68 3.39
N GLU C 287 -11.15 9.87 3.16
CA GLU C 287 -10.21 10.28 4.19
C GLU C 287 -10.48 11.72 4.66
N PHE C 288 -10.94 12.59 3.73
CA PHE C 288 -11.31 13.98 4.07
C PHE C 288 -12.48 14.02 5.07
N PHE C 289 -13.37 13.04 4.99
CA PHE C 289 -14.49 12.96 5.91
C PHE C 289 -14.21 12.09 7.17
N GLY C 290 -13.00 11.56 7.29
CA GLY C 290 -12.63 10.67 8.40
C GLY C 290 -13.38 9.35 8.35
N LEU C 291 -13.68 8.89 7.13
CA LEU C 291 -14.47 7.69 6.92
C LEU C 291 -13.65 6.54 6.40
N LYS C 292 -14.01 5.34 6.86
CA LYS C 292 -13.45 4.07 6.43
C LYS C 292 -14.43 3.41 5.44
N LYS C 293 -13.95 2.47 4.62
CA LYS C 293 -14.81 1.77 3.65
C LYS C 293 -15.87 0.89 4.36
N GLU C 294 -15.55 0.40 5.57
CA GLU C 294 -16.46 -0.42 6.39
C GLU C 294 -17.60 0.38 7.01
N GLU C 295 -17.43 1.71 7.14
CA GLU C 295 -18.46 2.63 7.63
C GLU C 295 -19.46 3.07 6.53
N CYS C 296 -19.21 2.67 5.26
CA CYS C 296 -20.04 2.94 4.10
C CYS C 296 -21.08 1.84 3.90
N PRO C 297 -22.28 2.18 3.42
CA PRO C 297 -22.73 3.50 2.95
C PRO C 297 -23.05 4.50 4.04
N ALA C 298 -22.70 5.74 3.74
CA ALA C 298 -22.90 6.85 4.66
C ALA C 298 -23.31 8.10 3.90
N VAL C 299 -23.98 9.01 4.61
CA VAL C 299 -24.44 10.26 4.02
C VAL C 299 -23.92 11.45 4.80
N ARG C 300 -23.43 12.45 4.10
CA ARG C 300 -22.92 13.67 4.71
C ARG C 300 -23.42 14.87 3.95
N LEU C 301 -23.62 15.97 4.64
CA LEU C 301 -24.06 17.21 4.00
C LEU C 301 -23.05 18.31 4.34
N ILE C 302 -22.75 19.16 3.36
CA ILE C 302 -21.77 20.22 3.51
C ILE C 302 -22.26 21.57 3.02
N THR C 303 -21.85 22.62 3.72
CA THR C 303 -22.14 23.99 3.30
C THR C 303 -20.81 24.58 2.89
N LEU C 304 -20.74 25.16 1.70
CA LEU C 304 -19.51 25.74 1.18
C LEU C 304 -19.40 27.24 1.36
N GLU C 305 -20.23 27.83 2.22
CA GLU C 305 -20.22 29.26 2.44
C GLU C 305 -19.06 29.67 3.30
N GLU C 306 -17.86 29.84 2.68
CA GLU C 306 -16.58 30.30 3.26
C GLU C 306 -15.97 29.30 4.27
N GLU C 307 -16.70 28.99 5.34
CA GLU C 307 -16.31 28.03 6.37
C GLU C 307 -17.06 26.75 6.05
N MET C 308 -16.35 25.80 5.46
CA MET C 308 -16.95 24.53 5.09
C MET C 308 -17.41 23.75 6.31
N THR C 309 -18.73 23.70 6.54
CA THR C 309 -19.28 23.01 7.71
C THR C 309 -19.98 21.73 7.30
N LYS C 310 -19.71 20.65 8.03
CA LYS C 310 -20.27 19.34 7.74
C LYS C 310 -21.41 18.96 8.68
N TYR C 311 -22.34 18.13 8.19
CA TYR C 311 -23.52 17.65 8.91
C TYR C 311 -23.75 16.17 8.61
N LYS C 312 -24.28 15.45 9.57
CA LYS C 312 -24.53 14.02 9.43
C LYS C 312 -25.90 13.69 10.01
N PRO C 313 -26.66 12.79 9.37
CA PRO C 313 -27.96 12.40 9.94
C PRO C 313 -27.84 11.71 11.29
N GLU C 314 -28.85 11.87 12.16
CA GLU C 314 -28.85 11.20 13.47
C GLU C 314 -29.11 9.68 13.29
N SER C 315 -29.86 9.31 12.22
CA SER C 315 -30.19 7.93 11.84
C SER C 315 -29.48 7.57 10.53
N GLU C 316 -28.85 6.39 10.47
CA GLU C 316 -28.23 5.96 9.22
C GLU C 316 -29.15 5.01 8.43
N GLU C 317 -30.48 5.22 8.53
CA GLU C 317 -31.47 4.49 7.77
C GLU C 317 -31.54 5.27 6.47
N LEU C 318 -31.10 4.67 5.38
CA LEU C 318 -30.99 5.40 4.12
C LEU C 318 -32.20 5.19 3.18
N THR C 319 -33.41 5.56 3.70
CA THR C 319 -34.68 5.53 2.95
C THR C 319 -35.01 6.93 2.40
N ALA C 320 -35.86 7.00 1.35
CA ALA C 320 -36.24 8.28 0.75
C ALA C 320 -36.85 9.28 1.76
N GLU C 321 -37.60 8.77 2.74
CA GLU C 321 -38.22 9.58 3.80
C GLU C 321 -37.17 10.18 4.74
N ARG C 322 -36.24 9.35 5.24
CA ARG C 322 -35.20 9.78 6.18
C ARG C 322 -34.21 10.78 5.58
N ILE C 323 -33.91 10.64 4.28
CA ILE C 323 -33.02 11.57 3.57
C ILE C 323 -33.74 12.92 3.40
N THR C 324 -35.05 12.88 3.07
CA THR C 324 -35.89 14.07 2.94
C THR C 324 -36.02 14.76 4.30
N GLU C 325 -36.31 14.01 5.37
CA GLU C 325 -36.44 14.59 6.71
C GLU C 325 -35.14 15.21 7.21
N PHE C 326 -33.99 14.57 6.92
CA PHE C 326 -32.67 15.10 7.31
C PHE C 326 -32.42 16.45 6.60
N CYS C 327 -32.73 16.53 5.29
CA CYS C 327 -32.54 17.75 4.50
C CYS C 327 -33.43 18.88 5.00
N HIS C 328 -34.69 18.56 5.35
CA HIS C 328 -35.60 19.56 5.89
C HIS C 328 -35.11 20.08 7.24
N ARG C 329 -34.68 19.17 8.15
CA ARG C 329 -34.17 19.56 9.47
C ARG C 329 -32.91 20.42 9.39
N PHE C 330 -32.08 20.15 8.37
CA PHE C 330 -30.89 20.95 8.09
C PHE C 330 -31.33 22.38 7.71
N LEU C 331 -32.25 22.49 6.71
CA LEU C 331 -32.80 23.75 6.20
C LEU C 331 -33.53 24.57 7.28
N GLU C 332 -34.07 23.88 8.30
CA GLU C 332 -34.74 24.49 9.43
C GLU C 332 -33.79 24.90 10.58
N GLY C 333 -32.49 24.66 10.43
CA GLY C 333 -31.49 24.97 11.44
C GLY C 333 -31.58 24.09 12.68
N LYS C 334 -32.20 22.90 12.54
CA LYS C 334 -32.40 21.95 13.63
C LYS C 334 -31.27 20.93 13.80
N ILE C 335 -30.31 20.89 12.86
CA ILE C 335 -29.20 19.95 12.95
C ILE C 335 -27.91 20.69 13.28
N LYS C 336 -27.19 20.20 14.30
CA LYS C 336 -25.94 20.79 14.73
C LYS C 336 -24.79 20.32 13.83
N PRO C 337 -23.77 21.19 13.61
CA PRO C 337 -22.61 20.78 12.83
C PRO C 337 -21.88 19.57 13.41
N HIS C 338 -21.42 18.70 12.51
CA HIS C 338 -20.69 17.50 12.86
C HIS C 338 -19.20 17.79 12.85
N LEU C 339 -18.57 17.69 14.01
CA LEU C 339 -17.13 17.84 14.13
C LEU C 339 -16.58 16.44 14.35
N MET C 340 -15.61 16.03 13.53
CA MET C 340 -15.03 14.68 13.62
C MET C 340 -14.37 14.42 14.96
N SER C 341 -14.47 13.18 15.46
CA SER C 341 -13.80 12.81 16.70
C SER C 341 -13.62 11.32 16.74
N GLN C 342 -12.42 10.90 17.06
CA GLN C 342 -12.11 9.49 17.19
C GLN C 342 -12.62 8.98 18.54
N GLU C 343 -12.67 7.65 18.70
CA GLU C 343 -13.03 7.01 19.94
C GLU C 343 -11.91 7.27 20.94
N LEU C 344 -12.29 7.68 22.16
CA LEU C 344 -11.32 7.98 23.19
C LEU C 344 -10.62 6.68 23.64
N PRO C 345 -9.29 6.62 23.50
CA PRO C 345 -8.56 5.41 23.92
C PRO C 345 -8.70 5.17 25.41
N GLU C 346 -8.81 3.90 25.79
CA GLU C 346 -8.94 3.53 27.20
C GLU C 346 -7.76 4.05 28.05
N ASP C 347 -6.56 4.14 27.44
CA ASP C 347 -5.33 4.55 28.11
C ASP C 347 -4.93 5.99 27.81
N TRP C 348 -5.86 6.83 27.34
CA TRP C 348 -5.55 8.20 26.95
C TRP C 348 -4.74 9.00 27.99
N ASP C 349 -4.98 8.76 29.29
CA ASP C 349 -4.32 9.50 30.38
C ASP C 349 -3.23 8.72 31.12
N LYS C 350 -2.97 7.47 30.71
CA LYS C 350 -1.99 6.60 31.35
C LYS C 350 -0.54 7.06 31.11
N GLN C 351 -0.30 7.64 29.94
CA GLN C 351 1.02 8.09 29.50
C GLN C 351 1.35 9.51 29.94
N PRO C 352 2.65 9.90 29.99
CA PRO C 352 3.00 11.28 30.37
C PRO C 352 2.36 12.31 29.44
N VAL C 353 2.29 11.98 28.14
CA VAL C 353 1.64 12.77 27.11
C VAL C 353 0.20 12.24 26.97
N LYS C 354 -0.78 13.11 27.33
CA LYS C 354 -2.18 12.73 27.30
C LYS C 354 -2.69 12.75 25.86
N VAL C 355 -3.51 11.77 25.51
CA VAL C 355 -4.06 11.69 24.17
C VAL C 355 -5.44 12.33 24.12
N LEU C 356 -5.63 13.29 23.22
CA LEU C 356 -6.91 13.94 23.07
C LEU C 356 -7.57 13.56 21.75
N VAL C 357 -8.91 13.59 21.77
CA VAL C 357 -9.83 13.40 20.65
C VAL C 357 -10.89 14.54 20.76
N GLY C 358 -11.69 14.76 19.71
CA GLY C 358 -12.70 15.81 19.72
C GLY C 358 -13.63 15.77 20.91
N LYS C 359 -13.99 14.56 21.36
CA LYS C 359 -14.90 14.28 22.50
C LYS C 359 -14.41 14.77 23.88
N ASN C 360 -13.11 14.67 24.15
CA ASN C 360 -12.56 15.07 25.45
C ASN C 360 -11.71 16.35 25.42
N PHE C 361 -11.45 16.89 24.22
CA PHE C 361 -10.61 18.07 24.07
C PHE C 361 -11.04 19.23 24.98
N GLU C 362 -12.31 19.61 24.91
CA GLU C 362 -12.88 20.72 25.65
C GLU C 362 -12.70 20.61 27.17
N ASP C 363 -13.08 19.48 27.80
CA ASP C 363 -12.97 19.37 29.25
C ASP C 363 -11.50 19.21 29.73
N VAL C 364 -10.59 18.78 28.84
CA VAL C 364 -9.20 18.63 29.23
C VAL C 364 -8.42 19.94 29.03
N ALA C 365 -8.42 20.47 27.80
CA ALA C 365 -7.69 21.69 27.43
C ALA C 365 -8.16 22.93 28.19
N PHE C 366 -9.47 23.03 28.44
CA PHE C 366 -10.04 24.18 29.13
C PHE C 366 -10.29 23.94 30.62
N ASP C 367 -9.48 23.07 31.25
CA ASP C 367 -9.59 22.84 32.68
C ASP C 367 -8.94 24.04 33.40
N GLU C 368 -9.78 24.81 34.12
CA GLU C 368 -9.43 26.01 34.90
C GLU C 368 -8.26 25.81 35.88
N LYS C 369 -8.04 24.57 36.30
CA LYS C 369 -6.98 24.21 37.25
C LYS C 369 -5.66 23.81 36.56
N LYS C 370 -5.68 23.61 35.23
CA LYS C 370 -4.53 23.10 34.49
C LYS C 370 -4.00 24.01 33.37
N ASN C 371 -2.65 24.01 33.23
CA ASN C 371 -1.86 24.67 32.19
C ASN C 371 -1.55 23.58 31.15
N VAL C 372 -2.37 23.53 30.11
CA VAL C 372 -2.31 22.48 29.11
C VAL C 372 -1.60 22.92 27.84
N PHE C 373 -0.60 22.15 27.41
CA PHE C 373 0.13 22.41 26.16
C PHE C 373 -0.19 21.29 25.17
N VAL C 374 -0.86 21.65 24.07
CA VAL C 374 -1.33 20.67 23.10
C VAL C 374 -0.62 20.73 21.76
N GLU C 375 -0.19 19.55 21.26
CA GLU C 375 0.39 19.40 19.95
C GLU C 375 -0.71 18.92 19.01
N PHE C 376 -0.99 19.67 17.95
CA PHE C 376 -1.95 19.27 16.94
C PHE C 376 -1.11 18.77 15.78
N TYR C 377 -1.16 17.45 15.53
CA TYR C 377 -0.28 16.82 14.54
C TYR C 377 -1.00 16.01 13.46
N ALA C 378 -0.25 15.58 12.44
CA ALA C 378 -0.73 14.71 11.39
C ALA C 378 0.19 13.47 11.35
N PRO C 379 -0.36 12.24 11.35
CA PRO C 379 0.50 11.05 11.39
C PRO C 379 1.45 10.90 10.24
N TRP C 380 1.09 11.43 9.06
CA TRP C 380 1.92 11.35 7.85
C TRP C 380 2.95 12.48 7.69
N CYS C 381 2.85 13.52 8.53
CA CYS C 381 3.71 14.67 8.45
C CYS C 381 5.09 14.41 8.95
N GLY C 382 6.07 14.64 8.08
CA GLY C 382 7.48 14.45 8.40
C GLY C 382 7.94 15.29 9.56
N HIS C 383 7.55 16.55 9.60
CA HIS C 383 7.93 17.47 10.65
C HIS C 383 7.28 17.14 11.99
N CYS C 384 6.11 16.52 11.97
CA CYS C 384 5.46 16.07 13.18
C CYS C 384 6.18 14.84 13.72
N LYS C 385 6.60 13.91 12.84
CA LYS C 385 7.35 12.72 13.23
C LYS C 385 8.66 13.10 13.91
N GLN C 386 9.33 14.14 13.40
CA GLN C 386 10.58 14.65 13.98
C GLN C 386 10.33 15.34 15.31
N LEU C 387 9.15 15.94 15.52
CA LEU C 387 8.82 16.61 16.77
C LEU C 387 8.42 15.61 17.86
N ALA C 388 7.76 14.52 17.49
CA ALA C 388 7.27 13.51 18.42
C ALA C 388 8.26 13.09 19.54
N PRO C 389 9.54 12.76 19.27
CA PRO C 389 10.45 12.40 20.36
C PRO C 389 10.73 13.55 21.32
N ILE C 390 10.69 14.80 20.85
CA ILE C 390 10.89 15.97 21.70
C ILE C 390 9.68 16.18 22.58
N TRP C 391 8.48 15.99 22.02
CA TRP C 391 7.22 16.13 22.75
C TRP C 391 7.06 15.05 23.83
N ASP C 392 7.49 13.82 23.53
CA ASP C 392 7.47 12.70 24.49
C ASP C 392 8.42 13.02 25.68
N LYS C 393 9.59 13.58 25.38
CA LYS C 393 10.60 13.99 26.36
C LYS C 393 10.10 15.16 27.20
N LEU C 394 9.28 16.04 26.62
CA LEU C 394 8.67 17.16 27.34
C LEU C 394 7.61 16.60 28.30
N GLY C 395 6.77 15.68 27.82
CA GLY C 395 5.76 15.00 28.63
C GLY C 395 6.36 14.27 29.81
N GLU C 396 7.45 13.53 29.57
CA GLU C 396 8.20 12.79 30.58
C GLU C 396 8.82 13.73 31.66
N THR C 397 9.20 14.95 31.25
CA THR C 397 9.77 15.96 32.16
C THR C 397 8.73 16.51 33.13
N TYR C 398 7.54 16.82 32.62
CA TYR C 398 6.49 17.43 33.43
C TYR C 398 5.40 16.45 33.89
N LYS C 399 5.63 15.14 33.77
CA LYS C 399 4.64 14.12 34.10
C LYS C 399 4.06 14.23 35.51
N ASP C 400 4.88 14.61 36.48
CA ASP C 400 4.45 14.73 37.86
C ASP C 400 4.27 16.19 38.30
N HIS C 401 4.09 17.11 37.33
CA HIS C 401 3.88 18.51 37.64
C HIS C 401 2.45 18.69 38.11
N GLU C 402 2.28 19.47 39.16
CA GLU C 402 1.00 19.73 39.81
C GLU C 402 -0.10 20.27 38.89
N ASN C 403 0.27 21.17 37.97
CA ASN C 403 -0.69 21.83 37.11
C ASN C 403 -0.36 21.82 35.61
N ILE C 404 0.82 21.32 35.20
CA ILE C 404 1.16 21.31 33.76
C ILE C 404 0.82 19.98 33.13
N VAL C 405 0.09 20.03 32.02
CA VAL C 405 -0.31 18.84 31.29
C VAL C 405 0.20 18.93 29.84
N ILE C 406 0.92 17.91 29.40
CA ILE C 406 1.38 17.85 28.02
C ILE C 406 0.43 16.89 27.29
N ALA C 407 -0.12 17.35 26.17
CA ALA C 407 -1.10 16.57 25.42
C ALA C 407 -0.91 16.64 23.88
N LYS C 408 -1.53 15.71 23.13
CA LYS C 408 -1.47 15.69 21.69
C LYS C 408 -2.79 15.23 21.10
N MET C 409 -3.11 15.73 19.90
CA MET C 409 -4.32 15.38 19.18
C MET C 409 -4.06 15.21 17.71
N ASP C 410 -4.53 14.09 17.14
CA ASP C 410 -4.41 13.85 15.71
C ASP C 410 -5.45 14.73 15.01
N SER C 411 -5.01 15.83 14.40
CA SER C 411 -5.92 16.76 13.75
C SER C 411 -6.41 16.32 12.38
N THR C 412 -5.94 15.19 11.86
CA THR C 412 -6.46 14.66 10.60
C THR C 412 -7.79 13.92 10.79
N ALA C 413 -7.97 13.33 12.00
CA ALA C 413 -9.15 12.56 12.37
C ALA C 413 -10.00 13.20 13.49
N ASN C 414 -9.64 14.40 13.95
CA ASN C 414 -10.38 15.10 14.99
C ASN C 414 -10.49 16.57 14.65
N GLU C 415 -11.70 17.11 14.74
CA GLU C 415 -12.01 18.52 14.51
C GLU C 415 -12.63 19.07 15.79
N VAL C 416 -12.19 20.27 16.23
CA VAL C 416 -12.75 20.87 17.43
C VAL C 416 -13.20 22.32 17.14
N GLU C 417 -14.27 22.77 17.80
CA GLU C 417 -14.81 24.10 17.56
C GLU C 417 -13.94 25.23 18.07
N ALA C 418 -13.28 25.02 19.21
CA ALA C 418 -12.46 26.07 19.81
C ALA C 418 -11.22 26.42 18.99
N VAL C 419 -10.51 25.39 18.50
CA VAL C 419 -9.28 25.58 17.75
C VAL C 419 -9.36 25.03 16.32
N LYS C 420 -8.95 25.85 15.33
CA LYS C 420 -8.93 25.40 13.96
C LYS C 420 -7.48 25.39 13.52
N VAL C 421 -7.00 24.25 13.02
CA VAL C 421 -5.62 24.00 12.63
C VAL C 421 -5.52 23.79 11.14
N HIS C 422 -4.59 24.50 10.48
CA HIS C 422 -4.41 24.30 9.04
C HIS C 422 -2.96 24.03 8.61
N SER C 423 -2.05 23.95 9.58
CA SER C 423 -0.64 23.60 9.37
C SER C 423 -0.23 22.59 10.46
N PHE C 424 0.78 21.77 10.17
CA PHE C 424 1.21 20.75 11.12
C PHE C 424 2.71 20.73 11.27
N PRO C 425 3.20 20.69 12.50
CA PRO C 425 2.46 20.75 13.76
C PRO C 425 2.10 22.17 14.19
N THR C 426 0.94 22.30 14.83
CA THR C 426 0.51 23.56 15.44
C THR C 426 0.53 23.31 16.96
N LEU C 427 1.13 24.23 17.71
CA LEU C 427 1.24 24.08 19.16
C LEU C 427 0.52 25.22 19.88
N LYS C 428 -0.49 24.88 20.70
CA LYS C 428 -1.23 25.89 21.45
C LYS C 428 -1.26 25.57 22.93
N PHE C 429 -1.13 26.62 23.74
CA PHE C 429 -1.11 26.55 25.18
C PHE C 429 -2.38 27.13 25.78
N PHE C 430 -2.93 26.44 26.75
CA PHE C 430 -4.16 26.80 27.41
C PHE C 430 -3.87 26.99 28.89
N PRO C 431 -3.58 28.25 29.33
CA PRO C 431 -3.27 28.49 30.74
C PRO C 431 -4.44 28.27 31.69
N ALA C 432 -4.12 27.90 32.94
CA ALA C 432 -5.09 27.61 34.01
C ALA C 432 -6.00 28.79 34.28
N SER C 433 -7.18 28.76 33.65
CA SER C 433 -8.18 29.82 33.73
C SER C 433 -9.55 29.36 33.19
N ALA C 434 -10.62 30.03 33.61
CA ALA C 434 -11.98 29.75 33.14
C ALA C 434 -12.43 30.73 32.04
N ASP C 435 -11.55 31.68 31.60
CA ASP C 435 -11.86 32.62 30.52
C ASP C 435 -11.33 32.14 29.15
N ARG C 436 -11.05 30.82 29.01
CA ARG C 436 -10.63 30.12 27.79
C ARG C 436 -9.45 30.73 27.06
N THR C 437 -8.42 31.20 27.80
CA THR C 437 -7.22 31.81 27.23
C THR C 437 -6.46 30.81 26.36
N VAL C 438 -6.02 31.24 25.16
CA VAL C 438 -5.23 30.40 24.25
C VAL C 438 -4.04 31.22 23.80
N ILE C 439 -2.84 30.65 23.94
CA ILE C 439 -1.60 31.29 23.49
C ILE C 439 -0.92 30.39 22.45
N ASP C 440 -0.69 30.95 21.26
CA ASP C 440 -0.07 30.23 20.16
C ASP C 440 1.44 30.21 20.36
N TYR C 441 2.06 29.02 20.20
CA TYR C 441 3.51 28.90 20.36
C TYR C 441 4.20 29.05 19.03
N ASN C 442 4.93 30.15 18.84
CA ASN C 442 5.62 30.41 17.59
C ASN C 442 7.14 30.32 17.70
N GLY C 443 7.65 29.74 18.78
CA GLY C 443 9.09 29.63 18.98
C GLY C 443 9.72 28.38 18.38
N GLU C 444 11.03 28.21 18.60
CA GLU C 444 11.79 27.06 18.12
C GLU C 444 11.30 25.74 18.73
N ARG C 445 11.15 24.72 17.90
CA ARG C 445 10.64 23.43 18.34
C ARG C 445 11.72 22.58 19.01
N THR C 446 12.26 23.08 20.13
CA THR C 446 13.29 22.42 20.93
C THR C 446 12.79 22.24 22.36
N LEU C 447 13.31 21.23 23.07
CA LEU C 447 12.96 21.00 24.48
C LEU C 447 13.29 22.25 25.35
N ASP C 448 14.36 22.95 24.98
CA ASP C 448 14.83 24.17 25.63
C ASP C 448 13.81 25.31 25.47
N GLY C 449 13.30 25.48 24.24
CA GLY C 449 12.32 26.50 23.91
C GLY C 449 11.00 26.29 24.64
N PHE C 450 10.55 25.03 24.68
CA PHE C 450 9.32 24.67 25.38
C PHE C 450 9.39 24.93 26.90
N LYS C 451 10.56 24.66 27.52
CA LYS C 451 10.74 24.88 28.96
C LYS C 451 10.66 26.36 29.30
N LYS C 452 11.36 27.21 28.54
CA LYS C 452 11.37 28.66 28.71
C LYS C 452 9.93 29.21 28.64
N PHE C 453 9.19 28.76 27.64
CA PHE C 453 7.81 29.15 27.40
C PHE C 453 6.89 28.76 28.57
N LEU C 454 6.92 27.48 29.00
CA LEU C 454 6.09 26.98 30.11
C LEU C 454 6.41 27.66 31.44
N GLU C 455 7.72 27.84 31.72
CA GLU C 455 8.22 28.49 32.94
C GLU C 455 7.94 29.99 32.98
N SER C 456 7.76 30.63 31.82
CA SER C 456 7.40 32.05 31.74
C SER C 456 5.88 32.29 31.84
N GLY C 457 5.07 31.24 31.93
CA GLY C 457 3.63 31.38 31.98
C GLY C 457 3.05 31.76 30.62
N GLY C 458 3.67 31.24 29.55
CA GLY C 458 3.28 31.45 28.17
C GLY C 458 3.70 32.78 27.56
N GLN C 459 4.58 33.51 28.24
CA GLN C 459 4.99 34.83 27.77
C GLN C 459 6.15 34.80 26.80
N ASP C 460 7.10 33.89 27.01
CA ASP C 460 8.31 33.81 26.21
C ASP C 460 8.27 32.71 25.13
N GLU D 5 28.65 -51.60 26.91
CA GLU D 5 29.25 -50.50 27.66
C GLU D 5 28.16 -49.52 28.07
N GLU D 6 28.14 -49.07 29.33
CA GLU D 6 27.11 -48.12 29.79
C GLU D 6 27.70 -46.84 30.38
N GLU D 7 27.35 -45.68 29.81
CA GLU D 7 27.80 -44.40 30.36
C GLU D 7 26.59 -43.68 30.97
N ASP D 8 26.59 -43.50 32.32
CA ASP D 8 25.51 -42.84 33.07
C ASP D 8 24.11 -43.36 32.70
N HIS D 9 24.00 -44.71 32.68
CA HIS D 9 22.80 -45.51 32.42
C HIS D 9 22.35 -45.52 30.95
N VAL D 10 23.15 -44.95 30.03
CA VAL D 10 22.89 -44.96 28.60
C VAL D 10 23.74 -46.05 27.96
N LEU D 11 23.11 -46.93 27.20
CA LEU D 11 23.80 -48.01 26.52
C LEU D 11 24.59 -47.48 25.32
N VAL D 12 25.88 -47.79 25.25
CA VAL D 12 26.72 -47.38 24.13
C VAL D 12 26.61 -48.44 23.02
N LEU D 13 25.91 -48.10 21.93
CA LEU D 13 25.71 -49.04 20.84
C LEU D 13 26.61 -48.79 19.63
N ARG D 14 27.02 -49.90 19.01
CA ARG D 14 27.88 -49.99 17.83
C ARG D 14 27.24 -51.00 16.85
N LYS D 15 27.67 -51.00 15.57
CA LYS D 15 27.17 -51.92 14.55
C LYS D 15 27.28 -53.39 14.98
N SER D 16 28.30 -53.71 15.79
CA SER D 16 28.56 -55.04 16.30
C SER D 16 27.58 -55.53 17.39
N ASN D 17 27.04 -54.61 18.22
CA ASN D 17 26.13 -55.02 19.31
C ASN D 17 24.69 -54.47 19.19
N PHE D 18 24.40 -53.72 18.12
CA PHE D 18 23.10 -53.12 17.90
C PHE D 18 21.97 -54.14 17.82
N ALA D 19 22.11 -55.18 17.00
CA ALA D 19 21.08 -56.20 16.84
C ALA D 19 20.79 -56.94 18.14
N GLU D 20 21.81 -57.14 18.97
CA GLU D 20 21.70 -57.82 20.25
C GLU D 20 20.94 -56.92 21.24
N ALA D 21 21.24 -55.63 21.25
CA ALA D 21 20.57 -54.67 22.11
C ALA D 21 19.08 -54.52 21.79
N LEU D 22 18.70 -54.52 20.49
CA LEU D 22 17.29 -54.41 20.07
C LEU D 22 16.50 -55.66 20.45
N ALA D 23 17.15 -56.84 20.37
CA ALA D 23 16.53 -58.10 20.74
C ALA D 23 16.38 -58.21 22.27
N ALA D 24 17.33 -57.63 23.04
CA ALA D 24 17.33 -57.65 24.51
C ALA D 24 16.32 -56.69 25.15
N HIS D 25 15.97 -55.60 24.46
CA HIS D 25 15.06 -54.63 25.04
C HIS D 25 13.80 -54.39 24.23
N LYS D 26 12.65 -54.61 24.87
CA LYS D 26 11.34 -54.42 24.27
C LYS D 26 11.11 -52.94 23.93
N TYR D 27 11.60 -52.03 24.79
CA TYR D 27 11.44 -50.60 24.58
C TYR D 27 12.79 -49.90 24.64
N LEU D 28 13.30 -49.51 23.47
CA LEU D 28 14.62 -48.89 23.38
C LEU D 28 14.62 -47.58 22.59
N LEU D 29 15.03 -46.49 23.26
CA LEU D 29 15.17 -45.20 22.62
C LEU D 29 16.65 -45.05 22.24
N VAL D 30 16.94 -44.75 20.97
CA VAL D 30 18.30 -44.60 20.47
C VAL D 30 18.57 -43.20 19.93
N GLU D 31 19.59 -42.54 20.45
CA GLU D 31 20.01 -41.25 19.97
C GLU D 31 21.18 -41.44 18.99
N PHE D 32 21.04 -40.99 17.75
CA PHE D 32 22.13 -41.01 16.78
C PHE D 32 22.72 -39.59 16.86
N TYR D 33 23.99 -39.48 17.30
CA TYR D 33 24.62 -38.19 17.55
C TYR D 33 26.00 -38.02 16.93
N ALA D 34 26.56 -36.81 17.02
CA ALA D 34 27.91 -36.49 16.60
C ALA D 34 28.54 -35.64 17.71
N PRO D 35 29.77 -35.98 18.15
CA PRO D 35 30.38 -35.24 19.27
C PRO D 35 30.66 -33.75 19.09
N TRP D 36 30.66 -33.24 17.85
CA TRP D 36 30.89 -31.81 17.55
C TRP D 36 29.59 -30.99 17.52
N CYS D 37 28.44 -31.64 17.50
CA CYS D 37 27.14 -31.00 17.40
C CYS D 37 26.77 -30.32 18.72
N GLY D 38 26.47 -29.02 18.66
CA GLY D 38 26.08 -28.21 19.81
C GLY D 38 24.85 -28.74 20.50
N HIS D 39 23.85 -29.17 19.71
CA HIS D 39 22.60 -29.72 20.23
C HIS D 39 22.85 -31.03 20.97
N CYS D 40 23.74 -31.89 20.44
CA CYS D 40 24.06 -33.15 21.08
C CYS D 40 24.80 -32.94 22.39
N LYS D 41 25.68 -31.92 22.46
CA LYS D 41 26.40 -31.60 23.70
C LYS D 41 25.44 -31.16 24.78
N ALA D 42 24.44 -30.37 24.40
CA ALA D 42 23.44 -29.88 25.33
C ALA D 42 22.45 -30.96 25.76
N LEU D 43 22.15 -31.92 24.88
CA LEU D 43 21.22 -33.00 25.15
C LEU D 43 21.84 -34.08 26.05
N ALA D 44 23.12 -34.39 25.88
CA ALA D 44 23.81 -35.43 26.66
C ALA D 44 23.48 -35.46 28.18
N PRO D 45 23.59 -34.36 28.97
CA PRO D 45 23.24 -34.43 30.40
C PRO D 45 21.77 -34.70 30.67
N GLU D 46 20.86 -34.20 29.81
CA GLU D 46 19.42 -34.44 29.96
C GLU D 46 19.06 -35.89 29.56
N TYR D 47 19.76 -36.45 28.56
CA TYR D 47 19.55 -37.82 28.11
C TYR D 47 19.98 -38.78 29.22
N ALA D 48 21.12 -38.51 29.86
CA ALA D 48 21.63 -39.32 30.98
C ALA D 48 20.70 -39.23 32.21
N LYS D 49 20.17 -38.02 32.47
CA LYS D 49 19.23 -37.72 33.57
C LYS D 49 17.92 -38.47 33.35
N ALA D 50 17.43 -38.55 32.09
CA ALA D 50 16.22 -39.29 31.76
C ALA D 50 16.45 -40.80 31.92
N ALA D 51 17.63 -41.31 31.49
CA ALA D 51 18.02 -42.73 31.62
C ALA D 51 18.11 -43.16 33.10
N GLY D 52 18.71 -42.31 33.93
CA GLY D 52 18.82 -42.54 35.36
C GLY D 52 17.46 -42.56 36.03
N LYS D 53 16.56 -41.65 35.64
CA LYS D 53 15.20 -41.59 36.18
C LYS D 53 14.40 -42.85 35.83
N LEU D 54 14.48 -43.33 34.57
CA LEU D 54 13.80 -44.55 34.12
C LEU D 54 14.32 -45.79 34.83
N LYS D 55 15.63 -45.82 35.09
CA LYS D 55 16.25 -46.92 35.81
C LYS D 55 15.82 -46.92 37.30
N ALA D 56 15.74 -45.72 37.93
CA ALA D 56 15.31 -45.56 39.34
C ALA D 56 13.84 -45.96 39.53
N GLU D 57 13.01 -45.81 38.51
CA GLU D 57 11.60 -46.22 38.57
C GLU D 57 11.38 -47.71 38.28
N GLY D 58 12.42 -48.42 37.85
CA GLY D 58 12.31 -49.82 37.47
C GLY D 58 11.58 -50.02 36.16
N SER D 59 11.66 -49.03 35.27
CA SER D 59 10.97 -49.08 33.99
C SER D 59 11.69 -50.03 33.03
N GLU D 60 10.92 -50.75 32.18
CA GLU D 60 11.50 -51.61 31.12
C GLU D 60 12.16 -50.77 29.98
N ILE D 61 11.85 -49.46 29.92
CA ILE D 61 12.35 -48.55 28.91
C ILE D 61 13.84 -48.23 29.12
N ARG D 62 14.62 -48.42 28.06
CA ARG D 62 16.05 -48.17 28.09
C ARG D 62 16.49 -47.13 27.07
N LEU D 63 17.54 -46.37 27.42
CA LEU D 63 18.10 -45.32 26.57
C LEU D 63 19.47 -45.74 26.08
N ALA D 64 19.74 -45.44 24.81
CA ALA D 64 20.95 -45.82 24.13
C ALA D 64 21.44 -44.71 23.18
N LYS D 65 22.74 -44.76 22.82
CA LYS D 65 23.32 -43.78 21.91
C LYS D 65 24.25 -44.44 20.90
N VAL D 66 24.28 -43.89 19.69
CA VAL D 66 25.12 -44.35 18.60
C VAL D 66 25.91 -43.16 18.06
N ASP D 67 27.25 -43.24 18.12
CA ASP D 67 28.06 -42.17 17.55
C ASP D 67 28.08 -42.39 16.02
N ALA D 68 27.36 -41.55 15.28
CA ALA D 68 27.27 -41.64 13.82
C ALA D 68 28.56 -41.31 13.07
N THR D 69 29.53 -40.64 13.76
CA THR D 69 30.83 -40.34 13.15
C THR D 69 31.70 -41.61 13.08
N GLU D 70 31.48 -42.60 13.96
CA GLU D 70 32.22 -43.87 13.95
C GLU D 70 31.39 -45.00 13.33
N GLU D 71 30.05 -44.94 13.48
CA GLU D 71 29.10 -45.96 13.00
C GLU D 71 28.26 -45.47 11.83
N SER D 72 28.92 -44.91 10.82
CA SER D 72 28.33 -44.33 9.62
C SER D 72 27.33 -45.23 8.88
N ASP D 73 27.69 -46.50 8.65
CA ASP D 73 26.80 -47.43 7.95
C ASP D 73 25.52 -47.72 8.73
N LEU D 74 25.63 -47.75 10.06
CA LEU D 74 24.49 -48.00 10.94
C LEU D 74 23.54 -46.79 10.94
N ALA D 75 24.11 -45.57 10.93
CA ALA D 75 23.33 -44.33 10.87
C ALA D 75 22.62 -44.21 9.49
N GLN D 76 23.35 -44.59 8.39
CA GLN D 76 22.85 -44.60 7.01
C GLN D 76 21.69 -45.56 6.84
N GLN D 77 21.76 -46.74 7.51
CA GLN D 77 20.71 -47.75 7.50
C GLN D 77 19.38 -47.20 8.02
N TYR D 78 19.43 -46.21 8.96
CA TYR D 78 18.22 -45.61 9.51
C TYR D 78 17.90 -44.20 8.97
N GLY D 79 18.51 -43.82 7.85
CA GLY D 79 18.29 -42.53 7.18
C GLY D 79 18.64 -41.30 8.00
N VAL D 80 19.64 -41.42 8.89
CA VAL D 80 20.07 -40.31 9.73
C VAL D 80 20.85 -39.29 8.91
N ARG D 81 20.25 -38.11 8.71
CA ARG D 81 20.90 -37.01 7.98
C ARG D 81 21.21 -35.77 8.88
N GLY D 82 20.61 -35.75 10.09
CA GLY D 82 20.80 -34.66 11.05
C GLY D 82 21.07 -35.15 12.46
N TYR D 83 21.59 -34.27 13.32
CA TYR D 83 21.91 -34.62 14.70
C TYR D 83 21.40 -33.60 15.73
N PRO D 84 20.83 -34.06 16.85
CA PRO D 84 20.53 -35.45 17.16
C PRO D 84 19.28 -35.94 16.46
N THR D 85 19.34 -37.17 15.95
CA THR D 85 18.19 -37.85 15.38
C THR D 85 17.87 -38.93 16.41
N ILE D 86 16.68 -38.86 17.03
CA ILE D 86 16.30 -39.82 18.06
C ILE D 86 15.18 -40.74 17.57
N LYS D 87 15.40 -42.06 17.66
CA LYS D 87 14.43 -43.06 17.20
C LYS D 87 14.07 -44.10 18.28
N PHE D 88 12.77 -44.34 18.43
CA PHE D 88 12.23 -45.29 19.38
C PHE D 88 11.90 -46.63 18.70
N PHE D 89 12.45 -47.70 19.26
CA PHE D 89 12.28 -49.07 18.79
C PHE D 89 11.41 -49.85 19.75
N ARG D 90 10.33 -50.42 19.23
CA ARG D 90 9.39 -51.20 20.00
C ARG D 90 9.43 -52.66 19.51
N ASN D 91 9.59 -53.61 20.45
CA ASN D 91 9.66 -55.04 20.19
C ASN D 91 10.82 -55.43 19.25
N GLY D 92 11.88 -54.62 19.24
CA GLY D 92 13.02 -54.86 18.36
C GLY D 92 12.72 -54.62 16.88
N ASP D 93 11.59 -53.95 16.56
CA ASP D 93 11.22 -53.67 15.16
C ASP D 93 12.09 -52.54 14.57
N THR D 94 12.94 -52.92 13.62
CA THR D 94 13.87 -52.05 12.92
C THR D 94 13.26 -51.43 11.64
N ALA D 95 12.13 -51.99 11.14
CA ALA D 95 11.46 -51.51 9.91
C ALA D 95 10.70 -50.19 10.10
N SER D 96 10.07 -49.99 11.27
CA SER D 96 9.34 -48.75 11.53
C SER D 96 9.68 -48.08 12.88
N PRO D 97 10.94 -47.65 13.08
CA PRO D 97 11.29 -46.94 14.32
C PRO D 97 10.62 -45.58 14.35
N LYS D 98 9.98 -45.23 15.48
CA LYS D 98 9.29 -43.94 15.55
C LYS D 98 10.23 -42.79 15.96
N GLU D 99 10.30 -41.72 15.16
CA GLU D 99 11.15 -40.56 15.44
C GLU D 99 10.61 -39.75 16.62
N TYR D 100 11.51 -39.32 17.49
CA TYR D 100 11.17 -38.52 18.65
C TYR D 100 11.33 -37.06 18.27
N THR D 101 10.24 -36.27 18.31
CA THR D 101 10.32 -34.86 17.93
C THR D 101 10.04 -33.87 19.08
N ALA D 102 9.64 -34.38 20.26
CA ALA D 102 9.28 -33.59 21.44
C ALA D 102 10.50 -32.93 22.17
N GLY D 103 10.24 -32.05 23.15
CA GLY D 103 11.22 -31.31 23.94
C GLY D 103 12.55 -31.94 24.28
N ARG D 104 13.53 -31.09 24.56
CA ARG D 104 14.92 -31.44 24.87
C ARG D 104 15.23 -31.71 26.34
N GLU D 105 14.26 -31.48 27.22
CA GLU D 105 14.43 -31.68 28.65
C GLU D 105 14.18 -33.16 29.08
N ALA D 106 14.84 -33.64 30.16
CA ALA D 106 14.69 -35.01 30.62
C ALA D 106 13.25 -35.38 30.92
N ASP D 107 12.44 -34.41 31.37
CA ASP D 107 11.05 -34.66 31.67
C ASP D 107 10.19 -34.84 30.42
N ASP D 108 10.49 -34.12 29.33
CA ASP D 108 9.78 -34.25 28.05
C ASP D 108 10.02 -35.65 27.49
N ILE D 109 11.27 -36.12 27.54
CA ILE D 109 11.68 -37.45 27.09
C ILE D 109 10.90 -38.55 27.83
N VAL D 110 10.93 -38.50 29.19
CA VAL D 110 10.26 -39.46 30.07
C VAL D 110 8.75 -39.48 29.80
N ASN D 111 8.14 -38.28 29.69
CA ASN D 111 6.71 -38.17 29.43
C ASN D 111 6.31 -38.70 28.06
N TRP D 112 7.14 -38.45 27.03
CA TRP D 112 6.91 -38.91 25.67
C TRP D 112 6.89 -40.43 25.63
N LEU D 113 7.87 -41.05 26.29
CA LEU D 113 8.01 -42.49 26.37
C LEU D 113 6.82 -43.12 27.11
N LYS D 114 6.49 -42.60 28.30
CA LYS D 114 5.38 -43.14 29.09
C LYS D 114 4.02 -42.96 28.39
N LYS D 115 3.82 -41.86 27.63
CA LYS D 115 2.58 -41.62 26.88
C LYS D 115 2.39 -42.65 25.77
N ARG D 116 3.51 -43.08 25.14
CA ARG D 116 3.50 -44.02 24.04
C ARG D 116 3.48 -45.52 24.46
N THR D 117 4.07 -45.84 25.62
CA THR D 117 4.10 -47.21 26.14
C THR D 117 2.90 -47.55 27.06
N GLY D 118 2.15 -46.54 27.49
CA GLY D 118 1.00 -46.67 28.37
C GLY D 118 -0.20 -47.40 27.82
N PRO D 119 -1.30 -47.36 28.59
CA PRO D 119 -2.52 -48.07 28.15
C PRO D 119 -3.13 -47.45 26.91
N ALA D 120 -3.42 -48.29 25.88
CA ALA D 120 -4.00 -47.85 24.61
C ALA D 120 -5.28 -47.05 24.81
N ALA D 121 -6.10 -47.48 25.77
CA ALA D 121 -7.32 -46.79 26.16
C ALA D 121 -7.38 -46.73 27.71
N THR D 122 -7.75 -45.55 28.24
CA THR D 122 -7.89 -45.32 29.68
C THR D 122 -9.18 -45.98 30.19
N THR D 123 -9.10 -46.77 31.28
CA THR D 123 -10.29 -47.40 31.85
C THR D 123 -11.20 -46.36 32.52
N LEU D 124 -12.47 -46.31 32.07
CA LEU D 124 -13.47 -45.37 32.56
C LEU D 124 -14.44 -46.09 33.51
N PRO D 125 -14.30 -45.85 34.82
CA PRO D 125 -15.16 -46.53 35.78
C PRO D 125 -16.60 -46.01 35.83
N ASP D 126 -16.83 -44.74 35.44
CA ASP D 126 -18.15 -44.12 35.52
C ASP D 126 -18.41 -43.05 34.40
N GLY D 127 -19.59 -42.41 34.44
CA GLY D 127 -19.98 -41.38 33.50
C GLY D 127 -19.24 -40.06 33.67
N ALA D 128 -18.66 -39.79 34.88
CA ALA D 128 -17.89 -38.55 35.14
C ALA D 128 -16.49 -38.63 34.52
N ALA D 129 -15.88 -39.82 34.58
CA ALA D 129 -14.58 -40.09 33.96
C ALA D 129 -14.72 -40.00 32.43
N ALA D 130 -15.84 -40.53 31.88
CA ALA D 130 -16.14 -40.48 30.44
C ALA D 130 -16.37 -39.04 29.93
N GLU D 131 -17.08 -38.19 30.70
CA GLU D 131 -17.31 -36.80 30.32
C GLU D 131 -16.04 -35.97 30.35
N SER D 132 -15.20 -36.21 31.38
CA SER D 132 -13.92 -35.52 31.53
C SER D 132 -12.99 -35.81 30.36
N LEU D 133 -13.04 -37.05 29.82
CA LEU D 133 -12.25 -37.49 28.66
C LEU D 133 -12.74 -36.78 27.37
N VAL D 134 -14.07 -36.76 27.15
CA VAL D 134 -14.67 -36.11 25.98
C VAL D 134 -14.44 -34.59 25.99
N GLU D 135 -14.47 -33.96 27.18
CA GLU D 135 -14.22 -32.52 27.31
C GLU D 135 -12.71 -32.15 27.14
N SER D 136 -11.80 -33.08 27.47
CA SER D 136 -10.34 -32.84 27.37
C SER D 136 -9.80 -32.64 25.94
N SER D 137 -10.54 -33.08 24.92
CA SER D 137 -10.10 -33.01 23.54
C SER D 137 -11.21 -32.60 22.57
N GLU D 138 -10.81 -32.10 21.40
CA GLU D 138 -11.77 -31.73 20.36
C GLU D 138 -12.45 -32.98 19.78
N VAL D 139 -11.71 -34.12 19.72
CA VAL D 139 -12.20 -35.44 19.31
C VAL D 139 -11.69 -36.46 20.38
N ALA D 140 -12.57 -37.36 20.86
CA ALA D 140 -12.27 -38.42 21.84
C ALA D 140 -13.01 -39.72 21.45
N VAL D 141 -12.41 -40.90 21.68
CA VAL D 141 -13.07 -42.18 21.31
C VAL D 141 -13.25 -43.08 22.53
N ILE D 142 -14.48 -43.64 22.73
CA ILE D 142 -14.79 -44.54 23.85
C ILE D 142 -15.33 -45.90 23.36
N GLY D 143 -14.72 -46.96 23.87
CA GLY D 143 -15.11 -48.34 23.60
C GLY D 143 -15.94 -48.86 24.75
N PHE D 144 -17.12 -49.37 24.44
CA PHE D 144 -18.09 -49.88 25.40
C PHE D 144 -18.12 -51.40 25.29
N PHE D 145 -17.41 -52.09 26.19
CA PHE D 145 -17.36 -53.55 26.18
C PHE D 145 -17.65 -54.11 27.57
N LYS D 146 -18.67 -54.97 27.70
CA LYS D 146 -19.00 -55.61 28.97
C LYS D 146 -17.82 -56.47 29.44
N ASP D 147 -17.11 -57.12 28.50
CA ASP D 147 -15.90 -57.88 28.78
C ASP D 147 -14.72 -57.18 28.04
N VAL D 148 -13.80 -56.59 28.83
CA VAL D 148 -12.59 -55.91 28.33
C VAL D 148 -11.58 -56.90 27.70
N GLU D 149 -11.72 -58.21 28.00
CA GLU D 149 -10.88 -59.27 27.43
C GLU D 149 -11.51 -59.93 26.18
N SER D 150 -12.71 -59.47 25.75
CA SER D 150 -13.39 -59.99 24.55
C SER D 150 -12.55 -59.68 23.30
N ASP D 151 -12.70 -60.48 22.24
CA ASP D 151 -11.94 -60.29 21.01
C ASP D 151 -12.25 -58.94 20.34
N SER D 152 -13.49 -58.44 20.47
CA SER D 152 -13.88 -57.13 19.95
C SER D 152 -13.17 -56.00 20.74
N ALA D 153 -13.06 -56.15 22.08
CA ALA D 153 -12.38 -55.19 22.96
C ALA D 153 -10.86 -55.15 22.66
N LYS D 154 -10.26 -56.29 22.31
CA LYS D 154 -8.84 -56.37 21.95
C LYS D 154 -8.57 -55.67 20.60
N GLN D 155 -9.48 -55.84 19.62
CA GLN D 155 -9.37 -55.18 18.32
C GLN D 155 -9.57 -53.66 18.45
N PHE D 156 -10.43 -53.23 19.38
CA PHE D 156 -10.59 -51.82 19.69
C PHE D 156 -9.28 -51.25 20.28
N LEU D 157 -8.65 -51.97 21.24
CA LEU D 157 -7.40 -51.54 21.88
C LEU D 157 -6.25 -51.47 20.87
N GLN D 158 -6.25 -52.36 19.85
CA GLN D 158 -5.25 -52.33 18.78
C GLN D 158 -5.42 -51.07 17.89
N ALA D 159 -6.68 -50.63 17.68
CA ALA D 159 -7.00 -49.41 16.93
C ALA D 159 -6.60 -48.17 17.77
N ALA D 160 -6.83 -48.23 19.11
CA ALA D 160 -6.47 -47.18 20.08
C ALA D 160 -4.95 -46.94 20.17
N GLU D 161 -4.14 -48.02 20.07
CA GLU D 161 -2.68 -47.86 20.13
C GLU D 161 -2.10 -47.30 18.81
N ALA D 162 -2.85 -47.40 17.69
CA ALA D 162 -2.43 -46.89 16.39
C ALA D 162 -2.71 -45.38 16.21
N ILE D 163 -3.55 -44.78 17.07
CA ILE D 163 -3.94 -43.35 17.02
C ILE D 163 -3.40 -42.56 18.24
N ASP D 164 -2.57 -41.55 17.99
CA ASP D 164 -2.00 -40.75 19.08
C ASP D 164 -2.69 -39.39 19.27
N ASP D 165 -3.27 -38.85 18.19
CA ASP D 165 -3.92 -37.53 18.25
C ASP D 165 -5.30 -37.52 18.92
N ILE D 166 -5.89 -38.70 19.14
CA ILE D 166 -7.20 -38.81 19.78
C ILE D 166 -7.07 -39.57 21.11
N PRO D 167 -7.54 -39.00 22.24
CA PRO D 167 -7.53 -39.75 23.51
C PRO D 167 -8.59 -40.88 23.52
N PHE D 168 -8.19 -42.07 23.97
CA PHE D 168 -9.10 -43.22 24.00
C PHE D 168 -9.51 -43.60 25.40
N GLY D 169 -10.72 -44.13 25.49
CA GLY D 169 -11.32 -44.62 26.74
C GLY D 169 -12.01 -45.96 26.55
N ILE D 170 -12.06 -46.79 27.61
CA ILE D 170 -12.73 -48.09 27.56
C ILE D 170 -13.56 -48.31 28.83
N THR D 171 -14.82 -48.75 28.68
CA THR D 171 -15.69 -48.96 29.83
C THR D 171 -16.52 -50.23 29.78
N SER D 172 -16.77 -50.81 30.96
CA SER D 172 -17.64 -51.97 31.18
C SER D 172 -18.89 -51.60 32.03
N ASN D 173 -18.99 -50.33 32.52
CA ASN D 173 -20.09 -49.86 33.34
C ASN D 173 -21.34 -49.57 32.52
N SER D 174 -22.43 -50.28 32.86
CA SER D 174 -23.75 -50.20 32.24
C SER D 174 -24.36 -48.78 32.22
N ASP D 175 -24.03 -47.91 33.22
CA ASP D 175 -24.51 -46.51 33.29
C ASP D 175 -23.94 -45.72 32.11
N VAL D 176 -22.64 -45.92 31.84
CA VAL D 176 -21.91 -45.26 30.78
C VAL D 176 -22.53 -45.66 29.43
N PHE D 177 -22.87 -46.95 29.26
CA PHE D 177 -23.54 -47.45 28.05
C PHE D 177 -24.89 -46.72 27.89
N SER D 178 -25.73 -46.79 28.92
CA SER D 178 -27.04 -46.20 28.95
C SER D 178 -27.09 -44.73 28.71
N LYS D 179 -25.96 -44.00 28.96
CA LYS D 179 -25.83 -42.54 28.82
C LYS D 179 -26.62 -41.98 27.62
N TYR D 180 -26.40 -42.54 26.43
CA TYR D 180 -27.23 -42.22 25.28
C TYR D 180 -27.29 -43.37 24.29
N GLN D 181 -28.42 -44.09 24.38
CA GLN D 181 -28.90 -45.13 23.49
C GLN D 181 -28.10 -46.45 23.44
N LEU D 182 -26.87 -46.58 24.01
CA LEU D 182 -26.13 -47.86 23.90
C LEU D 182 -26.70 -48.99 24.78
N ASP D 183 -27.22 -50.01 24.10
CA ASP D 183 -27.83 -51.20 24.69
C ASP D 183 -26.85 -52.38 24.78
N LYS D 184 -25.88 -52.44 23.83
CA LYS D 184 -24.88 -53.50 23.80
C LYS D 184 -23.46 -52.97 23.47
N ASP D 185 -22.48 -53.87 23.33
CA ASP D 185 -21.08 -53.54 23.03
C ASP D 185 -20.96 -52.75 21.71
N GLY D 186 -20.13 -51.72 21.73
CA GLY D 186 -19.93 -50.86 20.57
C GLY D 186 -18.89 -49.77 20.81
N VAL D 187 -18.59 -48.96 19.78
CA VAL D 187 -17.60 -47.88 19.90
C VAL D 187 -18.26 -46.55 19.52
N VAL D 188 -17.94 -45.48 20.27
CA VAL D 188 -18.48 -44.15 19.98
C VAL D 188 -17.37 -43.09 19.90
N LEU D 189 -17.37 -42.30 18.81
CA LEU D 189 -16.47 -41.17 18.61
C LEU D 189 -17.24 -39.91 19.01
N PHE D 190 -16.63 -39.07 19.83
CA PHE D 190 -17.19 -37.81 20.30
C PHE D 190 -16.39 -36.66 19.69
N LYS D 191 -17.06 -35.56 19.35
CA LYS D 191 -16.41 -34.39 18.74
C LYS D 191 -17.09 -33.08 19.16
N LYS D 192 -16.34 -31.96 19.21
CA LYS D 192 -16.90 -30.65 19.60
C LYS D 192 -17.43 -29.82 18.42
N PHE D 193 -17.72 -30.48 17.31
CA PHE D 193 -18.23 -29.86 16.10
C PHE D 193 -19.29 -30.75 15.41
N ASP D 194 -20.05 -30.15 14.48
CA ASP D 194 -21.06 -30.81 13.66
C ASP D 194 -22.10 -31.62 14.52
N GLU D 195 -22.29 -32.94 14.29
CA GLU D 195 -23.24 -33.79 15.02
C GLU D 195 -22.84 -34.08 16.46
N GLY D 196 -21.60 -33.75 16.83
CA GLY D 196 -21.07 -33.98 18.18
C GLY D 196 -20.73 -35.42 18.53
N ARG D 197 -21.28 -36.38 17.79
CA ARG D 197 -21.08 -37.79 18.09
C ARG D 197 -21.35 -38.67 16.87
N ASN D 198 -20.54 -39.72 16.70
CA ASN D 198 -20.68 -40.74 15.66
C ASN D 198 -20.59 -42.11 16.31
N ASN D 199 -21.55 -42.98 16.00
CA ASN D 199 -21.56 -44.33 16.54
C ASN D 199 -20.97 -45.28 15.52
N PHE D 200 -20.09 -46.21 15.94
CA PHE D 200 -19.49 -47.17 15.02
C PHE D 200 -20.50 -48.20 14.57
N GLU D 201 -20.57 -48.45 13.24
CA GLU D 201 -21.45 -49.43 12.59
C GLU D 201 -20.62 -50.51 11.86
N GLY D 202 -20.91 -51.79 12.13
CA GLY D 202 -20.23 -52.91 11.51
C GLY D 202 -19.52 -53.86 12.47
N GLU D 203 -18.68 -54.75 11.92
CA GLU D 203 -17.90 -55.71 12.70
C GLU D 203 -16.73 -55.01 13.37
N VAL D 204 -16.53 -55.25 14.68
CA VAL D 204 -15.45 -54.61 15.44
C VAL D 204 -14.06 -55.22 15.13
N THR D 205 -13.39 -54.68 14.10
CA THR D 205 -12.02 -55.06 13.70
C THR D 205 -11.13 -53.78 13.77
N LYS D 206 -9.79 -53.95 13.85
CA LYS D 206 -8.86 -52.81 13.90
C LYS D 206 -9.02 -51.94 12.64
N GLU D 207 -9.10 -52.59 11.46
CA GLU D 207 -9.24 -51.96 10.15
C GLU D 207 -10.55 -51.18 10.00
N ASN D 208 -11.69 -51.78 10.33
CA ASN D 208 -12.99 -51.12 10.23
C ASN D 208 -13.12 -49.91 11.16
N LEU D 209 -12.53 -49.99 12.37
CA LEU D 209 -12.53 -48.92 13.37
C LEU D 209 -11.70 -47.71 12.90
N LEU D 210 -10.47 -47.98 12.41
CA LEU D 210 -9.57 -46.95 11.93
C LEU D 210 -10.15 -46.22 10.70
N ASP D 211 -10.78 -46.95 9.78
CA ASP D 211 -11.41 -46.37 8.60
C ASP D 211 -12.61 -45.50 9.00
N PHE D 212 -13.40 -45.95 9.98
CA PHE D 212 -14.54 -45.17 10.48
C PHE D 212 -14.07 -43.87 11.17
N ILE D 213 -13.04 -43.98 12.04
CA ILE D 213 -12.49 -42.81 12.75
C ILE D 213 -11.88 -41.82 11.77
N LYS D 214 -11.07 -42.31 10.80
CA LYS D 214 -10.42 -41.46 9.76
C LYS D 214 -11.45 -40.62 8.97
N HIS D 215 -12.60 -41.24 8.63
CA HIS D 215 -13.69 -40.62 7.89
C HIS D 215 -14.45 -39.56 8.72
N ASN D 216 -14.60 -39.76 10.06
CA ASN D 216 -15.42 -38.91 10.93
C ASN D 216 -14.68 -38.03 11.99
N GLN D 217 -13.35 -38.03 11.98
CA GLN D 217 -12.56 -37.22 12.92
C GLN D 217 -12.36 -35.75 12.44
N LEU D 218 -12.71 -35.46 11.18
CA LEU D 218 -12.55 -34.12 10.63
C LEU D 218 -13.89 -33.42 10.39
N PRO D 219 -13.97 -32.11 10.70
CA PRO D 219 -15.19 -31.35 10.43
C PRO D 219 -15.45 -31.19 8.94
N LEU D 220 -16.70 -30.96 8.57
CA LEU D 220 -17.14 -30.91 7.18
C LEU D 220 -16.44 -29.85 6.32
N VAL D 221 -16.59 -28.57 6.68
CA VAL D 221 -16.02 -27.43 5.95
C VAL D 221 -15.23 -26.56 6.94
N ILE D 222 -13.93 -26.33 6.65
CA ILE D 222 -13.03 -25.62 7.55
C ILE D 222 -12.70 -24.24 7.07
N GLU D 223 -12.70 -23.26 7.98
CA GLU D 223 -12.29 -21.90 7.64
C GLU D 223 -10.78 -21.83 7.67
N PHE D 224 -10.17 -21.22 6.64
CA PHE D 224 -8.73 -21.10 6.61
C PHE D 224 -8.18 -19.93 7.45
N THR D 225 -7.54 -20.26 8.56
CA THR D 225 -6.89 -19.28 9.41
C THR D 225 -5.53 -19.84 9.82
N GLU D 226 -4.66 -19.00 10.41
CA GLU D 226 -3.38 -19.49 10.91
C GLU D 226 -3.58 -20.50 12.07
N GLN D 227 -4.75 -20.46 12.76
CA GLN D 227 -5.05 -21.38 13.85
C GLN D 227 -5.55 -22.76 13.37
N THR D 228 -6.25 -22.80 12.22
CA THR D 228 -6.80 -24.03 11.63
C THR D 228 -5.85 -24.71 10.63
N ALA D 229 -4.95 -23.93 9.97
CA ALA D 229 -3.97 -24.43 9.00
C ALA D 229 -3.16 -25.61 9.52
N PRO D 230 -2.54 -25.57 10.74
CA PRO D 230 -1.79 -26.75 11.22
C PRO D 230 -2.65 -28.02 11.36
N LYS D 231 -3.93 -27.87 11.72
CA LYS D 231 -4.82 -29.01 11.86
C LYS D 231 -5.20 -29.58 10.49
N ILE D 232 -5.39 -28.69 9.49
CA ILE D 232 -5.74 -29.06 8.10
C ILE D 232 -4.58 -29.78 7.39
N PHE D 233 -3.34 -29.35 7.65
CA PHE D 233 -2.19 -29.92 6.94
C PHE D 233 -1.33 -30.89 7.78
N GLY D 234 -1.60 -30.99 9.07
CA GLY D 234 -0.97 -31.97 9.95
C GLY D 234 -1.60 -33.35 9.80
N GLY D 235 -2.84 -33.40 9.33
CA GLY D 235 -3.56 -34.65 9.07
C GLY D 235 -3.40 -35.06 7.61
N GLU D 236 -3.17 -36.37 7.36
CA GLU D 236 -2.92 -36.85 6.00
C GLU D 236 -4.14 -36.75 5.11
N ILE D 237 -4.17 -35.69 4.35
CA ILE D 237 -5.18 -35.46 3.37
C ILE D 237 -4.44 -34.79 2.24
N LYS D 238 -4.22 -35.53 1.15
CA LYS D 238 -3.45 -35.00 0.03
C LYS D 238 -4.28 -34.15 -0.95
N THR D 239 -5.60 -34.33 -0.95
CA THR D 239 -6.46 -33.57 -1.85
C THR D 239 -7.29 -32.57 -1.10
N HIS D 240 -7.24 -31.31 -1.53
CA HIS D 240 -7.98 -30.25 -0.89
C HIS D 240 -8.81 -29.41 -1.86
N ILE D 241 -9.94 -28.87 -1.41
CA ILE D 241 -10.75 -27.98 -2.23
C ILE D 241 -11.00 -26.68 -1.47
N LEU D 242 -10.68 -25.55 -2.11
CA LEU D 242 -10.78 -24.20 -1.53
C LEU D 242 -11.83 -23.33 -2.17
N LEU D 243 -12.68 -22.74 -1.33
CA LEU D 243 -13.71 -21.79 -1.72
C LEU D 243 -13.33 -20.43 -1.20
N PHE D 244 -12.99 -19.51 -2.11
CA PHE D 244 -12.70 -18.13 -1.75
C PHE D 244 -14.03 -17.46 -1.71
N LEU D 245 -14.48 -17.10 -0.52
CA LEU D 245 -15.82 -16.53 -0.30
C LEU D 245 -15.73 -15.18 0.41
N PRO D 246 -15.93 -14.08 -0.34
CA PRO D 246 -15.89 -12.76 0.30
C PRO D 246 -17.03 -12.54 1.29
N LYS D 247 -16.76 -11.99 2.48
CA LYS D 247 -17.84 -11.68 3.43
C LYS D 247 -18.87 -10.68 2.86
N SER D 248 -18.45 -9.88 1.85
CA SER D 248 -19.29 -8.90 1.13
C SER D 248 -20.19 -9.52 0.05
N VAL D 249 -20.10 -10.84 -0.17
CA VAL D 249 -20.88 -11.52 -1.18
C VAL D 249 -22.34 -11.66 -0.77
N SER D 250 -23.26 -11.53 -1.74
CA SER D 250 -24.68 -11.68 -1.48
C SER D 250 -24.96 -13.16 -1.16
N ASP D 251 -25.82 -13.41 -0.15
CA ASP D 251 -26.21 -14.77 0.25
C ASP D 251 -25.00 -15.60 0.62
N TYR D 252 -24.17 -15.06 1.49
CA TYR D 252 -22.95 -15.70 1.98
C TYR D 252 -23.29 -17.08 2.61
N ASP D 253 -24.26 -17.11 3.53
CA ASP D 253 -24.69 -18.29 4.26
C ASP D 253 -25.21 -19.41 3.36
N GLY D 254 -25.97 -19.04 2.33
CA GLY D 254 -26.56 -19.97 1.36
C GLY D 254 -25.53 -20.62 0.46
N LYS D 255 -24.54 -19.83 0.01
CA LYS D 255 -23.44 -20.31 -0.82
C LYS D 255 -22.51 -21.22 -0.01
N LEU D 256 -22.29 -20.89 1.28
CA LEU D 256 -21.50 -21.69 2.23
C LEU D 256 -22.25 -23.02 2.55
N SER D 257 -23.58 -22.97 2.63
CA SER D 257 -24.38 -24.17 2.85
C SER D 257 -24.33 -25.09 1.63
N ASN D 258 -24.26 -24.54 0.38
CA ASN D 258 -24.13 -25.36 -0.84
C ASN D 258 -22.79 -26.11 -0.84
N PHE D 259 -21.71 -25.45 -0.37
CA PHE D 259 -20.39 -26.05 -0.27
C PHE D 259 -20.41 -27.17 0.78
N LYS D 260 -21.08 -26.93 1.94
CA LYS D 260 -21.23 -27.92 3.02
C LYS D 260 -21.99 -29.16 2.53
N THR D 261 -23.09 -28.95 1.78
CA THR D 261 -23.91 -30.04 1.22
C THR D 261 -23.10 -30.93 0.28
N ALA D 262 -22.23 -30.32 -0.54
CA ALA D 262 -21.37 -31.07 -1.46
C ALA D 262 -20.33 -31.88 -0.69
N ALA D 263 -19.75 -31.30 0.39
CA ALA D 263 -18.72 -31.91 1.24
C ALA D 263 -19.13 -33.23 1.90
N GLU D 264 -20.42 -33.41 2.18
CA GLU D 264 -20.93 -34.63 2.78
C GLU D 264 -20.63 -35.86 1.92
N SER D 265 -20.54 -35.69 0.59
CA SER D 265 -20.27 -36.79 -0.34
C SER D 265 -18.80 -37.22 -0.39
N PHE D 266 -17.87 -36.42 0.17
CA PHE D 266 -16.44 -36.69 0.05
C PHE D 266 -15.69 -36.76 1.38
N LYS D 267 -16.44 -36.87 2.51
CA LYS D 267 -15.87 -36.93 3.85
C LYS D 267 -14.82 -38.05 3.96
N GLY D 268 -13.59 -37.69 4.32
CA GLY D 268 -12.50 -38.65 4.41
C GLY D 268 -11.76 -38.91 3.11
N LYS D 269 -12.08 -38.16 2.04
CA LYS D 269 -11.39 -38.28 0.75
C LYS D 269 -10.85 -36.95 0.27
N ILE D 270 -11.69 -35.89 0.34
CA ILE D 270 -11.33 -34.51 -0.04
C ILE D 270 -11.69 -33.62 1.15
N LEU D 271 -10.76 -32.77 1.61
CA LEU D 271 -11.07 -31.85 2.70
C LEU D 271 -11.43 -30.49 2.16
N PHE D 272 -12.65 -30.05 2.52
CA PHE D 272 -13.31 -28.82 2.10
C PHE D 272 -12.94 -27.63 2.97
N ILE D 273 -12.39 -26.59 2.33
CA ILE D 273 -11.95 -25.38 3.02
C ILE D 273 -12.55 -24.14 2.40
N PHE D 274 -12.95 -23.16 3.21
CA PHE D 274 -13.38 -21.86 2.71
C PHE D 274 -12.47 -20.77 3.32
N ILE D 275 -12.34 -19.62 2.65
CA ILE D 275 -11.49 -18.52 3.12
C ILE D 275 -12.08 -17.14 2.76
N ASP D 276 -12.03 -16.16 3.68
CA ASP D 276 -12.53 -14.80 3.40
C ASP D 276 -11.57 -14.04 2.45
N SER D 277 -11.98 -13.85 1.20
CA SER D 277 -11.18 -13.16 0.20
C SER D 277 -11.14 -11.64 0.36
N ASP D 278 -11.99 -11.06 1.21
CA ASP D 278 -11.96 -9.61 1.45
C ASP D 278 -10.86 -9.25 2.46
N HIS D 279 -10.54 -10.16 3.40
CA HIS D 279 -9.55 -9.92 4.43
C HIS D 279 -8.14 -9.84 3.87
N THR D 280 -7.38 -8.83 4.32
CA THR D 280 -6.02 -8.57 3.90
C THR D 280 -5.05 -9.68 4.33
N ASP D 281 -5.30 -10.32 5.49
CA ASP D 281 -4.44 -11.42 5.97
C ASP D 281 -4.41 -12.62 4.99
N ASN D 282 -5.49 -12.80 4.26
CA ASN D 282 -5.62 -13.89 3.30
C ASN D 282 -5.16 -13.51 1.86
N GLN D 283 -4.47 -12.39 1.72
CA GLN D 283 -4.02 -11.91 0.43
C GLN D 283 -2.96 -12.76 -0.20
N ARG D 284 -2.00 -13.24 0.59
CA ARG D 284 -0.92 -14.06 0.04
C ARG D 284 -1.43 -15.33 -0.65
N ILE D 285 -2.49 -15.90 -0.10
CA ILE D 285 -3.09 -17.12 -0.61
C ILE D 285 -3.81 -16.80 -1.95
N LEU D 286 -4.52 -15.66 -2.03
CA LEU D 286 -5.17 -15.23 -3.25
C LEU D 286 -4.15 -14.98 -4.35
N GLU D 287 -3.03 -14.35 -3.98
CA GLU D 287 -1.94 -14.05 -4.89
C GLU D 287 -1.22 -15.33 -5.35
N PHE D 288 -1.12 -16.35 -4.47
CA PHE D 288 -0.50 -17.64 -4.80
C PHE D 288 -1.27 -18.35 -5.94
N PHE D 289 -2.60 -18.18 -5.97
CA PHE D 289 -3.42 -18.75 -7.04
C PHE D 289 -3.63 -17.86 -8.25
N GLY D 290 -3.08 -16.65 -8.23
CA GLY D 290 -3.21 -15.68 -9.31
C GLY D 290 -4.60 -15.08 -9.38
N LEU D 291 -5.23 -14.94 -8.21
CA LEU D 291 -6.58 -14.45 -8.14
C LEU D 291 -6.68 -13.07 -7.56
N LYS D 292 -7.63 -12.29 -8.09
CA LYS D 292 -7.98 -10.95 -7.63
C LYS D 292 -9.26 -11.04 -6.76
N LYS D 293 -9.51 -10.04 -5.91
CA LYS D 293 -10.71 -10.03 -5.07
C LYS D 293 -12.01 -9.93 -5.90
N GLU D 294 -11.93 -9.30 -7.08
CA GLU D 294 -13.06 -9.16 -8.01
C GLU D 294 -13.43 -10.46 -8.73
N GLU D 295 -12.49 -11.41 -8.80
CA GLU D 295 -12.69 -12.73 -9.39
C GLU D 295 -13.33 -13.74 -8.38
N CYS D 296 -13.48 -13.32 -7.11
CA CYS D 296 -14.09 -14.10 -6.02
C CYS D 296 -15.59 -13.84 -5.96
N PRO D 297 -16.38 -14.85 -5.60
CA PRO D 297 -16.00 -16.20 -5.16
C PRO D 297 -15.53 -17.15 -6.25
N ALA D 298 -14.54 -17.94 -5.88
CA ALA D 298 -13.96 -18.91 -6.78
C ALA D 298 -13.63 -20.21 -6.05
N VAL D 299 -13.55 -21.30 -6.79
CA VAL D 299 -13.22 -22.60 -6.23
C VAL D 299 -12.03 -23.22 -6.93
N ARG D 300 -11.10 -23.74 -6.14
CA ARG D 300 -9.92 -24.40 -6.68
C ARG D 300 -9.67 -25.69 -5.94
N LEU D 301 -9.11 -26.67 -6.62
CA LEU D 301 -8.79 -27.95 -6.01
C LEU D 301 -7.30 -28.21 -6.23
N ILE D 302 -6.64 -28.76 -5.20
CA ILE D 302 -5.21 -29.02 -5.24
C ILE D 302 -4.84 -30.43 -4.78
N THR D 303 -3.82 -30.99 -5.41
CA THR D 303 -3.26 -32.27 -4.99
C THR D 303 -1.87 -31.92 -4.45
N LEU D 304 -1.59 -32.30 -3.21
CA LEU D 304 -0.33 -31.94 -2.54
C LEU D 304 0.83 -32.90 -2.79
N GLU D 305 0.57 -34.01 -3.50
CA GLU D 305 1.56 -35.05 -3.77
C GLU D 305 2.72 -34.60 -4.65
N GLU D 306 3.84 -34.20 -4.00
CA GLU D 306 5.16 -33.78 -4.52
C GLU D 306 5.07 -32.54 -5.43
N GLU D 307 4.39 -32.66 -6.57
CA GLU D 307 4.13 -31.59 -7.51
C GLU D 307 2.71 -31.12 -7.24
N MET D 308 2.61 -29.99 -6.57
CA MET D 308 1.33 -29.42 -6.22
C MET D 308 0.58 -29.00 -7.51
N THR D 309 -0.46 -29.77 -7.89
CA THR D 309 -1.19 -29.50 -9.11
C THR D 309 -2.55 -28.93 -8.80
N LYS D 310 -2.91 -27.88 -9.51
CA LYS D 310 -4.16 -27.17 -9.32
C LYS D 310 -5.22 -27.53 -10.37
N TYR D 311 -6.48 -27.47 -9.98
CA TYR D 311 -7.62 -27.77 -10.82
C TYR D 311 -8.71 -26.74 -10.59
N LYS D 312 -9.47 -26.44 -11.62
CA LYS D 312 -10.54 -25.46 -11.54
C LYS D 312 -11.77 -26.01 -12.25
N PRO D 313 -12.98 -25.77 -11.71
CA PRO D 313 -14.20 -26.21 -12.42
C PRO D 313 -14.39 -25.53 -13.78
N GLU D 314 -15.00 -26.23 -14.74
CA GLU D 314 -15.28 -25.66 -16.06
C GLU D 314 -16.39 -24.58 -15.96
N SER D 315 -17.31 -24.73 -14.97
CA SER D 315 -18.43 -23.84 -14.68
C SER D 315 -18.21 -23.20 -13.32
N GLU D 316 -18.44 -21.88 -13.22
CA GLU D 316 -18.32 -21.20 -11.92
C GLU D 316 -19.71 -21.03 -11.26
N GLU D 317 -20.62 -22.00 -11.49
CA GLU D 317 -21.92 -22.04 -10.83
C GLU D 317 -21.62 -22.76 -9.55
N LEU D 318 -21.73 -22.06 -8.42
CA LEU D 318 -21.33 -22.63 -7.14
C LEU D 318 -22.51 -23.24 -6.35
N THR D 319 -23.21 -24.23 -6.97
CA THR D 319 -24.30 -25.01 -6.37
C THR D 319 -23.78 -26.34 -5.81
N ALA D 320 -24.50 -26.96 -4.84
CA ALA D 320 -24.09 -28.22 -4.25
C ALA D 320 -23.86 -29.34 -5.27
N GLU D 321 -24.68 -29.35 -6.35
CA GLU D 321 -24.58 -30.32 -7.44
C GLU D 321 -23.31 -30.13 -8.27
N ARG D 322 -23.01 -28.90 -8.69
CA ARG D 322 -21.83 -28.58 -9.50
C ARG D 322 -20.50 -28.81 -8.79
N ILE D 323 -20.47 -28.57 -7.46
CA ILE D 323 -19.28 -28.80 -6.63
C ILE D 323 -19.05 -30.33 -6.50
N THR D 324 -20.15 -31.08 -6.30
CA THR D 324 -20.13 -32.54 -6.22
C THR D 324 -19.70 -33.13 -7.57
N GLU D 325 -20.27 -32.66 -8.69
CA GLU D 325 -19.90 -33.16 -10.01
C GLU D 325 -18.46 -32.87 -10.37
N PHE D 326 -17.94 -31.68 -9.99
CA PHE D 326 -16.55 -31.31 -10.23
C PHE D 326 -15.60 -32.25 -9.46
N CYS D 327 -15.92 -32.55 -8.19
CA CYS D 327 -15.14 -33.44 -7.34
C CYS D 327 -15.11 -34.87 -7.88
N HIS D 328 -16.26 -35.34 -8.36
CA HIS D 328 -16.36 -36.68 -8.95
C HIS D 328 -15.52 -36.76 -10.24
N ARG D 329 -15.63 -35.75 -11.14
CA ARG D 329 -14.87 -35.72 -12.38
C ARG D 329 -13.37 -35.64 -12.15
N PHE D 330 -12.95 -34.96 -11.08
CA PHE D 330 -11.55 -34.89 -10.66
C PHE D 330 -11.10 -36.31 -10.28
N LEU D 331 -11.85 -36.99 -9.36
CA LEU D 331 -11.57 -38.35 -8.87
C LEU D 331 -11.56 -39.39 -9.98
N GLU D 332 -12.30 -39.14 -11.07
CA GLU D 332 -12.35 -39.99 -12.24
C GLU D 332 -11.25 -39.70 -13.28
N GLY D 333 -10.37 -38.73 -13.02
CA GLY D 333 -9.30 -38.33 -13.92
C GLY D 333 -9.78 -37.65 -15.19
N LYS D 334 -11.00 -37.07 -15.14
CA LYS D 334 -11.62 -36.41 -16.28
C LYS D 334 -11.34 -34.91 -16.37
N ILE D 335 -10.70 -34.32 -15.35
CA ILE D 335 -10.40 -32.90 -15.36
C ILE D 335 -8.90 -32.66 -15.55
N LYS D 336 -8.57 -31.79 -16.50
CA LYS D 336 -7.20 -31.45 -16.80
C LYS D 336 -6.65 -30.43 -15.80
N PRO D 337 -5.34 -30.50 -15.47
CA PRO D 337 -4.75 -29.51 -14.57
C PRO D 337 -4.86 -28.08 -15.10
N HIS D 338 -5.16 -27.16 -14.18
CA HIS D 338 -5.22 -25.74 -14.45
C HIS D 338 -3.81 -25.17 -14.28
N LEU D 339 -3.21 -24.75 -15.38
CA LEU D 339 -1.92 -24.09 -15.32
C LEU D 339 -2.30 -22.61 -15.43
N MET D 340 -1.99 -21.79 -14.40
CA MET D 340 -2.37 -20.36 -14.41
C MET D 340 -1.81 -19.66 -15.66
N SER D 341 -2.58 -18.73 -16.24
CA SER D 341 -2.11 -17.99 -17.40
C SER D 341 -2.84 -16.67 -17.47
N GLN D 342 -2.08 -15.62 -17.67
CA GLN D 342 -2.64 -14.29 -17.81
C GLN D 342 -3.20 -14.13 -19.21
N GLU D 343 -4.00 -13.07 -19.39
CA GLU D 343 -4.54 -12.71 -20.69
C GLU D 343 -3.40 -12.25 -21.56
N LEU D 344 -3.35 -12.74 -22.80
CA LEU D 344 -2.29 -12.39 -23.72
C LEU D 344 -2.43 -10.93 -24.13
N PRO D 345 -1.40 -10.10 -23.86
CA PRO D 345 -1.48 -8.68 -24.24
C PRO D 345 -1.58 -8.52 -25.74
N GLU D 346 -2.39 -7.56 -26.19
CA GLU D 346 -2.58 -7.27 -27.60
C GLU D 346 -1.23 -6.96 -28.31
N ASP D 347 -0.28 -6.39 -27.59
CA ASP D 347 1.03 -5.97 -28.10
C ASP D 347 2.18 -6.90 -27.71
N TRP D 348 1.87 -8.14 -27.32
CA TRP D 348 2.87 -9.08 -26.86
C TRP D 348 4.10 -9.23 -27.80
N ASP D 349 3.90 -9.13 -29.11
CA ASP D 349 4.96 -9.31 -30.12
C ASP D 349 5.46 -8.02 -30.77
N LYS D 350 4.91 -6.86 -30.35
CA LYS D 350 5.26 -5.58 -30.95
C LYS D 350 6.64 -5.09 -30.53
N GLN D 351 7.08 -5.47 -29.32
CA GLN D 351 8.37 -5.08 -28.74
C GLN D 351 9.50 -6.04 -29.13
N PRO D 352 10.78 -5.59 -29.06
CA PRO D 352 11.91 -6.51 -29.35
C PRO D 352 11.91 -7.75 -28.44
N VAL D 353 11.52 -7.55 -27.17
CA VAL D 353 11.36 -8.60 -26.17
C VAL D 353 9.88 -9.02 -26.21
N LYS D 354 9.63 -10.28 -26.62
CA LYS D 354 8.28 -10.81 -26.73
C LYS D 354 7.74 -11.15 -25.35
N VAL D 355 6.47 -10.84 -25.10
CA VAL D 355 5.84 -11.14 -23.83
C VAL D 355 5.10 -12.47 -23.91
N LEU D 356 5.41 -13.40 -23.00
CA LEU D 356 4.74 -14.68 -22.97
C LEU D 356 3.85 -14.80 -21.74
N VAL D 357 2.80 -15.60 -21.90
CA VAL D 357 1.83 -16.03 -20.90
C VAL D 357 1.65 -17.56 -21.09
N GLY D 358 1.02 -18.24 -20.13
CA GLY D 358 0.82 -19.68 -20.21
C GLY D 358 0.16 -20.15 -21.51
N LYS D 359 -0.79 -19.34 -22.02
CA LYS D 359 -1.56 -19.60 -23.25
C LYS D 359 -0.75 -19.65 -24.56
N ASN D 360 0.29 -18.81 -24.69
CA ASN D 360 1.09 -18.79 -25.92
C ASN D 360 2.52 -19.34 -25.75
N PHE D 361 2.92 -19.67 -24.52
CA PHE D 361 4.27 -20.15 -24.24
C PHE D 361 4.70 -21.30 -25.15
N GLU D 362 3.88 -22.35 -25.20
CA GLU D 362 4.14 -23.57 -25.95
C GLU D 362 4.40 -23.33 -27.43
N ASP D 363 3.50 -22.62 -28.14
CA ASP D 363 3.70 -22.42 -29.58
C ASP D 363 4.82 -21.42 -29.91
N VAL D 364 5.20 -20.56 -28.95
CA VAL D 364 6.28 -19.62 -29.19
C VAL D 364 7.65 -20.23 -28.87
N ALA D 365 7.83 -20.70 -27.62
CA ALA D 365 9.09 -21.27 -27.14
C ALA D 365 9.52 -22.54 -27.89
N PHE D 366 8.55 -23.37 -28.27
CA PHE D 366 8.84 -24.62 -28.97
C PHE D 366 8.65 -24.54 -30.49
N ASP D 367 8.86 -23.34 -31.05
CA ASP D 367 8.80 -23.17 -32.51
C ASP D 367 10.10 -23.75 -33.10
N GLU D 368 9.96 -24.84 -33.88
CA GLU D 368 11.02 -25.58 -34.57
C GLU D 368 11.95 -24.71 -35.43
N LYS D 369 11.45 -23.56 -35.88
CA LYS D 369 12.19 -22.62 -36.72
C LYS D 369 12.94 -21.54 -35.91
N LYS D 370 12.66 -21.42 -34.60
CA LYS D 370 13.21 -20.37 -33.76
C LYS D 370 14.04 -20.81 -32.56
N ASN D 371 15.10 -20.03 -32.27
CA ASN D 371 16.02 -20.14 -31.14
C ASN D 371 15.51 -19.12 -30.12
N VAL D 372 14.71 -19.58 -29.17
CA VAL D 372 14.05 -18.71 -28.21
C VAL D 372 14.74 -18.69 -26.87
N PHE D 373 15.06 -17.50 -26.35
CA PHE D 373 15.68 -17.33 -25.04
C PHE D 373 14.67 -16.63 -24.12
N VAL D 374 14.22 -17.35 -23.08
CA VAL D 374 13.18 -16.86 -22.20
C VAL D 374 13.65 -16.53 -20.79
N GLU D 375 13.24 -15.36 -20.31
CA GLU D 375 13.48 -14.93 -18.94
C GLU D 375 12.21 -15.20 -18.13
N PHE D 376 12.33 -15.99 -17.09
CA PHE D 376 11.22 -16.28 -16.19
C PHE D 376 11.49 -15.40 -14.98
N TYR D 377 10.64 -14.38 -14.76
CA TYR D 377 10.86 -13.38 -13.71
C TYR D 377 9.70 -13.20 -12.74
N ALA D 378 9.94 -12.44 -11.67
CA ALA D 378 8.94 -12.07 -10.69
C ALA D 378 8.94 -10.53 -10.61
N PRO D 379 7.77 -9.87 -10.69
CA PRO D 379 7.75 -8.40 -10.67
C PRO D 379 8.31 -7.75 -9.42
N TRP D 380 8.22 -8.41 -8.28
CA TRP D 380 8.70 -7.89 -6.99
C TRP D 380 10.17 -8.21 -6.68
N CYS D 381 10.81 -9.04 -7.52
CA CYS D 381 12.19 -9.48 -7.35
C CYS D 381 13.19 -8.43 -7.72
N GLY D 382 14.02 -8.07 -6.76
CA GLY D 382 15.05 -7.07 -6.95
C GLY D 382 16.04 -7.43 -8.02
N HIS D 383 16.47 -8.68 -8.03
CA HIS D 383 17.44 -9.14 -9.02
C HIS D 383 16.86 -9.24 -10.42
N CYS D 384 15.55 -9.44 -10.53
CA CYS D 384 14.90 -9.44 -11.83
C CYS D 384 14.82 -8.01 -12.36
N LYS D 385 14.50 -7.03 -11.48
CA LYS D 385 14.43 -5.62 -11.85
C LYS D 385 15.76 -5.14 -12.37
N GLN D 386 16.87 -5.58 -11.74
CA GLN D 386 18.22 -5.23 -12.17
C GLN D 386 18.61 -5.92 -13.49
N LEU D 387 18.04 -7.09 -13.79
CA LEU D 387 18.31 -7.79 -15.03
C LEU D 387 17.53 -7.20 -16.21
N ALA D 388 16.31 -6.73 -15.94
CA ALA D 388 15.42 -6.17 -16.97
C ALA D 388 16.09 -5.22 -18.00
N PRO D 389 16.89 -4.20 -17.62
CA PRO D 389 17.52 -3.35 -18.63
C PRO D 389 18.52 -4.09 -19.50
N ILE D 390 19.18 -5.13 -18.98
CA ILE D 390 20.12 -5.92 -19.76
C ILE D 390 19.37 -6.79 -20.76
N TRP D 391 18.22 -7.36 -20.33
CA TRP D 391 17.38 -8.19 -21.17
C TRP D 391 16.72 -7.39 -22.30
N ASP D 392 16.30 -6.15 -22.01
CA ASP D 392 15.74 -5.24 -23.00
C ASP D 392 16.80 -4.89 -24.07
N LYS D 393 18.06 -4.66 -23.63
CA LYS D 393 19.20 -4.37 -24.50
C LYS D 393 19.57 -5.59 -25.35
N LEU D 394 19.37 -6.80 -24.82
CA LEU D 394 19.60 -8.04 -25.56
C LEU D 394 18.52 -8.17 -26.63
N GLY D 395 17.26 -7.93 -26.27
CA GLY D 395 16.14 -7.96 -27.20
C GLY D 395 16.31 -6.98 -28.34
N GLU D 396 16.73 -5.74 -28.02
CA GLU D 396 17.00 -4.67 -28.98
C GLU D 396 18.17 -5.04 -29.94
N THR D 397 19.15 -5.83 -29.47
CA THR D 397 20.29 -6.28 -30.28
C THR D 397 19.87 -7.31 -31.33
N TYR D 398 19.04 -8.27 -30.94
CA TYR D 398 18.63 -9.35 -31.81
C TYR D 398 17.23 -9.18 -32.42
N LYS D 399 16.63 -7.98 -32.32
CA LYS D 399 15.26 -7.73 -32.79
C LYS D 399 15.00 -8.12 -34.23
N ASP D 400 15.99 -7.92 -35.10
CA ASP D 400 15.83 -8.25 -36.52
C ASP D 400 16.59 -9.51 -36.91
N HIS D 401 16.89 -10.38 -35.95
CA HIS D 401 17.57 -11.63 -36.21
C HIS D 401 16.58 -12.61 -36.82
N GLU D 402 17.03 -13.31 -37.86
CA GLU D 402 16.25 -14.26 -38.65
C GLU D 402 15.59 -15.37 -37.81
N ASN D 403 16.31 -15.90 -36.82
CA ASN D 403 15.81 -17.02 -36.02
C ASN D 403 15.92 -16.85 -34.50
N ILE D 404 16.51 -15.76 -33.99
CA ILE D 404 16.64 -15.60 -32.53
C ILE D 404 15.51 -14.75 -31.99
N VAL D 405 14.85 -15.26 -30.95
CA VAL D 405 13.75 -14.54 -30.31
C VAL D 405 14.06 -14.36 -28.82
N ILE D 406 14.00 -13.11 -28.33
CA ILE D 406 14.20 -12.83 -26.92
C ILE D 406 12.81 -12.64 -26.31
N ALA D 407 12.52 -13.36 -25.23
CA ALA D 407 11.21 -13.32 -24.62
C ALA D 407 11.25 -13.32 -23.08
N LYS D 408 10.13 -12.95 -22.43
CA LYS D 408 10.01 -12.95 -20.97
C LYS D 408 8.62 -13.38 -20.54
N MET D 409 8.52 -14.01 -19.37
CA MET D 409 7.27 -14.48 -18.80
C MET D 409 7.23 -14.23 -17.31
N ASP D 410 6.13 -13.62 -16.83
CA ASP D 410 5.93 -13.40 -15.39
C ASP D 410 5.55 -14.75 -14.79
N SER D 411 6.49 -15.41 -14.09
CA SER D 411 6.24 -16.73 -13.52
C SER D 411 5.45 -16.72 -12.22
N THR D 412 5.10 -15.54 -11.69
CA THR D 412 4.26 -15.46 -10.49
C THR D 412 2.78 -15.63 -10.86
N ALA D 413 2.40 -15.23 -12.09
CA ALA D 413 1.04 -15.29 -12.62
C ALA D 413 0.84 -16.25 -13.79
N ASN D 414 1.88 -16.99 -14.17
CA ASN D 414 1.80 -17.94 -15.27
C ASN D 414 2.53 -19.21 -14.90
N GLU D 415 1.88 -20.33 -15.15
CA GLU D 415 2.41 -21.67 -14.95
C GLU D 415 2.36 -22.42 -16.28
N VAL D 416 3.40 -23.20 -16.55
CA VAL D 416 3.46 -24.01 -17.76
C VAL D 416 3.99 -25.44 -17.42
N GLU D 417 3.48 -26.46 -18.09
CA GLU D 417 3.83 -27.85 -17.81
C GLU D 417 5.26 -28.18 -18.22
N ALA D 418 5.75 -27.58 -19.31
CA ALA D 418 7.08 -27.88 -19.83
C ALA D 418 8.20 -27.44 -18.90
N VAL D 419 8.11 -26.22 -18.35
CA VAL D 419 9.15 -25.66 -17.49
C VAL D 419 8.64 -25.34 -16.08
N LYS D 420 9.36 -25.77 -15.04
CA LYS D 420 8.98 -25.45 -13.68
C LYS D 420 10.08 -24.58 -13.11
N VAL D 421 9.71 -23.40 -12.60
CA VAL D 421 10.64 -22.39 -12.09
C VAL D 421 10.46 -22.20 -10.60
N HIS D 422 11.55 -22.24 -9.83
CA HIS D 422 11.45 -22.02 -8.39
C HIS D 422 12.41 -20.96 -7.83
N SER D 423 13.18 -20.33 -8.72
CA SER D 423 14.08 -19.23 -8.40
C SER D 423 13.90 -18.13 -9.45
N PHE D 424 14.19 -16.88 -9.10
CA PHE D 424 14.05 -15.78 -10.02
C PHE D 424 15.24 -14.88 -10.03
N PRO D 425 15.73 -14.51 -11.21
CA PRO D 425 15.31 -14.96 -12.54
C PRO D 425 15.89 -16.30 -12.96
N THR D 426 15.10 -17.06 -13.71
CA THR D 426 15.55 -18.32 -14.31
C THR D 426 15.58 -18.07 -15.82
N LEU D 427 16.68 -18.46 -16.47
CA LEU D 427 16.85 -18.24 -17.90
C LEU D 427 17.01 -19.56 -18.64
N LYS D 428 16.08 -19.85 -19.58
CA LYS D 428 16.14 -21.08 -20.35
C LYS D 428 16.08 -20.80 -21.84
N PHE D 429 16.88 -21.55 -22.60
CA PHE D 429 17.00 -21.42 -24.03
C PHE D 429 16.37 -22.63 -24.72
N PHE D 430 15.62 -22.36 -25.77
CA PHE D 430 14.91 -23.35 -26.54
C PHE D 430 15.41 -23.30 -28.00
N PRO D 431 16.43 -24.13 -28.35
CA PRO D 431 16.98 -24.10 -29.71
C PRO D 431 16.00 -24.57 -30.78
N ALA D 432 16.18 -24.05 -32.00
CA ALA D 432 15.36 -24.35 -33.16
C ALA D 432 15.33 -25.84 -33.49
N SER D 433 14.32 -26.53 -32.99
CA SER D 433 14.14 -27.97 -33.15
C SER D 433 12.71 -28.40 -32.78
N ALA D 434 12.30 -29.58 -33.29
CA ALA D 434 11.00 -30.16 -32.98
C ALA D 434 11.07 -31.24 -31.87
N ASP D 435 12.27 -31.51 -31.30
CA ASP D 435 12.45 -32.47 -30.21
C ASP D 435 12.44 -31.80 -28.81
N ARG D 436 11.88 -30.56 -28.72
CA ARG D 436 11.68 -29.79 -27.50
C ARG D 436 12.92 -29.60 -26.61
N THR D 437 14.09 -29.36 -27.23
CA THR D 437 15.35 -29.18 -26.51
C THR D 437 15.29 -27.98 -25.58
N VAL D 438 15.77 -28.11 -24.34
CA VAL D 438 15.84 -26.99 -23.39
C VAL D 438 17.23 -26.97 -22.78
N ILE D 439 17.88 -25.81 -22.82
CA ILE D 439 19.20 -25.61 -22.24
C ILE D 439 19.13 -24.51 -21.16
N ASP D 440 19.51 -24.87 -19.93
CA ASP D 440 19.49 -23.95 -18.79
C ASP D 440 20.71 -23.05 -18.85
N TYR D 441 20.50 -21.73 -18.66
CA TYR D 441 21.62 -20.78 -18.70
C TYR D 441 22.15 -20.55 -17.31
N ASN D 442 23.37 -21.02 -17.04
CA ASN D 442 23.97 -20.86 -15.72
C ASN D 442 25.17 -19.90 -15.69
N GLY D 443 25.30 -19.06 -16.70
CA GLY D 443 26.41 -18.11 -16.76
C GLY D 443 26.11 -16.77 -16.13
N GLU D 444 27.07 -15.83 -16.22
CA GLU D 444 26.94 -14.47 -15.71
C GLU D 444 25.84 -13.68 -16.43
N ARG D 445 25.03 -12.94 -15.67
CA ARG D 445 23.90 -12.15 -16.18
C ARG D 445 24.33 -10.83 -16.84
N THR D 446 25.21 -10.93 -17.82
CA THR D 446 25.73 -9.78 -18.55
C THR D 446 25.39 -9.90 -20.03
N LEU D 447 25.27 -8.76 -20.73
CA LEU D 447 25.00 -8.75 -22.17
C LEU D 447 26.09 -9.53 -22.94
N ASP D 448 27.33 -9.47 -22.46
CA ASP D 448 28.50 -10.17 -23.00
C ASP D 448 28.33 -11.70 -22.89
N GLY D 449 27.88 -12.17 -21.72
CA GLY D 449 27.65 -13.58 -21.44
C GLY D 449 26.55 -14.15 -22.30
N PHE D 450 25.46 -13.40 -22.44
CA PHE D 450 24.32 -13.82 -23.27
C PHE D 450 24.69 -13.95 -24.76
N LYS D 451 25.53 -13.04 -25.27
CA LYS D 451 25.96 -13.08 -26.68
C LYS D 451 26.78 -14.31 -26.96
N LYS D 452 27.78 -14.61 -26.11
CA LYS D 452 28.63 -15.79 -26.22
C LYS D 452 27.78 -17.07 -26.26
N PHE D 453 26.81 -17.15 -25.36
CA PHE D 453 25.89 -18.27 -25.22
C PHE D 453 25.04 -18.47 -26.46
N LEU D 454 24.37 -17.40 -26.96
CA LEU D 454 23.52 -17.46 -28.15
C LEU D 454 24.31 -17.82 -29.43
N GLU D 455 25.52 -17.23 -29.60
CA GLU D 455 26.39 -17.49 -30.75
C GLU D 455 26.74 -18.98 -30.81
N SER D 456 27.10 -19.57 -29.65
CA SER D 456 27.50 -20.97 -29.51
C SER D 456 26.38 -22.01 -29.55
N GLY D 457 25.13 -21.57 -29.61
CA GLY D 457 23.99 -22.47 -29.58
C GLY D 457 23.75 -23.09 -28.21
N GLY D 458 24.20 -22.40 -27.15
CA GLY D 458 24.03 -22.84 -25.77
C GLY D 458 25.16 -23.64 -25.16
N GLN D 459 26.31 -23.71 -25.84
CA GLN D 459 27.41 -24.52 -25.38
C GLN D 459 28.44 -23.75 -24.53
N ASP D 460 28.61 -22.44 -24.80
CA ASP D 460 29.56 -21.55 -24.11
C ASP D 460 28.83 -20.59 -23.15
N GLY D 461 28.74 -20.98 -21.89
CA GLY D 461 28.00 -20.23 -20.88
C GLY D 461 27.01 -21.12 -20.13
N ALA D 462 27.07 -22.45 -20.36
CA ALA D 462 26.24 -23.43 -19.68
C ALA D 462 27.05 -24.04 -18.53
S SO4 E . 10.22 -0.04 -7.58
O1 SO4 E . 10.18 0.97 -8.66
O2 SO4 E . 9.37 -1.22 -7.87
O3 SO4 E . 9.70 0.57 -6.33
O4 SO4 E . 11.61 -0.49 -7.40
S SO4 F . 7.61 6.25 8.68
O1 SO4 F . 7.33 7.03 7.42
O2 SO4 F . 8.17 4.93 8.32
O3 SO4 F . 8.56 6.97 9.59
O4 SO4 F . 6.34 5.99 9.37
#